data_1QIV
# 
_entry.id   1QIV 
# 
_audit_conform.dict_name       mmcif_pdbx.dic 
_audit_conform.dict_version    5.382 
_audit_conform.dict_location   http://mmcif.pdb.org/dictionaries/ascii/mmcif_pdbx.dic 
# 
loop_
_database_2.database_id 
_database_2.database_code 
_database_2.pdbx_database_accession 
_database_2.pdbx_DOI 
PDB   1QIV         pdb_00001qiv 10.2210/pdb1qiv/pdb 
PDBE  EBI-2823     ?            ?                   
WWPDB D_1290002823 ?            ?                   
# 
loop_
_pdbx_database_related.db_name 
_pdbx_database_related.db_id 
_pdbx_database_related.content_type 
_pdbx_database_related.details 
PDB 1LIN unspecified . 
PDB 1QIW unspecified . 
# 
_pdbx_database_status.status_code                     REL 
_pdbx_database_status.entry_id                        1QIV 
_pdbx_database_status.deposit_site                    PDBE 
_pdbx_database_status.process_site                    PDBE 
_pdbx_database_status.SG_entry                        . 
_pdbx_database_status.recvd_initial_deposition_date   1999-06-17 
_pdbx_database_status.pdb_format_compatible           Y 
_pdbx_database_status.status_code_sf                  REL 
_pdbx_database_status.status_code_mr                  ? 
_pdbx_database_status.status_code_cs                  ? 
_pdbx_database_status.methods_development_category    ? 
_pdbx_database_status.status_code_nmr_data            ? 
# 
loop_
_audit_author.name 
_audit_author.pdbx_ordinal 
'Harmat, V.'      1 
'Bocskei, Z.S.'   2 
'Vertessy, B.G.'  3 
'Naray-Szabo, G.' 4 
'Ovadi, J.'       5 
# 
loop_
_citation.id 
_citation.title 
_citation.journal_abbrev 
_citation.journal_volume 
_citation.page_first 
_citation.page_last 
_citation.year 
_citation.journal_id_ASTM 
_citation.country 
_citation.journal_id_ISSN 
_citation.journal_id_CSD 
_citation.book_publisher 
_citation.pdbx_database_id_PubMed 
_citation.pdbx_database_id_DOI 
primary 'A New Potent Calmodulin Antagonist with Arylalkylamine Structure: Crystallographic, Spectroscopic and Functional Studies' 
J.Mol.Biol.                        297 747   ? 2000 JMOBAK UK 0022-2836 0070 ? 10731425 10.1006/JMBI.2000.3607 
1       
'Simultaneous Binding of Drugs with Different Chemical Structures to Ca 2+ Calmodulin: Crystallographic and Spectroscopic Studies' 
Biochemistry                       37  15300 ? 1998 BICHAW US 0006-2960 0033 ? 9799490  10.1021/BI980795A 
2       'Crystallization and Preliminary Diffraction Analysis of Ca(2+)-Calmodulin-Drug and Apocalmodulin-Drug Complexes.' 
'Proteins: Struct.,Funct., Genet.' 28  131   ? 1997 PSFGEY US 0887-3585 0867 ? 9144798  
'10.1002/(SICI)1097-0134(199705)28:1<131::AID-PROT13>3.0.CO;2-K' 
3       'Trifluoperazine-Induced Conformational Change in Ca (2+)-Calmodulin' Nat.Struct.Biol.                   1   795   ? 1994 
NSBIEW US 1072-8368 2024 ? 7634090  10.1038/NSB1194-795                                              
4       'Drug Binding by Calmodulin: Crystal Structure of a Calmodulin-Trifluoperazine Complex' Biochemistry                       
33  15259 ? 1994 BICHAW US 0006-2960 0033 ? 7803388  10.1021/BI00255A006                                              
# 
loop_
_citation_author.citation_id 
_citation_author.name 
_citation_author.ordinal 
_citation_author.identifier_ORCID 
primary 'Harmat, V.'       1  ? 
primary 'Bocskei, Z.S.'    2  ? 
primary 'Naray-Szabo, G.'  3  ? 
primary 'Bata, I.'         4  ? 
primary 'Csutor, A.S.'     5  ? 
primary 'Hermecz, I.'      6  ? 
primary 'Aranyi, P.'       7  ? 
primary 'Szabo, B.'        8  ? 
primary 'Liliom, K.'       9  ? 
primary 'Vertessy, B.G.'   10 ? 
primary 'Ovadi, J.'        11 ? 
1       'Vertessy, B.G.'   12 ? 
1       'Harmat, V.'       13 ? 
1       'Bocskei, Z.S.'    14 ? 
1       'Naray-Szabo, G.'  15 ? 
1       'Orosz, F.'        16 ? 
1       'Ovadi, J.'        17 ? 
2       'Vertessy, B.G.'   18 ? 
2       'Bocskei, Z.S.'    19 ? 
2       'Harmath, V.'      20 ? 
2       'Naray-Szabo, G.'  21 ? 
2       'Ovadi, J.'        22 ? 
3       'Vandonselaar, M.' 23 ? 
3       'Hickie, R.A.'     24 ? 
3       'Quail, J.W.'      25 ? 
3       'Delbaere, L.T.J.' 26 ? 
4       'Cook, W.J.'       27 ? 
4       'Walter, L.J.'     28 ? 
4       'Walter, M.R.'     29 ? 
# 
_cell.entry_id           1QIV 
_cell.length_a           40.125 
_cell.length_b           40.125 
_cell.length_c           173.814 
_cell.angle_alpha        90.00 
_cell.angle_beta         90.00 
_cell.angle_gamma        120.00 
_cell.Z_PDB              6 
_cell.pdbx_unique_axis   ? 
# 
_symmetry.entry_id                         1QIV 
_symmetry.space_group_name_H-M             'P 32 2 1' 
_symmetry.pdbx_full_space_group_name_H-M   ? 
_symmetry.cell_setting                     ? 
_symmetry.Int_Tables_number                154 
# 
loop_
_entity.id 
_entity.type 
_entity.src_method 
_entity.pdbx_description 
_entity.formula_weight 
_entity.pdbx_number_of_molecules 
_entity.pdbx_ec 
_entity.pdbx_mutation 
_entity.pdbx_fragment 
_entity.details 
1 polymer     nat CALMODULIN                                                                         16721.350 1 ? ? ? ? 
2 non-polymer syn 'CALCIUM ION'                                                                      40.078    4 ? ? ? ? 
3 non-polymer syn 
;N-(3,3,-DIPHENYLPROPYL)-N'-[1-R-(2 3,4-BIS-BUTOXYPHENYL)-ETHYL]-PROPYLENEDIAMINE
;
516.757   2 ? ? ? ? 
# 
_entity_poly.entity_id                      1 
_entity_poly.type                           'polypeptide(L)' 
_entity_poly.nstd_linkage                   no 
_entity_poly.nstd_monomer                   no 
_entity_poly.pdbx_seq_one_letter_code       
;ADQLTEEQIAEFKEAFSLFDKDGDGTITTKELGTVMRSLGQNPTEAELQDMINEVDADGNGTIDFPEFLTMMARKMKDTD
SEEEIREAFRVFDKDGNGYISAAELRHVMTNLGEKLTDEEVDEMIREADIDGDGQVNYEEFVQMMTAK
;
_entity_poly.pdbx_seq_one_letter_code_can   
;ADQLTEEQIAEFKEAFSLFDKDGDGTITTKELGTVMRSLGQNPTEAELQDMINEVDADGNGTIDFPEFLTMMARKMKDTD
SEEEIREAFRVFDKDGNGYISAAELRHVMTNLGEKLTDEEVDEMIREADIDGDGQVNYEEFVQMMTAK
;
_entity_poly.pdbx_strand_id                 A 
_entity_poly.pdbx_target_identifier         ? 
# 
loop_
_entity_poly_seq.entity_id 
_entity_poly_seq.num 
_entity_poly_seq.mon_id 
_entity_poly_seq.hetero 
1 1   ALA n 
1 2   ASP n 
1 3   GLN n 
1 4   LEU n 
1 5   THR n 
1 6   GLU n 
1 7   GLU n 
1 8   GLN n 
1 9   ILE n 
1 10  ALA n 
1 11  GLU n 
1 12  PHE n 
1 13  LYS n 
1 14  GLU n 
1 15  ALA n 
1 16  PHE n 
1 17  SER n 
1 18  LEU n 
1 19  PHE n 
1 20  ASP n 
1 21  LYS n 
1 22  ASP n 
1 23  GLY n 
1 24  ASP n 
1 25  GLY n 
1 26  THR n 
1 27  ILE n 
1 28  THR n 
1 29  THR n 
1 30  LYS n 
1 31  GLU n 
1 32  LEU n 
1 33  GLY n 
1 34  THR n 
1 35  VAL n 
1 36  MET n 
1 37  ARG n 
1 38  SER n 
1 39  LEU n 
1 40  GLY n 
1 41  GLN n 
1 42  ASN n 
1 43  PRO n 
1 44  THR n 
1 45  GLU n 
1 46  ALA n 
1 47  GLU n 
1 48  LEU n 
1 49  GLN n 
1 50  ASP n 
1 51  MET n 
1 52  ILE n 
1 53  ASN n 
1 54  GLU n 
1 55  VAL n 
1 56  ASP n 
1 57  ALA n 
1 58  ASP n 
1 59  GLY n 
1 60  ASN n 
1 61  GLY n 
1 62  THR n 
1 63  ILE n 
1 64  ASP n 
1 65  PHE n 
1 66  PRO n 
1 67  GLU n 
1 68  PHE n 
1 69  LEU n 
1 70  THR n 
1 71  MET n 
1 72  MET n 
1 73  ALA n 
1 74  ARG n 
1 75  LYS n 
1 76  MET n 
1 77  LYS n 
1 78  ASP n 
1 79  THR n 
1 80  ASP n 
1 81  SER n 
1 82  GLU n 
1 83  GLU n 
1 84  GLU n 
1 85  ILE n 
1 86  ARG n 
1 87  GLU n 
1 88  ALA n 
1 89  PHE n 
1 90  ARG n 
1 91  VAL n 
1 92  PHE n 
1 93  ASP n 
1 94  LYS n 
1 95  ASP n 
1 96  GLY n 
1 97  ASN n 
1 98  GLY n 
1 99  TYR n 
1 100 ILE n 
1 101 SER n 
1 102 ALA n 
1 103 ALA n 
1 104 GLU n 
1 105 LEU n 
1 106 ARG n 
1 107 HIS n 
1 108 VAL n 
1 109 MET n 
1 110 THR n 
1 111 ASN n 
1 112 LEU n 
1 113 GLY n 
1 114 GLU n 
1 115 LYS n 
1 116 LEU n 
1 117 THR n 
1 118 ASP n 
1 119 GLU n 
1 120 GLU n 
1 121 VAL n 
1 122 ASP n 
1 123 GLU n 
1 124 MET n 
1 125 ILE n 
1 126 ARG n 
1 127 GLU n 
1 128 ALA n 
1 129 ASP n 
1 130 ILE n 
1 131 ASP n 
1 132 GLY n 
1 133 ASP n 
1 134 GLY n 
1 135 GLN n 
1 136 VAL n 
1 137 ASN n 
1 138 TYR n 
1 139 GLU n 
1 140 GLU n 
1 141 PHE n 
1 142 VAL n 
1 143 GLN n 
1 144 MET n 
1 145 MET n 
1 146 THR n 
1 147 ALA n 
1 148 LYS n 
# 
_entity_src_nat.entity_id                  1 
_entity_src_nat.pdbx_src_id                1 
_entity_src_nat.pdbx_alt_source_flag       sample 
_entity_src_nat.pdbx_beg_seq_num           ? 
_entity_src_nat.pdbx_end_seq_num           ? 
_entity_src_nat.common_name                BOVINE 
_entity_src_nat.pdbx_organism_scientific   'BOS TAURUS' 
_entity_src_nat.pdbx_ncbi_taxonomy_id      9913 
_entity_src_nat.genus                      ? 
_entity_src_nat.species                    ? 
_entity_src_nat.strain                     ? 
_entity_src_nat.tissue                     ? 
_entity_src_nat.tissue_fraction            ? 
_entity_src_nat.pdbx_secretion             ? 
_entity_src_nat.pdbx_fragment              ? 
_entity_src_nat.pdbx_variant               ? 
_entity_src_nat.pdbx_cell_line             ? 
_entity_src_nat.pdbx_atcc                  ? 
_entity_src_nat.pdbx_cellular_location     CYTOPLASM 
_entity_src_nat.pdbx_organ                 BRAIN 
_entity_src_nat.pdbx_organelle             ? 
_entity_src_nat.pdbx_cell                  ? 
_entity_src_nat.pdbx_plasmid_name          ? 
_entity_src_nat.pdbx_plasmid_details       ? 
_entity_src_nat.details                    ? 
# 
_struct_ref.id                         1 
_struct_ref.db_name                    UNP 
_struct_ref.db_code                    CALM_HUMAN 
_struct_ref.entity_id                  1 
_struct_ref.pdbx_seq_one_letter_code   ? 
_struct_ref.pdbx_align_begin           ? 
_struct_ref.pdbx_db_accession          P02593 
_struct_ref.pdbx_db_isoform            ? 
# 
_struct_ref_seq.align_id                      1 
_struct_ref_seq.ref_id                        1 
_struct_ref_seq.pdbx_PDB_id_code              1QIV 
_struct_ref_seq.pdbx_strand_id                A 
_struct_ref_seq.seq_align_beg                 1 
_struct_ref_seq.pdbx_seq_align_beg_ins_code   ? 
_struct_ref_seq.seq_align_end                 148 
_struct_ref_seq.pdbx_seq_align_end_ins_code   ? 
_struct_ref_seq.pdbx_db_accession             P02593 
_struct_ref_seq.db_align_beg                  1 
_struct_ref_seq.pdbx_db_align_beg_ins_code    ? 
_struct_ref_seq.db_align_end                  148 
_struct_ref_seq.pdbx_db_align_end_ins_code    ? 
_struct_ref_seq.pdbx_auth_seq_align_beg       1 
_struct_ref_seq.pdbx_auth_seq_align_end       148 
# 
loop_
_chem_comp.id 
_chem_comp.type 
_chem_comp.mon_nstd_flag 
_chem_comp.name 
_chem_comp.pdbx_synonyms 
_chem_comp.formula 
_chem_comp.formula_weight 
ALA 'L-peptide linking' y ALANINE                                                                            ? 'C3 H7 N O2'     
89.093  
ARG 'L-peptide linking' y ARGININE                                                                           ? 'C6 H15 N4 O2 1' 
175.209 
ASN 'L-peptide linking' y ASPARAGINE                                                                         ? 'C4 H8 N2 O3'    
132.118 
ASP 'L-peptide linking' y 'ASPARTIC ACID'                                                                    ? 'C4 H7 N O4'     
133.103 
CA  non-polymer         . 'CALCIUM ION'                                                                      ? 'Ca 2'           
40.078  
DPD non-polymer         . 
;N-(3,3,-DIPHENYLPROPYL)-N'-[1-R-(2 3,4-BIS-BUTOXYPHENYL)-ETHYL]-PROPYLENEDIAMINE
;
? 'C34 H48 N2 O2'  516.757 
GLN 'L-peptide linking' y GLUTAMINE                                                                          ? 'C5 H10 N2 O3'   
146.144 
GLU 'L-peptide linking' y 'GLUTAMIC ACID'                                                                    ? 'C5 H9 N O4'     
147.129 
GLY 'peptide linking'   y GLYCINE                                                                            ? 'C2 H5 N O2'     
75.067  
HIS 'L-peptide linking' y HISTIDINE                                                                          ? 'C6 H10 N3 O2 1' 
156.162 
ILE 'L-peptide linking' y ISOLEUCINE                                                                         ? 'C6 H13 N O2'    
131.173 
LEU 'L-peptide linking' y LEUCINE                                                                            ? 'C6 H13 N O2'    
131.173 
LYS 'L-peptide linking' y LYSINE                                                                             ? 'C6 H15 N2 O2 1' 
147.195 
MET 'L-peptide linking' y METHIONINE                                                                         ? 'C5 H11 N O2 S'  
149.211 
PHE 'L-peptide linking' y PHENYLALANINE                                                                      ? 'C9 H11 N O2'    
165.189 
PRO 'L-peptide linking' y PROLINE                                                                            ? 'C5 H9 N O2'     
115.130 
SER 'L-peptide linking' y SERINE                                                                             ? 'C3 H7 N O3'     
105.093 
THR 'L-peptide linking' y THREONINE                                                                          ? 'C4 H9 N O3'     
119.119 
TYR 'L-peptide linking' y TYROSINE                                                                           ? 'C9 H11 N O3'    
181.189 
VAL 'L-peptide linking' y VALINE                                                                             ? 'C5 H11 N O2'    
117.146 
# 
_exptl.entry_id          1QIV 
_exptl.method            'X-RAY DIFFRACTION' 
_exptl.crystals_number   1 
# 
_exptl_crystal.id                    1 
_exptl_crystal.density_meas          ? 
_exptl_crystal.density_Matthews      2.5 
_exptl_crystal.density_percent_sol   52 
_exptl_crystal.description           ? 
# 
_exptl_crystal_grow.crystal_id      1 
_exptl_crystal_grow.method          'VAPOR DIFFUSION, HANGING DROP' 
_exptl_crystal_grow.temp            ? 
_exptl_crystal_grow.temp_details    ? 
_exptl_crystal_grow.pH              5.00 
_exptl_crystal_grow.pdbx_pH_range   ? 
_exptl_crystal_grow.pdbx_details    
;PROTEIN WAS CRYSTALLIZED BY HANGING DROP TECHNIQUE AT ROOM TEMPERATURE FROM 50 MM PH=5.0 SODIUM CACODYLATE/HCL BUFFER, 10 MM MGCL2, 10 MM CACL2, 2MM DPD AND 28% PEG 8000. CRYSTAL GROWTH TOOK 2-3 WEEKS., pH 5.00
;
# 
_diffrn.id                     1 
_diffrn.ambient_temp           93.0 
_diffrn.ambient_temp_details   ? 
_diffrn.crystal_id             1 
# 
_diffrn_detector.diffrn_id              1 
_diffrn_detector.detector               'IMAGE PLATE' 
_diffrn_detector.type                   MARRESEARCH 
_diffrn_detector.pdbx_collection_date   1997-08-15 
_diffrn_detector.details                'NORMAL FOCUS' 
# 
_diffrn_radiation.diffrn_id                        1 
_diffrn_radiation.wavelength_id                    1 
_diffrn_radiation.pdbx_monochromatic_or_laue_m_l   M 
_diffrn_radiation.monochromator                    'GRAPHITE(002)' 
_diffrn_radiation.pdbx_diffrn_protocol             'SINGLE WAVELENGTH' 
_diffrn_radiation.pdbx_scattering_type             x-ray 
# 
_diffrn_radiation_wavelength.id           1 
_diffrn_radiation_wavelength.wavelength   1.5418 
_diffrn_radiation_wavelength.wt           1.0 
# 
_diffrn_source.diffrn_id                   1 
_diffrn_source.source                      'ROTATING ANODE' 
_diffrn_source.type                        'RIGAKU RUH2R' 
_diffrn_source.pdbx_synchrotron_site       ? 
_diffrn_source.pdbx_synchrotron_beamline   ? 
_diffrn_source.pdbx_wavelength             1.5418 
_diffrn_source.pdbx_wavelength_list        ? 
# 
_reflns.pdbx_diffrn_id               1 
_reflns.pdbx_ordinal                 1 
_reflns.entry_id                     1QIV 
_reflns.observed_criterion_sigma_I   0.000 
_reflns.observed_criterion_sigma_F   ? 
_reflns.d_resolution_low             24.580 
_reflns.d_resolution_high            2.630 
_reflns.number_obs                   4969 
_reflns.number_all                   ? 
_reflns.percent_possible_obs         92.7 
_reflns.pdbx_Rmerge_I_obs            0.05800 
_reflns.pdbx_Rsym_value              ? 
_reflns.pdbx_netI_over_sigmaI        20.6000 
_reflns.B_iso_Wilson_estimate        28.4 
_reflns.pdbx_redundancy              4.300 
# 
_reflns_shell.pdbx_diffrn_id         1 
_reflns_shell.pdbx_ordinal           1 
_reflns_shell.d_res_high             2.63 
_reflns_shell.d_res_low              2.72 
_reflns_shell.percent_possible_all   76.2 
_reflns_shell.Rmerge_I_obs           0.12300 
_reflns_shell.pdbx_Rsym_value        ? 
_reflns_shell.meanI_over_sigI_obs    9.000 
_reflns_shell.pdbx_redundancy        2.30 
# 
_refine.pdbx_refine_id                           'X-RAY DIFFRACTION' 
_refine.entry_id                                 1QIV 
_refine.pdbx_diffrn_id                           1 
_refine.pdbx_TLS_residual_ADP_flag               ? 
_refine.ls_number_reflns_obs                     4965 
_refine.ls_number_reflns_all                     ? 
_refine.pdbx_ls_sigma_I                          ? 
_refine.pdbx_ls_sigma_F                          0 
_refine.pdbx_data_cutoff_high_absF               1000000 
_refine.pdbx_data_cutoff_low_absF                0.001 
_refine.pdbx_data_cutoff_high_rms_absF           ? 
_refine.ls_d_res_low                             24.58 
_refine.ls_d_res_high                            2.64 
_refine.ls_percent_reflns_obs                    94.3 
_refine.ls_R_factor_obs                          0.207 
_refine.ls_R_factor_all                          ? 
_refine.ls_R_factor_R_work                       0.207 
_refine.ls_R_factor_R_free                       0.301 
_refine.ls_R_factor_R_free_error                 0.010 
_refine.ls_R_factor_R_free_error_details         ? 
_refine.ls_percent_reflns_R_free                 5.1 
_refine.ls_number_reflns_R_free                  259 
_refine.ls_number_parameters                     ? 
_refine.ls_number_restraints                     ? 
_refine.occupancy_min                            ? 
_refine.occupancy_max                            ? 
_refine.correlation_coeff_Fo_to_Fc               ? 
_refine.correlation_coeff_Fo_to_Fc_free          ? 
_refine.B_iso_mean                               28.0 
_refine.aniso_B[1][1]                            -0.676 
_refine.aniso_B[2][2]                            -0.676 
_refine.aniso_B[3][3]                            -2.985 
_refine.aniso_B[1][2]                            -1.466 
_refine.aniso_B[1][3]                            0.000 
_refine.aniso_B[2][3]                            0.000 
_refine.solvent_model_details                    ? 
_refine.solvent_model_param_ksol                 ? 
_refine.solvent_model_param_bsol                 ? 
_refine.pdbx_solvent_vdw_probe_radii             ? 
_refine.pdbx_solvent_ion_probe_radii             ? 
_refine.pdbx_solvent_shrinkage_radii             ? 
_refine.pdbx_ls_cross_valid_method               THROUGHOUT 
_refine.details                                  
;DISORDERED SIDE CHAIN ATOMS OF RESIDUES ARG 74 - THR 79 AND SER 81 OF THE CENTRAL REGION, GLU 6, GLU 83, TRIMETHYL-LYSINE 115, GLU 123 AND GLU 127 ARE NOT SEEN IN THE CRYSTAL STRUCTURE, AS WELL AS THE N-TERMINAL ALA 1, ASP 2 AND C-TERMINAL ALA 147, LYS 148 RESIDUES. TEMPERATURE FACTORS FOR THE ATOMS IN RESIDUES 75 - 81 ARE UNUSUALLY HIGH, INDICATING FLEXIBILITY IN THIS REGION. THE C-TERMINAL RESIDUES WERE NOT SEEN IN THE DENSITY MAPS
;
_refine.pdbx_starting_model                      'PDB ENTRY 1LIN' 
_refine.pdbx_method_to_determine_struct          'MOLECULAR REPLACEMENT' 
_refine.pdbx_isotropic_thermal_model             GROUP 
_refine.pdbx_stereochemistry_target_values       ? 
_refine.pdbx_stereochem_target_val_spec_case     ? 
_refine.pdbx_R_Free_selection_details            RANDOM 
_refine.pdbx_overall_ESU_R                       ? 
_refine.pdbx_overall_ESU_R_Free                  ? 
_refine.overall_SU_ML                            ? 
_refine.pdbx_overall_phase_error                 ? 
_refine.overall_SU_B                             ? 
_refine.overall_SU_R_Cruickshank_DPI             ? 
_refine.pdbx_overall_SU_R_free_Cruickshank_DPI   ? 
_refine.pdbx_overall_SU_R_Blow_DPI               ? 
_refine.pdbx_overall_SU_R_free_Blow_DPI          ? 
# 
_refine_analyze.pdbx_refine_id                  'X-RAY DIFFRACTION' 
_refine_analyze.entry_id                        1QIV 
_refine_analyze.Luzzati_coordinate_error_obs    0.290 
_refine_analyze.Luzzati_sigma_a_obs             0.246 
_refine_analyze.Luzzati_d_res_low_obs           2.74 
_refine_analyze.Luzzati_coordinate_error_free   0.431 
_refine_analyze.Luzzati_sigma_a_free            0.526 
_refine_analyze.Luzzati_d_res_low_free          ? 
_refine_analyze.number_disordered_residues      ? 
_refine_analyze.occupancy_sum_hydrogen          ? 
_refine_analyze.occupancy_sum_non_hydrogen      ? 
# 
_refine_hist.pdbx_refine_id                   'X-RAY DIFFRACTION' 
_refine_hist.cycle_id                         LAST 
_refine_hist.pdbx_number_atoms_protein        1096 
_refine_hist.pdbx_number_atoms_nucleic_acid   0 
_refine_hist.pdbx_number_atoms_ligand         80 
_refine_hist.number_atoms_solvent             0 
_refine_hist.number_atoms_total               1176 
_refine_hist.d_res_high                       2.64 
_refine_hist.d_res_low                        24.58 
# 
loop_
_refine_ls_restr.type 
_refine_ls_restr.dev_ideal 
_refine_ls_restr.dev_ideal_target 
_refine_ls_restr.weight 
_refine_ls_restr.number 
_refine_ls_restr.pdbx_refine_id 
_refine_ls_restr.pdbx_restraint_function 
x_bond_d                0.006  ? ? ? 'X-RAY DIFFRACTION' ? 
x_bond_d_na             ?      ? ? ? 'X-RAY DIFFRACTION' ? 
x_bond_d_prot           ?      ? ? ? 'X-RAY DIFFRACTION' ? 
x_angle_d               ?      ? ? ? 'X-RAY DIFFRACTION' ? 
x_angle_d_na            ?      ? ? ? 'X-RAY DIFFRACTION' ? 
x_angle_d_prot          ?      ? ? ? 'X-RAY DIFFRACTION' ? 
x_angle_deg             1.358  ? ? ? 'X-RAY DIFFRACTION' ? 
x_angle_deg_na          ?      ? ? ? 'X-RAY DIFFRACTION' ? 
x_angle_deg_prot        ?      ? ? ? 'X-RAY DIFFRACTION' ? 
x_dihedral_angle_d      24.234 ? ? ? 'X-RAY DIFFRACTION' ? 
x_dihedral_angle_d_na   ?      ? ? ? 'X-RAY DIFFRACTION' ? 
x_dihedral_angle_d_prot ?      ? ? ? 'X-RAY DIFFRACTION' ? 
x_improper_angle_d      0.566  ? ? ? 'X-RAY DIFFRACTION' ? 
x_improper_angle_d_na   ?      ? ? ? 'X-RAY DIFFRACTION' ? 
x_improper_angle_d_prot ?      ? ? ? 'X-RAY DIFFRACTION' ? 
x_mcbond_it             ?      ? ? ? 'X-RAY DIFFRACTION' ? 
x_mcangle_it            ?      ? ? ? 'X-RAY DIFFRACTION' ? 
x_scbond_it             ?      ? ? ? 'X-RAY DIFFRACTION' ? 
x_scangle_it            ?      ? ? ? 'X-RAY DIFFRACTION' ? 
# 
_refine_ls_shell.pdbx_refine_id                   'X-RAY DIFFRACTION' 
_refine_ls_shell.pdbx_total_number_of_bins_used   8 
_refine_ls_shell.d_res_high                       2.64 
_refine_ls_shell.d_res_low                        2.76 
_refine_ls_shell.number_reflns_R_work             473 
_refine_ls_shell.R_factor_R_work                  0.228 
_refine_ls_shell.percent_reflns_obs               85.3 
_refine_ls_shell.R_factor_R_free                  0.445 
_refine_ls_shell.R_factor_R_free_error            0.085 
_refine_ls_shell.percent_reflns_R_free            5.2 
_refine_ls_shell.number_reflns_R_free             30 
_refine_ls_shell.number_reflns_all                ? 
_refine_ls_shell.R_factor_all                     ? 
# 
loop_
_pdbx_xplor_file.pdbx_refine_id 
_pdbx_xplor_file.serial_no 
_pdbx_xplor_file.param_file 
_pdbx_xplor_file.topol_file 
'X-RAY DIFFRACTION' 1 PROTEIN_REP.PARAM TOPHCSDX.PRO 
'X-RAY DIFFRACTION' 2 CA.PAR            CA.TOP       
'X-RAY DIFFRACTION' 3 AAA.PAR           AAA.TOP      
# 
_struct.entry_id                  1QIV 
_struct.title                     
;CALMODULIN COMPLEXED WITH N-(3,3,-DIPHENYLPROPYL)-N'-[1-R-(3,4-BIS-BUTOXYPHENYL)-ETHYL]-PROPYLENEDIAMINE (DPD), 1:2 COMPLEX
;
_struct.pdbx_model_details        ? 
_struct.pdbx_CASP_flag            ? 
_struct.pdbx_model_type_details   ? 
# 
_struct_keywords.entry_id        1QIV 
_struct_keywords.pdbx_keywords   'CALCIUM-BINDING PROTEIN' 
_struct_keywords.text            'CALCIUM-BINDING PROTEIN' 
# 
loop_
_struct_asym.id 
_struct_asym.pdbx_blank_PDB_chainid_flag 
_struct_asym.pdbx_modified 
_struct_asym.entity_id 
_struct_asym.details 
A N N 1 ? 
B N N 2 ? 
C N N 2 ? 
D N N 2 ? 
E N N 2 ? 
F N N 3 ? 
G N N 3 ? 
# 
_struct_biol.id   1 
# 
loop_
_struct_conf.conf_type_id 
_struct_conf.id 
_struct_conf.pdbx_PDB_helix_id 
_struct_conf.beg_label_comp_id 
_struct_conf.beg_label_asym_id 
_struct_conf.beg_label_seq_id 
_struct_conf.pdbx_beg_PDB_ins_code 
_struct_conf.end_label_comp_id 
_struct_conf.end_label_asym_id 
_struct_conf.end_label_seq_id 
_struct_conf.pdbx_end_PDB_ins_code 
_struct_conf.beg_auth_comp_id 
_struct_conf.beg_auth_asym_id 
_struct_conf.beg_auth_seq_id 
_struct_conf.end_auth_comp_id 
_struct_conf.end_auth_asym_id 
_struct_conf.end_auth_seq_id 
_struct_conf.pdbx_PDB_helix_class 
_struct_conf.details 
_struct_conf.pdbx_PDB_helix_length 
HELX_P HELX_P1 1 THR A 5   ? ASP A 20  ? THR A 5   ASP A 20  1 ? 16 
HELX_P HELX_P2 2 THR A 28  ? LEU A 39  ? THR A 28  LEU A 39  1 ? 12 
HELX_P HELX_P3 3 THR A 44  ? ASP A 56  ? THR A 44  ASP A 56  1 ? 13 
HELX_P HELX_P4 4 PHE A 65  ? ARG A 74  ? PHE A 65  ARG A 74  1 ? 10 
HELX_P HELX_P5 5 SER A 81  ? ASP A 93  ? SER A 81  ASP A 93  1 ? 13 
HELX_P HELX_P6 6 SER A 101 ? LEU A 112 ? SER A 101 LEU A 112 1 ? 12 
HELX_P HELX_P7 7 THR A 117 ? ASP A 129 ? THR A 117 ASP A 129 1 ? 13 
HELX_P HELX_P8 8 ASN A 137 ? THR A 146 ? ASN A 137 THR A 146 1 ? 10 
# 
_struct_conf_type.id          HELX_P 
_struct_conf_type.criteria    ? 
_struct_conf_type.reference   ? 
# 
loop_
_struct_conn.id 
_struct_conn.conn_type_id 
_struct_conn.pdbx_leaving_atom_flag 
_struct_conn.pdbx_PDB_id 
_struct_conn.ptnr1_label_asym_id 
_struct_conn.ptnr1_label_comp_id 
_struct_conn.ptnr1_label_seq_id 
_struct_conn.ptnr1_label_atom_id 
_struct_conn.pdbx_ptnr1_label_alt_id 
_struct_conn.pdbx_ptnr1_PDB_ins_code 
_struct_conn.pdbx_ptnr1_standard_comp_id 
_struct_conn.ptnr1_symmetry 
_struct_conn.ptnr2_label_asym_id 
_struct_conn.ptnr2_label_comp_id 
_struct_conn.ptnr2_label_seq_id 
_struct_conn.ptnr2_label_atom_id 
_struct_conn.pdbx_ptnr2_label_alt_id 
_struct_conn.pdbx_ptnr2_PDB_ins_code 
_struct_conn.ptnr1_auth_asym_id 
_struct_conn.ptnr1_auth_comp_id 
_struct_conn.ptnr1_auth_seq_id 
_struct_conn.ptnr2_auth_asym_id 
_struct_conn.ptnr2_auth_comp_id 
_struct_conn.ptnr2_auth_seq_id 
_struct_conn.ptnr2_symmetry 
_struct_conn.pdbx_ptnr3_label_atom_id 
_struct_conn.pdbx_ptnr3_label_seq_id 
_struct_conn.pdbx_ptnr3_label_comp_id 
_struct_conn.pdbx_ptnr3_label_asym_id 
_struct_conn.pdbx_ptnr3_label_alt_id 
_struct_conn.pdbx_ptnr3_PDB_ins_code 
_struct_conn.details 
_struct_conn.pdbx_dist_value 
_struct_conn.pdbx_value_order 
_struct_conn.pdbx_role 
metalc1  metalc ? ? A ASP 20  OD1 ? ? ? 1_555 B CA . CA ? ? A ASP 20  A CA 149 1_555 ? ? ? ? ? ? ? 2.283 ? ? 
metalc2  metalc ? ? A ASP 22  OD1 ? ? ? 1_555 B CA . CA ? ? A ASP 22  A CA 149 1_555 ? ? ? ? ? ? ? 2.306 ? ? 
metalc3  metalc ? ? A ASP 22  OD2 ? ? ? 1_555 B CA . CA ? ? A ASP 22  A CA 149 1_555 ? ? ? ? ? ? ? 3.383 ? ? 
metalc4  metalc ? ? A ASP 24  OD1 ? ? ? 1_555 B CA . CA ? ? A ASP 24  A CA 149 1_555 ? ? ? ? ? ? ? 2.329 ? ? 
metalc5  metalc ? ? A THR 26  O   ? ? ? 1_555 B CA . CA ? ? A THR 26  A CA 149 1_555 ? ? ? ? ? ? ? 2.281 ? ? 
metalc6  metalc ? ? A GLU 31  OE1 ? ? ? 1_555 B CA . CA ? ? A GLU 31  A CA 149 1_555 ? ? ? ? ? ? ? 2.337 ? ? 
metalc7  metalc ? ? A GLU 31  OE2 ? ? ? 1_555 B CA . CA ? ? A GLU 31  A CA 149 1_555 ? ? ? ? ? ? ? 2.303 ? ? 
metalc8  metalc ? ? A ASP 56  OD1 ? ? ? 1_555 C CA . CA ? ? A ASP 56  A CA 150 1_555 ? ? ? ? ? ? ? 2.294 ? ? 
metalc9  metalc ? ? A ASP 58  OD1 ? ? ? 1_555 C CA . CA ? ? A ASP 58  A CA 150 1_555 ? ? ? ? ? ? ? 2.311 ? ? 
metalc10 metalc ? ? A ASN 60  OD1 ? ? ? 1_555 C CA . CA ? ? A ASN 60  A CA 150 1_555 ? ? ? ? ? ? ? 2.305 ? ? 
metalc11 metalc ? ? A ASN 60  ND2 ? ? ? 1_555 C CA . CA ? ? A ASN 60  A CA 150 1_555 ? ? ? ? ? ? ? 2.531 ? ? 
metalc12 metalc ? ? A THR 62  O   ? ? ? 1_555 C CA . CA ? ? A THR 62  A CA 150 1_555 ? ? ? ? ? ? ? 2.313 ? ? 
metalc13 metalc ? ? A GLU 67  OE1 ? ? ? 1_555 C CA . CA ? ? A GLU 67  A CA 150 1_555 ? ? ? ? ? ? ? 2.313 ? ? 
metalc14 metalc ? ? A GLU 67  OE2 ? ? ? 1_555 C CA . CA ? ? A GLU 67  A CA 150 1_555 ? ? ? ? ? ? ? 2.317 ? ? 
metalc15 metalc ? ? A ASP 93  OD1 ? ? ? 1_555 D CA . CA ? ? A ASP 93  A CA 151 1_555 ? ? ? ? ? ? ? 2.298 ? ? 
metalc16 metalc ? ? A ASP 95  OD1 ? ? ? 1_555 D CA . CA ? ? A ASP 95  A CA 151 1_555 ? ? ? ? ? ? ? 2.309 ? ? 
metalc17 metalc ? ? A ASP 95  OD2 ? ? ? 1_555 D CA . CA ? ? A ASP 95  A CA 151 1_555 ? ? ? ? ? ? ? 2.545 ? ? 
metalc18 metalc ? ? A ASN 97  OD1 ? ? ? 1_555 D CA . CA ? ? A ASN 97  A CA 151 1_555 ? ? ? ? ? ? ? 2.330 ? ? 
metalc19 metalc ? ? A TYR 99  O   ? ? ? 1_555 D CA . CA ? ? A TYR 99  A CA 151 1_555 ? ? ? ? ? ? ? 2.303 ? ? 
metalc20 metalc ? ? A GLU 104 OE1 ? ? ? 1_555 D CA . CA ? ? A GLU 104 A CA 151 1_555 ? ? ? ? ? ? ? 2.343 ? ? 
metalc21 metalc ? ? A GLU 104 OE2 ? ? ? 1_555 D CA . CA ? ? A GLU 104 A CA 151 1_555 ? ? ? ? ? ? ? 2.339 ? ? 
metalc22 metalc ? ? A ASP 129 OD1 ? ? ? 1_555 E CA . CA ? ? A ASP 129 A CA 152 1_555 ? ? ? ? ? ? ? 2.286 ? ? 
metalc23 metalc ? ? A ASP 131 OD1 ? ? ? 1_555 E CA . CA ? ? A ASP 131 A CA 152 1_555 ? ? ? ? ? ? ? 2.328 ? ? 
metalc24 metalc ? ? A ASP 133 OD1 ? ? ? 1_555 E CA . CA ? ? A ASP 133 A CA 152 1_555 ? ? ? ? ? ? ? 2.298 ? ? 
metalc25 metalc ? ? A GLN 135 O   ? ? ? 1_555 E CA . CA ? ? A GLN 135 A CA 152 1_555 ? ? ? ? ? ? ? 2.289 ? ? 
metalc26 metalc ? ? A GLU 140 OE2 ? ? ? 1_555 E CA . CA ? ? A GLU 140 A CA 152 1_555 ? ? ? ? ? ? ? 2.302 ? ? 
metalc27 metalc ? ? A GLU 140 OE1 ? ? ? 1_555 E CA . CA ? ? A GLU 140 A CA 152 1_555 ? ? ? ? ? ? ? 2.303 ? ? 
# 
_struct_conn_type.id          metalc 
_struct_conn_type.criteria    ? 
_struct_conn_type.reference   ? 
# 
_struct_sheet.id               A 
_struct_sheet.type             ? 
_struct_sheet.number_strands   2 
_struct_sheet.details          ? 
# 
_struct_sheet_order.sheet_id     A 
_struct_sheet_order.range_id_1   1 
_struct_sheet_order.range_id_2   2 
_struct_sheet_order.offset       ? 
_struct_sheet_order.sense        anti-parallel 
# 
loop_
_struct_sheet_range.sheet_id 
_struct_sheet_range.id 
_struct_sheet_range.beg_label_comp_id 
_struct_sheet_range.beg_label_asym_id 
_struct_sheet_range.beg_label_seq_id 
_struct_sheet_range.pdbx_beg_PDB_ins_code 
_struct_sheet_range.end_label_comp_id 
_struct_sheet_range.end_label_asym_id 
_struct_sheet_range.end_label_seq_id 
_struct_sheet_range.pdbx_end_PDB_ins_code 
_struct_sheet_range.beg_auth_comp_id 
_struct_sheet_range.beg_auth_asym_id 
_struct_sheet_range.beg_auth_seq_id 
_struct_sheet_range.end_auth_comp_id 
_struct_sheet_range.end_auth_asym_id 
_struct_sheet_range.end_auth_seq_id 
A 1 THR A 26 ? ILE A 27 ? THR A 26 ILE A 27 
A 2 ILE A 63 ? ASP A 64 ? ILE A 63 ASP A 64 
# 
_pdbx_struct_sheet_hbond.sheet_id                A 
_pdbx_struct_sheet_hbond.range_id_1              1 
_pdbx_struct_sheet_hbond.range_id_2              2 
_pdbx_struct_sheet_hbond.range_1_label_atom_id   N 
_pdbx_struct_sheet_hbond.range_1_label_comp_id   ILE 
_pdbx_struct_sheet_hbond.range_1_label_asym_id   A 
_pdbx_struct_sheet_hbond.range_1_label_seq_id    27 
_pdbx_struct_sheet_hbond.range_1_PDB_ins_code    ? 
_pdbx_struct_sheet_hbond.range_1_auth_atom_id    N 
_pdbx_struct_sheet_hbond.range_1_auth_comp_id    ILE 
_pdbx_struct_sheet_hbond.range_1_auth_asym_id    A 
_pdbx_struct_sheet_hbond.range_1_auth_seq_id     27 
_pdbx_struct_sheet_hbond.range_2_label_atom_id   O 
_pdbx_struct_sheet_hbond.range_2_label_comp_id   ILE 
_pdbx_struct_sheet_hbond.range_2_label_asym_id   A 
_pdbx_struct_sheet_hbond.range_2_label_seq_id    63 
_pdbx_struct_sheet_hbond.range_2_PDB_ins_code    ? 
_pdbx_struct_sheet_hbond.range_2_auth_atom_id    O 
_pdbx_struct_sheet_hbond.range_2_auth_comp_id    ILE 
_pdbx_struct_sheet_hbond.range_2_auth_asym_id    A 
_pdbx_struct_sheet_hbond.range_2_auth_seq_id     63 
# 
loop_
_struct_site.id 
_struct_site.pdbx_evidence_code 
_struct_site.pdbx_auth_asym_id 
_struct_site.pdbx_auth_comp_id 
_struct_site.pdbx_auth_seq_id 
_struct_site.pdbx_auth_ins_code 
_struct_site.pdbx_num_residues 
_struct_site.details 
AC1 Software A CA  149 ? 5 'BINDING SITE FOR RESIDUE CA A 149'  
AC2 Software A CA  150 ? 5 'BINDING SITE FOR RESIDUE CA A 150'  
AC3 Software A CA  151 ? 5 'BINDING SITE FOR RESIDUE CA A 151'  
AC4 Software A CA  152 ? 5 'BINDING SITE FOR RESIDUE CA A 152'  
AC5 Software A DPD 153 ? 8 'BINDING SITE FOR RESIDUE DPD A 153' 
AC6 Software A DPD 154 ? 8 'BINDING SITE FOR RESIDUE DPD A 154' 
# 
loop_
_struct_site_gen.id 
_struct_site_gen.site_id 
_struct_site_gen.pdbx_num_res 
_struct_site_gen.label_comp_id 
_struct_site_gen.label_asym_id 
_struct_site_gen.label_seq_id 
_struct_site_gen.pdbx_auth_ins_code 
_struct_site_gen.auth_comp_id 
_struct_site_gen.auth_asym_id 
_struct_site_gen.auth_seq_id 
_struct_site_gen.label_atom_id 
_struct_site_gen.label_alt_id 
_struct_site_gen.symmetry 
_struct_site_gen.details 
1  AC1 5 ASP A 20  ? ASP A 20  . ? 1_555 ? 
2  AC1 5 ASP A 22  ? ASP A 22  . ? 1_555 ? 
3  AC1 5 ASP A 24  ? ASP A 24  . ? 1_555 ? 
4  AC1 5 THR A 26  ? THR A 26  . ? 1_555 ? 
5  AC1 5 GLU A 31  ? GLU A 31  . ? 1_555 ? 
6  AC2 5 ASP A 56  ? ASP A 56  . ? 1_555 ? 
7  AC2 5 ASP A 58  ? ASP A 58  . ? 1_555 ? 
8  AC2 5 ASN A 60  ? ASN A 60  . ? 1_555 ? 
9  AC2 5 THR A 62  ? THR A 62  . ? 1_555 ? 
10 AC2 5 GLU A 67  ? GLU A 67  . ? 1_555 ? 
11 AC3 5 ASP A 93  ? ASP A 93  . ? 1_555 ? 
12 AC3 5 ASP A 95  ? ASP A 95  . ? 1_555 ? 
13 AC3 5 ASN A 97  ? ASN A 97  . ? 1_555 ? 
14 AC3 5 TYR A 99  ? TYR A 99  . ? 1_555 ? 
15 AC3 5 GLU A 104 ? GLU A 104 . ? 1_555 ? 
16 AC4 5 ASP A 129 ? ASP A 129 . ? 1_555 ? 
17 AC4 5 ASP A 131 ? ASP A 131 . ? 1_555 ? 
18 AC4 5 ASP A 133 ? ASP A 133 . ? 1_555 ? 
19 AC4 5 GLN A 135 ? GLN A 135 . ? 1_555 ? 
20 AC4 5 GLU A 140 ? GLU A 140 . ? 1_555 ? 
21 AC5 8 PHE A 19  ? PHE A 19  . ? 1_555 ? 
22 AC5 8 GLN A 41  ? GLN A 41  . ? 1_555 ? 
23 AC5 8 PHE A 68  ? PHE A 68  . ? 1_555 ? 
24 AC5 8 MET A 71  ? MET A 71  . ? 1_555 ? 
25 AC5 8 MET A 72  ? MET A 72  . ? 1_555 ? 
26 AC5 8 VAL A 91  ? VAL A 91  . ? 1_555 ? 
27 AC5 8 MET A 145 ? MET A 145 . ? 1_555 ? 
28 AC5 8 DPD G .   ? DPD A 154 . ? 1_555 ? 
29 AC6 8 ALA A 15  ? ALA A 15  . ? 1_555 ? 
30 AC6 8 MET A 72  ? MET A 72  . ? 1_555 ? 
31 AC6 8 LEU A 105 ? LEU A 105 . ? 1_555 ? 
32 AC6 8 MET A 109 ? MET A 109 . ? 1_555 ? 
33 AC6 8 MET A 124 ? MET A 124 . ? 1_555 ? 
34 AC6 8 MET A 144 ? MET A 144 . ? 1_555 ? 
35 AC6 8 MET A 145 ? MET A 145 . ? 1_555 ? 
36 AC6 8 DPD F .   ? DPD A 153 . ? 1_555 ? 
# 
_atom_sites.entry_id                    1QIV 
_atom_sites.fract_transf_matrix[1][1]   -0.02037616 
_atom_sites.fract_transf_matrix[1][2]   -0.02003014 
_atom_sites.fract_transf_matrix[1][3]   0.00342852 
_atom_sites.fract_transf_matrix[2][1]   -0.01180966 
_atom_sites.fract_transf_matrix[2][2]   -0.00422560 
_atom_sites.fract_transf_matrix[2][3]   0.02589965 
_atom_sites.fract_transf_matrix[3][1]   -0.00404523 
_atom_sites.fract_transf_matrix[3][2]   0.00390854 
_atom_sites.fract_transf_matrix[3][3]   -0.00120685 
_atom_sites.fract_transf_vector[1]      0.554780 
_atom_sites.fract_transf_vector[2]      0.060563 
_atom_sites.fract_transf_vector[3]      0.071641 
# 
loop_
_atom_type.symbol 
C  
CA 
N  
O  
S  
# 
loop_
_atom_site.group_PDB 
_atom_site.id 
_atom_site.type_symbol 
_atom_site.label_atom_id 
_atom_site.label_alt_id 
_atom_site.label_comp_id 
_atom_site.label_asym_id 
_atom_site.label_entity_id 
_atom_site.label_seq_id 
_atom_site.pdbx_PDB_ins_code 
_atom_site.Cartn_x 
_atom_site.Cartn_y 
_atom_site.Cartn_z 
_atom_site.occupancy 
_atom_site.B_iso_or_equiv 
_atom_site.pdbx_formal_charge 
_atom_site.auth_seq_id 
_atom_site.auth_comp_id 
_atom_site.auth_asym_id 
_atom_site.auth_atom_id 
_atom_site.pdbx_PDB_model_num 
ATOM   1    N  N   . GLN A 1 3   ? -16.210 12.169  6.352   1.00 30.28  ? 3   GLN A N   1 
ATOM   2    C  CA  . GLN A 1 3   ? -15.543 10.838  6.473   1.00 40.92  ? 3   GLN A CA  1 
ATOM   3    C  C   . GLN A 1 3   ? -14.114 10.867  5.920   1.00 40.86  ? 3   GLN A C   1 
ATOM   4    O  O   . GLN A 1 3   ? -13.170 10.459  6.595   1.00 41.99  ? 3   GLN A O   1 
ATOM   5    C  CB  . GLN A 1 3   ? -16.358 9.765   5.739   1.00 48.97  ? 3   GLN A CB  1 
ATOM   6    C  CG  . GLN A 1 3   ? -17.215 10.285  4.594   1.00 52.41  ? 3   GLN A CG  1 
ATOM   7    C  CD  . GLN A 1 3   ? -18.616 9.680   4.586   1.00 58.47  ? 3   GLN A CD  1 
ATOM   8    O  OE1 . GLN A 1 3   ? -19.568 10.275  5.104   1.00 54.64  ? 3   GLN A OE1 1 
ATOM   9    N  NE2 . GLN A 1 3   ? -18.749 8.493   3.996   1.00 52.39  ? 3   GLN A NE2 1 
ATOM   10   N  N   . LEU A 1 4   ? -13.953 11.338  4.689   1.00 39.18  ? 4   LEU A N   1 
ATOM   11   C  CA  . LEU A 1 4   ? -12.629 11.422  4.089   1.00 36.31  ? 4   LEU A CA  1 
ATOM   12   C  C   . LEU A 1 4   ? -12.115 12.844  4.274   1.00 35.84  ? 4   LEU A C   1 
ATOM   13   O  O   . LEU A 1 4   ? -12.880 13.796  4.158   1.00 39.26  ? 4   LEU A O   1 
ATOM   14   C  CB  . LEU A 1 4   ? -12.699 11.086  2.599   1.00 31.42  ? 4   LEU A CB  1 
ATOM   15   C  CG  . LEU A 1 4   ? -11.413 10.599  1.935   1.00 21.55  ? 4   LEU A CG  1 
ATOM   16   C  CD1 . LEU A 1 4   ? -11.042 9.253   2.501   1.00 11.27  ? 4   LEU A CD1 1 
ATOM   17   C  CD2 . LEU A 1 4   ? -11.610 10.507  0.435   1.00 25.25  ? 4   LEU A CD2 1 
ATOM   18   N  N   . THR A 1 5   ? -10.827 12.993  4.567   1.00 34.52  ? 5   THR A N   1 
ATOM   19   C  CA  . THR A 1 5   ? -10.256 14.323  4.754   1.00 40.86  ? 5   THR A CA  1 
ATOM   20   C  C   . THR A 1 5   ? -9.323  14.697  3.606   1.00 38.94  ? 5   THR A C   1 
ATOM   21   O  O   . THR A 1 5   ? -8.835  13.827  2.884   1.00 43.03  ? 5   THR A O   1 
ATOM   22   C  CB  . THR A 1 5   ? -9.481  14.418  6.085   1.00 45.64  ? 5   THR A CB  1 
ATOM   23   O  OG1 . THR A 1 5   ? -8.220  13.745  5.967   1.00 50.70  ? 5   THR A OG1 1 
ATOM   24   C  CG2 . THR A 1 5   ? -10.286 13.780  7.205   1.00 52.15  ? 5   THR A CG2 1 
ATOM   25   N  N   . GLU A 1 6   ? -9.083  15.992  3.435   1.00 34.49  ? 6   GLU A N   1 
ATOM   26   C  CA  . GLU A 1 6   ? -8.201  16.458  2.372   1.00 37.27  ? 6   GLU A CA  1 
ATOM   27   C  C   . GLU A 1 6   ? -6.827  15.823  2.538   1.00 37.31  ? 6   GLU A C   1 
ATOM   28   O  O   . GLU A 1 6   ? -6.039  15.761  1.593   1.00 39.96  ? 6   GLU A O   1 
ATOM   29   C  CB  . GLU A 1 6   ? -8.079  17.980  2.409   1.00 31.07  ? 6   GLU A CB  1 
ATOM   30   N  N   . GLU A 1 7   ? -6.546  15.345  3.744   1.00 34.24  ? 7   GLU A N   1 
ATOM   31   C  CA  . GLU A 1 7   ? -5.265  14.726  4.025   1.00 35.39  ? 7   GLU A CA  1 
ATOM   32   C  C   . GLU A 1 7   ? -5.238  13.297  3.501   1.00 35.49  ? 7   GLU A C   1 
ATOM   33   O  O   . GLU A 1 7   ? -4.302  12.904  2.800   1.00 34.90  ? 7   GLU A O   1 
ATOM   34   C  CB  . GLU A 1 7   ? -4.988  14.749  5.529   1.00 40.46  ? 7   GLU A CB  1 
ATOM   35   C  CG  . GLU A 1 7   ? -3.531  14.514  5.898   1.00 50.81  ? 7   GLU A CG  1 
ATOM   36   C  CD  . GLU A 1 7   ? -3.374  13.840  7.252   1.00 59.03  ? 7   GLU A CD  1 
ATOM   37   O  OE1 . GLU A 1 7   ? -4.392  13.359  7.796   1.00 60.58  ? 7   GLU A OE1 1 
ATOM   38   O  OE2 . GLU A 1 7   ? -2.238  13.791  7.773   1.00 65.06  ? 7   GLU A OE2 1 
ATOM   39   N  N   . GLN A 1 8   ? -6.262  12.519  3.843   1.00 30.26  ? 8   GLN A N   1 
ATOM   40   C  CA  . GLN A 1 8   ? -6.332  11.143  3.378   1.00 25.38  ? 8   GLN A CA  1 
ATOM   41   C  C   . GLN A 1 8   ? -6.290  11.166  1.858   1.00 24.93  ? 8   GLN A C   1 
ATOM   42   O  O   . GLN A 1 8   ? -5.599  10.363  1.227   1.00 26.03  ? 8   GLN A O   1 
ATOM   43   C  CB  . GLN A 1 8   ? -7.625  10.487  3.839   1.00 30.51  ? 8   GLN A CB  1 
ATOM   44   C  CG  . GLN A 1 8   ? -7.596  9.981   5.267   1.00 36.95  ? 8   GLN A CG  1 
ATOM   45   C  CD  . GLN A 1 8   ? -8.912  10.214  5.980   1.00 36.97  ? 8   GLN A CD  1 
ATOM   46   O  OE1 . GLN A 1 8   ? -9.272  11.349  6.282   1.00 39.41  ? 8   GLN A OE1 1 
ATOM   47   N  NE2 . GLN A 1 8   ? -9.639  9.140   6.246   1.00 35.14  ? 8   GLN A NE2 1 
ATOM   48   N  N   . ILE A 1 9   ? -7.041  12.093  1.275   1.00 20.08  ? 9   ILE A N   1 
ATOM   49   C  CA  . ILE A 1 9   ? -7.091  12.237  -0.172  1.00 21.15  ? 9   ILE A CA  1 
ATOM   50   C  C   . ILE A 1 9   ? -5.703  12.540  -0.734  1.00 23.36  ? 9   ILE A C   1 
ATOM   51   O  O   . ILE A 1 9   ? -5.334  12.033  -1.795  1.00 25.63  ? 9   ILE A O   1 
ATOM   52   C  CB  . ILE A 1 9   ? -8.048  13.374  -0.585  1.00 24.01  ? 9   ILE A CB  1 
ATOM   53   C  CG1 . ILE A 1 9   ? -9.464  13.064  -0.095  1.00 26.50  ? 9   ILE A CG1 1 
ATOM   54   C  CG2 . ILE A 1 9   ? -8.047  13.539  -2.091  1.00 20.75  ? 9   ILE A CG2 1 
ATOM   55   C  CD1 . ILE A 1 9   ? -10.294 14.294  0.183   1.00 23.62  ? 9   ILE A CD1 1 
ATOM   56   N  N   . ALA A 1 10  ? -4.936  13.364  -0.024  1.00 17.93  ? 10  ALA A N   1 
ATOM   57   C  CA  . ALA A 1 10  ? -3.593  13.723  -0.470  1.00 16.57  ? 10  ALA A CA  1 
ATOM   58   C  C   . ALA A 1 10  ? -2.611  12.579  -0.274  1.00 16.41  ? 10  ALA A C   1 
ATOM   59   O  O   . ALA A 1 10  ? -1.622  12.465  -1.000  1.00 18.88  ? 10  ALA A O   1 
ATOM   60   C  CB  . ALA A 1 10  ? -3.102  14.957  0.273   1.00 21.75  ? 10  ALA A CB  1 
ATOM   61   N  N   . GLU A 1 11  ? -2.869  11.729  0.707   1.00 14.14  ? 11  GLU A N   1 
ATOM   62   C  CA  . GLU A 1 11  ? -1.972  10.611  0.946   1.00 20.13  ? 11  GLU A CA  1 
ATOM   63   C  C   . GLU A 1 11  ? -2.267  9.535   -0.084  1.00 23.90  ? 11  GLU A C   1 
ATOM   64   O  O   . GLU A 1 11  ? -1.403  8.709   -0.414  1.00 21.19  ? 11  GLU A O   1 
ATOM   65   C  CB  . GLU A 1 11  ? -2.162  10.071  2.360   1.00 20.75  ? 11  GLU A CB  1 
ATOM   66   C  CG  . GLU A 1 11  ? -1.773  11.070  3.439   1.00 25.96  ? 11  GLU A CG  1 
ATOM   67   C  CD  . GLU A 1 11  ? -1.870  10.483  4.826   1.00 31.58  ? 11  GLU A CD  1 
ATOM   68   O  OE1 . GLU A 1 11  ? -3.002  10.246  5.290   1.00 35.52  ? 11  GLU A OE1 1 
ATOM   69   O  OE2 . GLU A 1 11  ? -0.814  10.254  5.450   1.00 41.92  ? 11  GLU A OE2 1 
ATOM   70   N  N   . PHE A 1 12  ? -3.500  9.576   -0.588  1.00 23.96  ? 12  PHE A N   1 
ATOM   71   C  CA  . PHE A 1 12  ? -3.988  8.652   -1.602  1.00 22.52  ? 12  PHE A CA  1 
ATOM   72   C  C   . PHE A 1 12  ? -3.468  9.062   -2.981  1.00 25.61  ? 12  PHE A C   1 
ATOM   73   O  O   . PHE A 1 12  ? -3.368  8.233   -3.881  1.00 29.58  ? 12  PHE A O   1 
ATOM   74   C  CB  . PHE A 1 12  ? -5.512  8.666   -1.634  1.00 21.02  ? 12  PHE A CB  1 
ATOM   75   C  CG  . PHE A 1 12  ? -6.156  7.730   -0.660  1.00 11.50  ? 12  PHE A CG  1 
ATOM   76   C  CD1 . PHE A 1 12  ? -5.568  6.516   -0.350  1.00 9.04   ? 12  PHE A CD1 1 
ATOM   77   C  CD2 . PHE A 1 12  ? -7.360  8.067   -0.055  1.00 9.31   ? 12  PHE A CD2 1 
ATOM   78   C  CE1 . PHE A 1 12  ? -6.169  5.642   0.554   1.00 8.10   ? 12  PHE A CE1 1 
ATOM   79   C  CE2 . PHE A 1 12  ? -7.971  7.206   0.846   1.00 13.87  ? 12  PHE A CE2 1 
ATOM   80   C  CZ  . PHE A 1 12  ? -7.371  5.986   1.154   1.00 5.50   ? 12  PHE A CZ  1 
ATOM   81   N  N   . LYS A 1 13  ? -3.159  10.346  -3.147  1.00 24.95  ? 13  LYS A N   1 
ATOM   82   C  CA  . LYS A 1 13  ? -2.647  10.848  -4.416  1.00 22.15  ? 13  LYS A CA  1 
ATOM   83   C  C   . LYS A 1 13  ? -1.165  10.536  -4.475  1.00 26.91  ? 13  LYS A C   1 
ATOM   84   O  O   . LYS A 1 13  ? -0.590  10.357  -5.553  1.00 27.19  ? 13  LYS A O   1 
ATOM   85   C  CB  . LYS A 1 13  ? -2.855  12.355  -4.519  1.00 22.23  ? 13  LYS A CB  1 
ATOM   86   C  CG  . LYS A 1 13  ? -2.584  12.937  -5.901  1.00 25.86  ? 13  LYS A CG  1 
ATOM   87   C  CD  . LYS A 1 13  ? -3.231  12.102  -6.998  1.00 35.90  ? 13  LYS A CD  1 
ATOM   88   C  CE  . LYS A 1 13  ? -3.203  12.823  -8.335  1.00 34.40  ? 13  LYS A CE  1 
ATOM   89   N  NZ  . LYS A 1 13  ? -1.897  13.511  -8.558  1.00 41.58  ? 13  LYS A NZ  1 
ATOM   90   N  N   . GLU A 1 14  ? -0.549  10.475  -3.302  1.00 24.65  ? 14  GLU A N   1 
ATOM   91   C  CA  . GLU A 1 14  ? 0.864   10.168  -3.216  1.00 19.41  ? 14  GLU A CA  1 
ATOM   92   C  C   . GLU A 1 14  ? 1.057   8.703   -3.585  1.00 12.87  ? 14  GLU A C   1 
ATOM   93   O  O   . GLU A 1 14  ? 1.782   8.392   -4.524  1.00 13.27  ? 14  GLU A O   1 
ATOM   94   C  CB  . GLU A 1 14  ? 1.372   10.438  -1.807  1.00 23.89  ? 14  GLU A CB  1 
ATOM   95   C  CG  . GLU A 1 14  ? 2.386   11.548  -1.738  1.00 33.16  ? 14  GLU A CG  1 
ATOM   96   C  CD  . GLU A 1 14  ? 3.074   11.609  -0.393  1.00 48.91  ? 14  GLU A CD  1 
ATOM   97   O  OE1 . GLU A 1 14  ? 3.456   10.535  0.120   1.00 50.20  ? 14  GLU A OE1 1 
ATOM   98   O  OE2 . GLU A 1 14  ? 3.230   12.728  0.150   1.00 55.73  ? 14  GLU A OE2 1 
ATOM   99   N  N   . ALA A 1 15  ? 0.398   7.807   -2.853  1.00 11.07  ? 15  ALA A N   1 
ATOM   100  C  CA  . ALA A 1 15  ? 0.490   6.371   -3.128  1.00 12.54  ? 15  ALA A CA  1 
ATOM   101  C  C   . ALA A 1 15  ? 0.197   6.096   -4.600  1.00 15.86  ? 15  ALA A C   1 
ATOM   102  O  O   . ALA A 1 15  ? 0.854   5.260   -5.230  1.00 17.20  ? 15  ALA A O   1 
ATOM   103  C  CB  . ALA A 1 15  ? -0.488  5.612   -2.263  1.00 11.16  ? 15  ALA A CB  1 
ATOM   104  N  N   . PHE A 1 16  ? -0.801  6.794   -5.141  1.00 11.77  ? 16  PHE A N   1 
ATOM   105  C  CA  . PHE A 1 16  ? -1.158  6.644   -6.548  1.00 13.59  ? 16  PHE A CA  1 
ATOM   106  C  C   . PHE A 1 16  ? 0.113   6.840   -7.364  1.00 13.46  ? 16  PHE A C   1 
ATOM   107  O  O   . PHE A 1 16  ? 0.380   6.099   -8.298  1.00 16.65  ? 16  PHE A O   1 
ATOM   108  C  CB  . PHE A 1 16  ? -2.209  7.693   -6.957  1.00 13.03  ? 16  PHE A CB  1 
ATOM   109  C  CG  . PHE A 1 16  ? -2.733  7.523   -8.363  1.00 16.79  ? 16  PHE A CG  1 
ATOM   110  C  CD1 . PHE A 1 16  ? -3.735  6.601   -8.641  1.00 8.17   ? 16  PHE A CD1 1 
ATOM   111  C  CD2 . PHE A 1 16  ? -2.200  8.267   -9.416  1.00 19.38  ? 16  PHE A CD2 1 
ATOM   112  C  CE1 . PHE A 1 16  ? -4.195  6.418   -9.944  1.00 6.84   ? 16  PHE A CE1 1 
ATOM   113  C  CE2 . PHE A 1 16  ? -2.659  8.085   -10.721 1.00 16.44  ? 16  PHE A CE2 1 
ATOM   114  C  CZ  . PHE A 1 16  ? -3.657  7.158   -10.982 1.00 9.62   ? 16  PHE A CZ  1 
ATOM   115  N  N   . SER A 1 17  ? 0.906   7.837   -6.989  1.00 19.81  ? 17  SER A N   1 
ATOM   116  C  CA  . SER A 1 17  ? 2.152   8.129   -7.688  1.00 20.39  ? 17  SER A CA  1 
ATOM   117  C  C   . SER A 1 17  ? 3.173   6.998   -7.574  1.00 22.87  ? 17  SER A C   1 
ATOM   118  O  O   . SER A 1 17  ? 4.075   6.886   -8.405  1.00 22.65  ? 17  SER A O   1 
ATOM   119  C  CB  . SER A 1 17  ? 2.759   9.427   -7.157  1.00 24.59  ? 17  SER A CB  1 
ATOM   120  O  OG  . SER A 1 17  ? 2.117   10.558  -7.730  1.00 33.65  ? 17  SER A OG  1 
ATOM   121  N  N   . LEU A 1 18  ? 3.053   6.165   -6.545  1.00 22.27  ? 18  LEU A N   1 
ATOM   122  C  CA  . LEU A 1 18  ? 3.986   5.055   -6.403  1.00 25.03  ? 18  LEU A CA  1 
ATOM   123  C  C   . LEU A 1 18  ? 3.752   4.103   -7.574  1.00 25.88  ? 18  LEU A C   1 
ATOM   124  O  O   . LEU A 1 18  ? 4.700   3.596   -8.184  1.00 23.76  ? 18  LEU A O   1 
ATOM   125  C  CB  . LEU A 1 18  ? 3.754   4.298   -5.090  1.00 20.88  ? 18  LEU A CB  1 
ATOM   126  C  CG  . LEU A 1 18  ? 4.356   4.867   -3.807  1.00 18.98  ? 18  LEU A CG  1 
ATOM   127  C  CD1 . LEU A 1 18  ? 4.313   3.812   -2.734  1.00 21.11  ? 18  LEU A CD1 1 
ATOM   128  C  CD2 . LEU A 1 18  ? 5.778   5.326   -4.045  1.00 18.93  ? 18  LEU A CD2 1 
ATOM   129  N  N   . PHE A 1 19  ? 2.478   3.876   -7.887  1.00 17.20  ? 19  PHE A N   1 
ATOM   130  C  CA  . PHE A 1 19  ? 2.100   2.970   -8.959  1.00 17.40  ? 19  PHE A CA  1 
ATOM   131  C  C   . PHE A 1 19  ? 2.318   3.555   -10.348 1.00 16.41  ? 19  PHE A C   1 
ATOM   132  O  O   . PHE A 1 19  ? 2.956   2.938   -11.207 1.00 22.40  ? 19  PHE A O   1 
ATOM   133  C  CB  . PHE A 1 19  ? 0.635   2.558   -8.790  1.00 14.04  ? 19  PHE A CB  1 
ATOM   134  C  CG  . PHE A 1 19  ? 0.391   1.668   -7.606  1.00 14.35  ? 19  PHE A CG  1 
ATOM   135  C  CD1 . PHE A 1 19  ? 0.542   0.293   -7.709  1.00 17.11  ? 19  PHE A CD1 1 
ATOM   136  C  CD2 . PHE A 1 19  ? 0.008   2.203   -6.389  1.00 16.31  ? 19  PHE A CD2 1 
ATOM   137  C  CE1 . PHE A 1 19  ? 0.314   -0.533  -6.622  1.00 12.02  ? 19  PHE A CE1 1 
ATOM   138  C  CE2 . PHE A 1 19  ? -0.222  1.379   -5.295  1.00 17.10  ? 19  PHE A CE2 1 
ATOM   139  C  CZ  . PHE A 1 19  ? -0.069  0.010   -5.414  1.00 7.99   ? 19  PHE A CZ  1 
ATOM   140  N  N   . ASP A 1 20  ? 1.778   4.744   -10.561 1.00 14.92  ? 20  ASP A N   1 
ATOM   141  C  CA  . ASP A 1 20  ? 1.880   5.435   -11.836 1.00 17.36  ? 20  ASP A CA  1 
ATOM   142  C  C   . ASP A 1 20  ? 3.260   6.048   -12.030 1.00 16.32  ? 20  ASP A C   1 
ATOM   143  O  O   . ASP A 1 20  ? 3.410   7.264   -11.955 1.00 18.07  ? 20  ASP A O   1 
ATOM   144  C  CB  . ASP A 1 20  ? 0.820   6.532   -11.902 1.00 16.81  ? 20  ASP A CB  1 
ATOM   145  C  CG  . ASP A 1 20  ? 0.986   7.423   -13.097 1.00 15.24  ? 20  ASP A CG  1 
ATOM   146  O  OD1 . ASP A 1 20  ? 1.249   6.893   -14.193 1.00 16.80  ? 20  ASP A OD1 1 
ATOM   147  O  OD2 . ASP A 1 20  ? 0.852   8.653   -12.939 1.00 22.98  ? 20  ASP A OD2 1 
ATOM   148  N  N   . LYS A 1 21  ? 4.253   5.202   -12.302 1.00 17.48  ? 21  LYS A N   1 
ATOM   149  C  CA  . LYS A 1 21  ? 5.636   5.647   -12.487 1.00 22.94  ? 21  LYS A CA  1 
ATOM   150  C  C   . LYS A 1 21  ? 5.923   6.565   -13.679 1.00 21.39  ? 21  LYS A C   1 
ATOM   151  O  O   . LYS A 1 21  ? 6.784   7.427   -13.584 1.00 28.46  ? 21  LYS A O   1 
ATOM   152  C  CB  . LYS A 1 21  ? 6.578   4.440   -12.562 1.00 22.67  ? 21  LYS A CB  1 
ATOM   153  C  CG  . LYS A 1 21  ? 6.172   3.275   -11.683 1.00 29.23  ? 21  LYS A CG  1 
ATOM   154  C  CD  . LYS A 1 21  ? 6.943   3.270   -10.370 1.00 30.08  ? 21  LYS A CD  1 
ATOM   155  C  CE  . LYS A 1 21  ? 6.667   2.003   -9.576  1.00 26.02  ? 21  LYS A CE  1 
ATOM   156  N  NZ  . LYS A 1 21  ? 7.178   2.102   -8.178  1.00 31.51  ? 21  LYS A NZ  1 
ATOM   157  N  N   . ASP A 1 22  ? 5.240   6.388   -14.802 1.00 19.90  ? 22  ASP A N   1 
ATOM   158  C  CA  . ASP A 1 22  ? 5.515   7.263   -15.933 1.00 12.86  ? 22  ASP A CA  1 
ATOM   159  C  C   . ASP A 1 22  ? 4.749   8.559   -15.784 1.00 17.00  ? 22  ASP A C   1 
ATOM   160  O  O   . ASP A 1 22  ? 4.721   9.379   -16.702 1.00 21.41  ? 22  ASP A O   1 
ATOM   161  C  CB  . ASP A 1 22  ? 5.155   6.594   -17.260 1.00 15.02  ? 22  ASP A CB  1 
ATOM   162  C  CG  . ASP A 1 22  ? 3.719   6.151   -17.322 1.00 16.02  ? 22  ASP A CG  1 
ATOM   163  O  OD1 . ASP A 1 22  ? 2.939   6.511   -16.421 1.00 25.35  ? 22  ASP A OD1 1 
ATOM   164  O  OD2 . ASP A 1 22  ? 3.371   5.433   -18.284 1.00 23.42  ? 22  ASP A OD2 1 
ATOM   165  N  N   . GLY A 1 23  ? 4.132   8.728   -14.615 1.00 11.74  ? 23  GLY A N   1 
ATOM   166  C  CA  . GLY A 1 23  ? 3.365   9.925   -14.318 1.00 7.87   ? 23  GLY A CA  1 
ATOM   167  C  C   . GLY A 1 23  ? 2.347   10.383  -15.348 1.00 14.45  ? 23  GLY A C   1 
ATOM   168  O  O   . GLY A 1 23  ? 2.181   11.587  -15.556 1.00 20.76  ? 23  GLY A O   1 
ATOM   169  N  N   . ASP A 1 24  ? 1.649   9.448   -15.988 1.00 20.50  ? 24  ASP A N   1 
ATOM   170  C  CA  . ASP A 1 24  ? 0.656   9.817   -16.992 1.00 15.44  ? 24  ASP A CA  1 
ATOM   171  C  C   . ASP A 1 24  ? -0.779  9.804   -16.463 1.00 23.84  ? 24  ASP A C   1 
ATOM   172  O  O   . ASP A 1 24  ? -1.731  9.975   -17.227 1.00 24.42  ? 24  ASP A O   1 
ATOM   173  C  CB  . ASP A 1 24  ? 0.789   8.910   -18.220 1.00 9.52   ? 24  ASP A CB  1 
ATOM   174  C  CG  . ASP A 1 24  ? 0.171   7.544   -18.021 1.00 20.96  ? 24  ASP A CG  1 
ATOM   175  O  OD1 . ASP A 1 24  ? 0.281   6.978   -16.900 1.00 23.06  ? 24  ASP A OD1 1 
ATOM   176  O  OD2 . ASP A 1 24  ? -0.419  7.033   -19.005 1.00 18.07  ? 24  ASP A OD2 1 
ATOM   177  N  N   . GLY A 1 25  ? -0.932  9.600   -15.153 1.00 26.33  ? 25  GLY A N   1 
ATOM   178  C  CA  . GLY A 1 25  ? -2.254  9.617   -14.549 1.00 24.52  ? 25  GLY A CA  1 
ATOM   179  C  C   . GLY A 1 25  ? -3.067  8.343   -14.627 1.00 28.86  ? 25  GLY A C   1 
ATOM   180  O  O   . GLY A 1 25  ? -4.244  8.324   -14.246 1.00 31.78  ? 25  GLY A O   1 
ATOM   181  N  N   . THR A 1 26  ? -2.447  7.274   -15.114 1.00 27.29  ? 26  THR A N   1 
ATOM   182  C  CA  . THR A 1 26  ? -3.118  5.981   -15.228 1.00 17.08  ? 26  THR A CA  1 
ATOM   183  C  C   . THR A 1 26  ? -2.181  4.871   -14.783 1.00 15.48  ? 26  THR A C   1 
ATOM   184  O  O   . THR A 1 26  ? -0.980  4.910   -15.052 1.00 14.37  ? 26  THR A O   1 
ATOM   185  C  CB  . THR A 1 26  ? -3.507  5.675   -16.675 1.00 10.24  ? 26  THR A CB  1 
ATOM   186  O  OG1 . THR A 1 26  ? -2.316  5.516   -17.454 1.00 13.37  ? 26  THR A OG1 1 
ATOM   187  C  CG2 . THR A 1 26  ? -4.324  6.790   -17.256 1.00 4.60   ? 26  THR A CG2 1 
ATOM   188  N  N   . ILE A 1 27  ? -2.728  3.882   -14.094 1.00 11.63  ? 27  ILE A N   1 
ATOM   189  C  CA  . ILE A 1 27  ? -1.925  2.755   -13.666 1.00 9.23   ? 27  ILE A CA  1 
ATOM   190  C  C   . ILE A 1 27  ? -2.197  1.617   -14.652 1.00 18.05  ? 27  ILE A C   1 
ATOM   191  O  O   . ILE A 1 27  ? -3.345  1.353   -15.034 1.00 11.32  ? 27  ILE A O   1 
ATOM   192  C  CB  . ILE A 1 27  ? -2.301  2.308   -12.251 1.00 10.35  ? 27  ILE A CB  1 
ATOM   193  C  CG1 . ILE A 1 27  ? -2.149  3.489   -11.289 1.00 11.71  ? 27  ILE A CG1 1 
ATOM   194  C  CG2 . ILE A 1 27  ? -1.426  1.111   -11.825 1.00 8.40   ? 27  ILE A CG2 1 
ATOM   195  C  CD1 . ILE A 1 27  ? -2.752  3.260   -9.922  1.00 4.12   ? 27  ILE A CD1 1 
ATOM   196  N  N   . THR A 1 28  ? -1.127  0.962   -15.081 1.00 18.11  ? 28  THR A N   1 
ATOM   197  C  CA  . THR A 1 28  ? -1.224  -0.146  -16.018 1.00 16.73  ? 28  THR A CA  1 
ATOM   198  C  C   . THR A 1 28  ? -0.914  -1.462  -15.308 1.00 20.17  ? 28  THR A C   1 
ATOM   199  O  O   . THR A 1 28  ? -0.586  -1.479  -14.120 1.00 30.00  ? 28  THR A O   1 
ATOM   200  C  CB  . THR A 1 28  ? -0.232  0.054   -17.173 1.00 19.14  ? 28  THR A CB  1 
ATOM   201  O  OG1 . THR A 1 28  ? 1.111   0.074   -16.661 1.00 14.18  ? 28  THR A OG1 1 
ATOM   202  C  CG2 . THR A 1 28  ? -0.514  1.373   -17.883 1.00 13.41  ? 28  THR A CG2 1 
ATOM   203  N  N   . THR A 1 29  ? -1.032  -2.570  -16.028 1.00 20.68  ? 29  THR A N   1 
ATOM   204  C  CA  . THR A 1 29  ? -0.733  -3.874  -15.448 1.00 15.58  ? 29  THR A CA  1 
ATOM   205  C  C   . THR A 1 29  ? 0.780   -3.950  -15.293 1.00 15.42  ? 29  THR A C   1 
ATOM   206  O  O   . THR A 1 29  ? 1.289   -4.538  -14.350 1.00 18.09  ? 29  THR A O   1 
ATOM   207  C  CB  . THR A 1 29  ? -1.195  -5.015  -16.375 1.00 18.54  ? 29  THR A CB  1 
ATOM   208  O  OG1 . THR A 1 29  ? -0.773  -4.730  -17.715 1.00 19.74  ? 29  THR A OG1 1 
ATOM   209  C  CG2 . THR A 1 29  ? -2.726  -5.154  -16.350 1.00 18.58  ? 29  THR A CG2 1 
ATOM   210  N  N   . LYS A 1 30  ? 1.497   -3.354  -16.242 1.00 19.18  ? 30  LYS A N   1 
ATOM   211  C  CA  . LYS A 1 30  ? 2.950   -3.344  -16.198 1.00 16.03  ? 30  LYS A CA  1 
ATOM   212  C  C   . LYS A 1 30  ? 3.384   -2.603  -14.940 1.00 14.13  ? 30  LYS A C   1 
ATOM   213  O  O   . LYS A 1 30  ? 4.231   -3.095  -14.201 1.00 14.18  ? 30  LYS A O   1 
ATOM   214  C  CB  . LYS A 1 30  ? 3.532   -2.642  -17.426 1.00 16.01  ? 30  LYS A CB  1 
ATOM   215  C  CG  . LYS A 1 30  ? 3.079   -3.181  -18.755 1.00 16.83  ? 30  LYS A CG  1 
ATOM   216  C  CD  . LYS A 1 30  ? 3.584   -2.285  -19.891 1.00 11.84  ? 30  LYS A CD  1 
ATOM   217  C  CE  . LYS A 1 30  ? 2.443   -1.810  -20.776 1.00 15.65  ? 30  LYS A CE  1 
ATOM   218  N  NZ  . LYS A 1 30  ? 1.133   -2.411  -20.349 1.00 14.41  ? 30  LYS A NZ  1 
ATOM   219  N  N   . GLU A 1 31  ? 2.807   -1.422  -14.702 1.00 10.58  ? 31  GLU A N   1 
ATOM   220  C  CA  . GLU A 1 31  ? 3.145   -0.628  -13.513 1.00 11.64  ? 31  GLU A CA  1 
ATOM   221  C  C   . GLU A 1 31  ? 2.729   -1.340  -12.215 1.00 12.82  ? 31  GLU A C   1 
ATOM   222  O  O   . GLU A 1 31  ? 3.447   -1.287  -11.217 1.00 17.89  ? 31  GLU A O   1 
ATOM   223  C  CB  . GLU A 1 31  ? 2.498   0.760   -13.595 1.00 13.58  ? 31  GLU A CB  1 
ATOM   224  C  CG  . GLU A 1 31  ? 2.840   1.510   -14.883 1.00 8.60   ? 31  GLU A CG  1 
ATOM   225  C  CD  . GLU A 1 31  ? 2.249   2.908   -14.958 1.00 5.09   ? 31  GLU A CD  1 
ATOM   226  O  OE1 . GLU A 1 31  ? 1.028   3.069   -14.744 1.00 11.72  ? 31  GLU A OE1 1 
ATOM   227  O  OE2 . GLU A 1 31  ? 3.009   3.863   -15.244 1.00 18.71  ? 31  GLU A OE2 1 
ATOM   228  N  N   . LEU A 1 32  ? 1.583   -2.015  -12.231 1.00 6.90   ? 32  LEU A N   1 
ATOM   229  C  CA  . LEU A 1 32  ? 1.120   -2.762  -11.060 1.00 8.29   ? 32  LEU A CA  1 
ATOM   230  C  C   . LEU A 1 32  ? 2.076   -3.918  -10.776 1.00 9.24   ? 32  LEU A C   1 
ATOM   231  O  O   . LEU A 1 32  ? 2.422   -4.189  -9.617  1.00 6.38   ? 32  LEU A O   1 
ATOM   232  C  CB  . LEU A 1 32  ? -0.281  -3.331  -11.300 1.00 11.42  ? 32  LEU A CB  1 
ATOM   233  C  CG  . LEU A 1 32  ? -0.988  -4.053  -10.139 1.00 14.40  ? 32  LEU A CG  1 
ATOM   234  C  CD1 . LEU A 1 32  ? -1.036  -3.166  -8.884  1.00 7.96   ? 32  LEU A CD1 1 
ATOM   235  C  CD2 . LEU A 1 32  ? -2.403  -4.416  -10.583 1.00 4.15   ? 32  LEU A CD2 1 
ATOM   236  N  N   . GLY A 1 33  ? 2.489   -4.598  -11.842 1.00 13.00  ? 33  GLY A N   1 
ATOM   237  C  CA  . GLY A 1 33  ? 3.402   -5.722  -11.712 1.00 12.15  ? 33  GLY A CA  1 
ATOM   238  C  C   . GLY A 1 33  ? 4.727   -5.338  -11.078 1.00 16.05  ? 33  GLY A C   1 
ATOM   239  O  O   . GLY A 1 33  ? 5.204   -6.008  -10.161 1.00 19.45  ? 33  GLY A O   1 
ATOM   240  N  N   . THR A 1 34  ? 5.329   -4.250  -11.543 1.00 10.74  ? 34  THR A N   1 
ATOM   241  C  CA  . THR A 1 34  ? 6.604   -3.851  -10.986 1.00 14.18  ? 34  THR A CA  1 
ATOM   242  C  C   . THR A 1 34  ? 6.500   -3.543  -9.502  1.00 13.22  ? 34  THR A C   1 
ATOM   243  O  O   . THR A 1 34  ? 7.427   -3.832  -8.742  1.00 16.11  ? 34  THR A O   1 
ATOM   244  C  CB  . THR A 1 34  ? 7.210   -2.654  -11.751 1.00 9.11   ? 34  THR A CB  1 
ATOM   245  O  OG1 . THR A 1 34  ? 6.555   -1.445  -11.369 1.00 24.69  ? 34  THR A OG1 1 
ATOM   246  C  CG2 . THR A 1 34  ? 7.057   -2.866  -13.236 1.00 3.29   ? 34  THR A CG2 1 
ATOM   247  N  N   . VAL A 1 35  ? 5.376   -2.976  -9.078  1.00 19.46  ? 35  VAL A N   1 
ATOM   248  C  CA  . VAL A 1 35  ? 5.204   -2.665  -7.659  1.00 18.15  ? 35  VAL A CA  1 
ATOM   249  C  C   . VAL A 1 35  ? 5.029   -3.979  -6.912  1.00 21.39  ? 35  VAL A C   1 
ATOM   250  O  O   . VAL A 1 35  ? 5.641   -4.200  -5.867  1.00 19.98  ? 35  VAL A O   1 
ATOM   251  C  CB  . VAL A 1 35  ? 3.964   -1.769  -7.403  1.00 12.06  ? 35  VAL A CB  1 
ATOM   252  C  CG1 . VAL A 1 35  ? 3.549   -1.861  -5.942  1.00 6.42   ? 35  VAL A CG1 1 
ATOM   253  C  CG2 . VAL A 1 35  ? 4.279   -0.321  -7.764  1.00 6.78   ? 35  VAL A CG2 1 
ATOM   254  N  N   . MET A 1 36  ? 4.194   -4.857  -7.459  1.00 23.05  ? 36  MET A N   1 
ATOM   255  C  CA  . MET A 1 36  ? 3.959   -6.147  -6.834  1.00 20.42  ? 36  MET A CA  1 
ATOM   256  C  C   . MET A 1 36  ? 5.302   -6.824  -6.582  1.00 19.66  ? 36  MET A C   1 
ATOM   257  O  O   . MET A 1 36  ? 5.575   -7.296  -5.482  1.00 22.64  ? 36  MET A O   1 
ATOM   258  C  CB  . MET A 1 36  ? 3.099   -7.030  -7.738  1.00 22.63  ? 36  MET A CB  1 
ATOM   259  C  CG  . MET A 1 36  ? 1.651   -6.605  -7.829  1.00 30.03  ? 36  MET A CG  1 
ATOM   260  S  SD  . MET A 1 36  ? 0.820   -6.488  -6.231  1.00 35.64  ? 36  MET A SD  1 
ATOM   261  C  CE  . MET A 1 36  ? 0.595   -8.219  -5.826  1.00 32.77  ? 36  MET A CE  1 
ATOM   262  N  N   . ARG A 1 37  ? 6.146   -6.863  -7.606  1.00 20.60  ? 37  ARG A N   1 
ATOM   263  C  CA  . ARG A 1 37  ? 7.450   -7.493  -7.474  1.00 17.99  ? 37  ARG A CA  1 
ATOM   264  C  C   . ARG A 1 37  ? 8.322   -6.786  -6.440  1.00 17.23  ? 37  ARG A C   1 
ATOM   265  O  O   . ARG A 1 37  ? 8.977   -7.441  -5.642  1.00 20.22  ? 37  ARG A O   1 
ATOM   266  C  CB  . ARG A 1 37  ? 8.157   -7.547  -8.839  1.00 17.16  ? 37  ARG A CB  1 
ATOM   267  C  CG  . ARG A 1 37  ? 7.568   -8.596  -9.802  1.00 13.11  ? 37  ARG A CG  1 
ATOM   268  C  CD  . ARG A 1 37  ? 8.488   -8.894  -10.979 1.00 5.30   ? 37  ARG A CD  1 
ATOM   269  N  NE  . ARG A 1 37  ? 8.349   -7.902  -12.046 1.00 7.73   ? 37  ARG A NE  1 
ATOM   270  C  CZ  . ARG A 1 37  ? 7.187   -7.524  -12.570 1.00 5.79   ? 37  ARG A CZ  1 
ATOM   271  N  NH1 . ARG A 1 37  ? 6.058   -8.059  -12.126 1.00 10.49  ? 37  ARG A NH1 1 
ATOM   272  N  NH2 . ARG A 1 37  ? 7.149   -6.599  -13.524 1.00 6.16   ? 37  ARG A NH2 1 
ATOM   273  N  N   . SER A 1 38  ? 8.332   -5.454  -6.430  1.00 20.76  ? 38  SER A N   1 
ATOM   274  C  CA  . SER A 1 38  ? 9.152   -4.750  -5.442  1.00 22.05  ? 38  SER A CA  1 
ATOM   275  C  C   . SER A 1 38  ? 8.755   -5.207  -4.047  1.00 21.37  ? 38  SER A C   1 
ATOM   276  O  O   . SER A 1 38  ? 9.576   -5.215  -3.129  1.00 25.64  ? 38  SER A O   1 
ATOM   277  C  CB  . SER A 1 38  ? 9.011   -3.220  -5.558  1.00 13.42  ? 38  SER A CB  1 
ATOM   278  O  OG  . SER A 1 38  ? 7.663   -2.790  -5.525  1.00 23.23  ? 38  SER A OG  1 
ATOM   279  N  N   . LEU A 1 39  ? 7.494   -5.609  -3.908  1.00 24.50  ? 39  LEU A N   1 
ATOM   280  C  CA  . LEU A 1 39  ? 6.952   -6.083  -2.636  1.00 20.22  ? 39  LEU A CA  1 
ATOM   281  C  C   . LEU A 1 39  ? 6.973   -7.603  -2.528  1.00 16.35  ? 39  LEU A C   1 
ATOM   282  O  O   . LEU A 1 39  ? 6.105   -8.202  -1.896  1.00 17.23  ? 39  LEU A O   1 
ATOM   283  C  CB  . LEU A 1 39  ? 5.521   -5.586  -2.457  1.00 16.47  ? 39  LEU A CB  1 
ATOM   284  C  CG  . LEU A 1 39  ? 5.351   -4.072  -2.513  1.00 15.97  ? 39  LEU A CG  1 
ATOM   285  C  CD1 . LEU A 1 39  ? 3.878   -3.712  -2.408  1.00 9.31   ? 39  LEU A CD1 1 
ATOM   286  C  CD2 . LEU A 1 39  ? 6.142   -3.444  -1.375  1.00 11.82  ? 39  LEU A CD2 1 
ATOM   287  N  N   . GLY A 1 40  ? 7.957   -8.221  -3.167  1.00 13.42  ? 40  GLY A N   1 
ATOM   288  C  CA  . GLY A 1 40  ? 8.095   -9.666  -3.106  1.00 15.10  ? 40  GLY A CA  1 
ATOM   289  C  C   . GLY A 1 40  ? 6.949   -10.527 -3.603  1.00 14.20  ? 40  GLY A C   1 
ATOM   290  O  O   . GLY A 1 40  ? 6.919   -11.726 -3.337  1.00 20.51  ? 40  GLY A O   1 
ATOM   291  N  N   . GLN A 1 41  ? 6.005   -9.931  -4.316  1.00 20.21  ? 41  GLN A N   1 
ATOM   292  C  CA  . GLN A 1 41  ? 4.875   -10.676 -4.860  1.00 20.64  ? 41  GLN A CA  1 
ATOM   293  C  C   . GLN A 1 41  ? 5.183   -11.009 -6.319  1.00 25.89  ? 41  GLN A C   1 
ATOM   294  O  O   . GLN A 1 41  ? 5.902   -10.265 -6.988  1.00 23.52  ? 41  GLN A O   1 
ATOM   295  C  CB  . GLN A 1 41  ? 3.607   -9.831  -4.785  1.00 23.18  ? 41  GLN A CB  1 
ATOM   296  C  CG  . GLN A 1 41  ? 3.304   -9.320  -3.401  1.00 29.42  ? 41  GLN A CG  1 
ATOM   297  C  CD  . GLN A 1 41  ? 3.003   -10.439 -2.436  1.00 33.25  ? 41  GLN A CD  1 
ATOM   298  O  OE1 . GLN A 1 41  ? 1.890   -10.958 -2.405  1.00 40.04  ? 41  GLN A OE1 1 
ATOM   299  N  NE2 . GLN A 1 41  ? 3.995   -10.822 -1.640  1.00 31.14  ? 41  GLN A NE2 1 
ATOM   300  N  N   . ASN A 1 42  ? 4.635   -12.112 -6.819  1.00 28.30  ? 42  ASN A N   1 
ATOM   301  C  CA  . ASN A 1 42  ? 4.896   -12.493 -8.197  1.00 29.55  ? 42  ASN A CA  1 
ATOM   302  C  C   . ASN A 1 42  ? 3.670   -12.933 -8.977  1.00 27.06  ? 42  ASN A C   1 
ATOM   303  O  O   . ASN A 1 42  ? 3.569   -14.081 -9.411  1.00 30.53  ? 42  ASN A O   1 
ATOM   304  C  CB  . ASN A 1 42  ? 5.958   -13.592 -8.241  1.00 39.60  ? 42  ASN A CB  1 
ATOM   305  C  CG  . ASN A 1 42  ? 7.301   -13.120 -7.719  1.00 49.00  ? 42  ASN A CG  1 
ATOM   306  O  OD1 . ASN A 1 42  ? 7.647   -13.361 -6.561  1.00 56.63  ? 42  ASN A OD1 1 
ATOM   307  N  ND2 . ASN A 1 42  ? 8.063   -12.439 -8.569  1.00 56.24  ? 42  ASN A ND2 1 
ATOM   308  N  N   . PRO A 1 43  ? 2.719   -12.014 -9.173  1.00 23.19  ? 43  PRO A N   1 
ATOM   309  C  CA  . PRO A 1 43  ? 1.500   -12.334 -9.920  1.00 21.21  ? 43  PRO A CA  1 
ATOM   310  C  C   . PRO A 1 43  ? 1.819   -12.529 -11.400 1.00 24.40  ? 43  PRO A C   1 
ATOM   311  O  O   . PRO A 1 43  ? 2.858   -12.076 -11.884 1.00 26.97  ? 43  PRO A O   1 
ATOM   312  C  CB  . PRO A 1 43  ? 0.615   -11.118 -9.697  1.00 20.56  ? 43  PRO A CB  1 
ATOM   313  C  CG  . PRO A 1 43  ? 1.588   -9.995  -9.451  1.00 21.54  ? 43  PRO A CG  1 
ATOM   314  C  CD  . PRO A 1 43  ? 2.731   -10.616 -8.704  1.00 22.91  ? 43  PRO A CD  1 
ATOM   315  N  N   . THR A 1 44  ? 0.930   -13.208 -12.113 1.00 21.00  ? 44  THR A N   1 
ATOM   316  C  CA  . THR A 1 44  ? 1.121   -13.431 -13.536 1.00 17.39  ? 44  THR A CA  1 
ATOM   317  C  C   . THR A 1 44  ? 0.397   -12.318 -14.253 1.00 9.79   ? 44  THR A C   1 
ATOM   318  O  O   . THR A 1 44  ? -0.309  -11.544 -13.627 1.00 16.80  ? 44  THR A O   1 
ATOM   319  C  CB  . THR A 1 44  ? 0.517   -14.765 -13.988 1.00 19.96  ? 44  THR A CB  1 
ATOM   320  O  OG1 . THR A 1 44  ? -0.881  -14.782 -13.682 1.00 17.04  ? 44  THR A OG1 1 
ATOM   321  C  CG2 . THR A 1 44  ? 1.211   -15.916 -13.295 1.00 2.00   ? 44  THR A CG2 1 
ATOM   322  N  N   . GLU A 1 45  ? 0.571   -12.228 -15.563 1.00 10.89  ? 45  GLU A N   1 
ATOM   323  C  CA  . GLU A 1 45  ? -0.100  -11.185 -16.321 1.00 11.45  ? 45  GLU A CA  1 
ATOM   324  C  C   . GLU A 1 45  ? -1.593  -11.314 -16.035 1.00 12.52  ? 45  GLU A C   1 
ATOM   325  O  O   . GLU A 1 45  ? -2.262  -10.336 -15.686 1.00 7.24   ? 45  GLU A O   1 
ATOM   326  C  CB  . GLU A 1 45  ? 0.203   -11.340 -17.824 1.00 8.96   ? 45  GLU A CB  1 
ATOM   327  C  CG  . GLU A 1 45  ? -0.586  -12.424 -18.539 1.00 18.50  ? 45  GLU A CG  1 
ATOM   328  C  CD  . GLU A 1 45  ? 0.075   -13.794 -18.474 1.00 19.92  ? 45  GLU A CD  1 
ATOM   329  O  OE1 . GLU A 1 45  ? 1.315   -13.874 -18.581 1.00 28.82  ? 45  GLU A OE1 1 
ATOM   330  O  OE2 . GLU A 1 45  ? -0.652  -14.796 -18.323 1.00 28.61  ? 45  GLU A OE2 1 
ATOM   331  N  N   . ALA A 1 46  ? -2.097  -12.541 -16.143 1.00 15.44  ? 46  ALA A N   1 
ATOM   332  C  CA  . ALA A 1 46  ? -3.508  -12.827 -15.894 1.00 13.69  ? 46  ALA A CA  1 
ATOM   333  C  C   . ALA A 1 46  ? -3.970  -12.248 -14.559 1.00 11.25  ? 46  ALA A C   1 
ATOM   334  O  O   . ALA A 1 46  ? -4.960  -11.530 -14.490 1.00 15.61  ? 46  ALA A O   1 
ATOM   335  C  CB  . ALA A 1 46  ? -3.729  -14.313 -15.905 1.00 17.17  ? 46  ALA A CB  1 
ATOM   336  N  N   . GLU A 1 47  ? -3.257  -12.576 -13.491 1.00 16.96  ? 47  GLU A N   1 
ATOM   337  C  CA  . GLU A 1 47  ? -3.603  -12.067 -12.168 1.00 15.52  ? 47  GLU A CA  1 
ATOM   338  C  C   . GLU A 1 47  ? -3.490  -10.549 -12.136 1.00 15.45  ? 47  GLU A C   1 
ATOM   339  O  O   . GLU A 1 47  ? -4.360  -9.870  -11.595 1.00 17.26  ? 47  GLU A O   1 
ATOM   340  C  CB  . GLU A 1 47  ? -2.692  -12.689 -11.113 1.00 16.69  ? 47  GLU A CB  1 
ATOM   341  C  CG  . GLU A 1 47  ? -3.036  -14.141 -10.797 1.00 19.04  ? 47  GLU A CG  1 
ATOM   342  C  CD  . GLU A 1 47  ? -1.868  -14.909 -10.226 1.00 26.21  ? 47  GLU A CD  1 
ATOM   343  O  OE1 . GLU A 1 47  ? -0.849  -14.282 -9.864  1.00 28.67  ? 47  GLU A OE1 1 
ATOM   344  O  OE2 . GLU A 1 47  ? -1.970  -16.149 -10.136 1.00 38.29  ? 47  GLU A OE2 1 
ATOM   345  N  N   . LEU A 1 48  ? -2.421  -10.011 -12.717 1.00 14.98  ? 48  LEU A N   1 
ATOM   346  C  CA  . LEU A 1 48  ? -2.252  -8.564  -12.755 1.00 14.48  ? 48  LEU A CA  1 
ATOM   347  C  C   . LEU A 1 48  ? -3.513  -8.013  -13.411 1.00 14.14  ? 48  LEU A C   1 
ATOM   348  O  O   . LEU A 1 48  ? -4.156  -7.102  -12.891 1.00 10.38  ? 48  LEU A O   1 
ATOM   349  C  CB  . LEU A 1 48  ? -1.020  -8.188  -13.580 1.00 13.96  ? 48  LEU A CB  1 
ATOM   350  C  CG  . LEU A 1 48  ? 0.359   -8.341  -12.931 1.00 10.08  ? 48  LEU A CG  1 
ATOM   351  C  CD1 . LEU A 1 48  ? 1.391   -7.801  -13.884 1.00 4.69   ? 48  LEU A CD1 1 
ATOM   352  C  CD2 . LEU A 1 48  ? 0.428   -7.604  -11.598 1.00 8.22   ? 48  LEU A CD2 1 
ATOM   353  N  N   . GLN A 1 49  ? -3.865  -8.597  -14.553 1.00 17.77  ? 49  GLN A N   1 
ATOM   354  C  CA  . GLN A 1 49  ? -5.064  -8.219  -15.306 1.00 17.33  ? 49  GLN A CA  1 
ATOM   355  C  C   . GLN A 1 49  ? -6.348  -8.329  -14.465 1.00 18.09  ? 49  GLN A C   1 
ATOM   356  O  O   . GLN A 1 49  ? -7.269  -7.525  -14.614 1.00 14.26  ? 49  GLN A O   1 
ATOM   357  C  CB  . GLN A 1 49  ? -5.190  -9.113  -16.536 1.00 10.25  ? 49  GLN A CB  1 
ATOM   358  C  CG  . GLN A 1 49  ? -5.528  -8.358  -17.792 1.00 20.08  ? 49  GLN A CG  1 
ATOM   359  C  CD  . GLN A 1 49  ? -4.840  -8.922  -19.008 1.00 17.41  ? 49  GLN A CD  1 
ATOM   360  O  OE1 . GLN A 1 49  ? -4.313  -8.176  -19.834 1.00 19.18  ? 49  GLN A OE1 1 
ATOM   361  N  NE2 . GLN A 1 49  ? -4.840  -10.245 -19.131 1.00 15.97  ? 49  GLN A NE2 1 
ATOM   362  N  N   . ASP A 1 50  ? -6.409  -9.330  -13.591 1.00 19.06  ? 50  ASP A N   1 
ATOM   363  C  CA  . ASP A 1 50  ? -7.573  -9.513  -12.733 1.00 21.29  ? 50  ASP A CA  1 
ATOM   364  C  C   . ASP A 1 50  ? -7.611  -8.448  -11.649 1.00 15.35  ? 50  ASP A C   1 
ATOM   365  O  O   . ASP A 1 50  ? -8.675  -7.934  -11.331 1.00 22.85  ? 50  ASP A O   1 
ATOM   366  C  CB  . ASP A 1 50  ? -7.560  -10.892 -12.074 1.00 27.87  ? 50  ASP A CB  1 
ATOM   367  C  CG  . ASP A 1 50  ? -7.823  -12.016 -13.059 1.00 37.71  ? 50  ASP A CG  1 
ATOM   368  O  OD1 . ASP A 1 50  ? -8.185  -11.723 -14.217 1.00 40.06  ? 50  ASP A OD1 1 
ATOM   369  O  OD2 . ASP A 1 50  ? -7.663  -13.196 -12.672 1.00 42.89  ? 50  ASP A OD2 1 
ATOM   370  N  N   . MET A 1 51  ? -6.457  -8.109  -11.083 1.00 16.30  ? 51  MET A N   1 
ATOM   371  C  CA  . MET A 1 51  ? -6.404  -7.091  -10.033 1.00 16.67  ? 51  MET A CA  1 
ATOM   372  C  C   . MET A 1 51  ? -6.892  -5.727  -10.534 1.00 21.45  ? 51  MET A C   1 
ATOM   373  O  O   . MET A 1 51  ? -7.609  -5.004  -9.817  1.00 15.00  ? 51  MET A O   1 
ATOM   374  C  CB  . MET A 1 51  ? -4.978  -6.966  -9.489  1.00 16.12  ? 51  MET A CB  1 
ATOM   375  C  CG  . MET A 1 51  ? -4.593  -8.100  -8.554  1.00 27.61  ? 51  MET A CG  1 
ATOM   376  S  SD  . MET A 1 51  ? -2.822  -8.416  -8.417  1.00 25.85  ? 51  MET A SD  1 
ATOM   377  C  CE  . MET A 1 51  ? -2.322  -6.987  -7.469  1.00 26.92  ? 51  MET A CE  1 
ATOM   378  N  N   . ILE A 1 52  ? -6.518  -5.395  -11.771 1.00 15.88  ? 52  ILE A N   1 
ATOM   379  C  CA  . ILE A 1 52  ? -6.888  -4.124  -12.385 1.00 19.57  ? 52  ILE A CA  1 
ATOM   380  C  C   . ILE A 1 52  ? -8.325  -4.075  -12.901 1.00 25.85  ? 52  ILE A C   1 
ATOM   381  O  O   . ILE A 1 52  ? -8.976  -3.029  -12.859 1.00 23.06  ? 52  ILE A O   1 
ATOM   382  C  CB  . ILE A 1 52  ? -5.926  -3.782  -13.549 1.00 19.64  ? 52  ILE A CB  1 
ATOM   383  C  CG1 . ILE A 1 52  ? -4.550  -3.420  -12.984 1.00 8.07   ? 52  ILE A CG1 1 
ATOM   384  C  CG2 . ILE A 1 52  ? -6.489  -2.628  -14.385 1.00 16.66  ? 52  ILE A CG2 1 
ATOM   385  C  CD1 . ILE A 1 52  ? -3.984  -2.161  -13.528 1.00 5.31   ? 52  ILE A CD1 1 
ATOM   386  N  N   . ASN A 1 53  ? -8.817  -5.199  -13.400 1.00 32.45  ? 53  ASN A N   1 
ATOM   387  C  CA  . ASN A 1 53  ? -10.179 -5.246  -13.908 1.00 32.89  ? 53  ASN A CA  1 
ATOM   388  C  C   . ASN A 1 53  ? -11.152 -5.002  -12.763 1.00 33.10  ? 53  ASN A C   1 
ATOM   389  O  O   . ASN A 1 53  ? -12.084 -4.210  -12.893 1.00 35.50  ? 53  ASN A O   1 
ATOM   390  C  CB  . ASN A 1 53  ? -10.460 -6.604  -14.554 1.00 38.29  ? 53  ASN A CB  1 
ATOM   391  C  CG  . ASN A 1 53  ? -10.017 -6.662  -16.007 1.00 40.69  ? 53  ASN A CG  1 
ATOM   392  O  OD1 . ASN A 1 53  ? -9.528  -7.691  -16.481 1.00 40.62  ? 53  ASN A OD1 1 
ATOM   393  N  ND2 . ASN A 1 53  ? -10.188 -5.552  -16.723 1.00 45.63  ? 53  ASN A ND2 1 
ATOM   394  N  N   . GLU A 1 54  ? -10.918 -5.678  -11.640 1.00 31.89  ? 54  GLU A N   1 
ATOM   395  C  CA  . GLU A 1 54  ? -11.768 -5.552  -10.452 1.00 34.90  ? 54  GLU A CA  1 
ATOM   396  C  C   . GLU A 1 54  ? -11.979 -4.111  -9.987  1.00 34.92  ? 54  GLU A C   1 
ATOM   397  O  O   . GLU A 1 54  ? -13.023 -3.772  -9.430  1.00 40.24  ? 54  GLU A O   1 
ATOM   398  C  CB  . GLU A 1 54  ? -11.170 -6.354  -9.298  1.00 37.03  ? 54  GLU A CB  1 
ATOM   399  C  CG  . GLU A 1 54  ? -11.412 -7.843  -9.399  1.00 54.36  ? 54  GLU A CG  1 
ATOM   400  C  CD  . GLU A 1 54  ? -12.275 -8.372  -8.271  1.00 63.20  ? 54  GLU A CD  1 
ATOM   401  O  OE1 . GLU A 1 54  ? -11.775 -8.458  -7.128  1.00 72.63  ? 54  GLU A OE1 1 
ATOM   402  O  OE2 . GLU A 1 54  ? -13.452 -8.702  -8.531  1.00 65.83  ? 54  GLU A OE2 1 
ATOM   403  N  N   . VAL A 1 55  ? -10.984 -3.266  -10.213 1.00 30.22  ? 55  VAL A N   1 
ATOM   404  C  CA  . VAL A 1 55  ? -11.063 -1.883  -9.798  1.00 22.65  ? 55  VAL A CA  1 
ATOM   405  C  C   . VAL A 1 55  ? -11.369 -0.965  -10.977 1.00 25.55  ? 55  VAL A C   1 
ATOM   406  O  O   . VAL A 1 55  ? -11.762 0.183   -10.789 1.00 23.58  ? 55  VAL A O   1 
ATOM   407  C  CB  . VAL A 1 55  ? -9.739  -1.454  -9.099  1.00 25.73  ? 55  VAL A CB  1 
ATOM   408  C  CG1 . VAL A 1 55  ? -8.785  -2.625  -9.043  1.00 23.24  ? 55  VAL A CG1 1 
ATOM   409  C  CG2 . VAL A 1 55  ? -9.092  -0.294  -9.834  1.00 30.77  ? 55  VAL A CG2 1 
ATOM   410  N  N   . ASP A 1 56  ? -11.197 -1.475  -12.192 1.00 29.97  ? 56  ASP A N   1 
ATOM   411  C  CA  . ASP A 1 56  ? -11.465 -0.686  -13.398 1.00 28.02  ? 56  ASP A CA  1 
ATOM   412  C  C   . ASP A 1 56  ? -12.959 -0.394  -13.544 1.00 30.12  ? 56  ASP A C   1 
ATOM   413  O  O   . ASP A 1 56  ? -13.660 -1.032  -14.327 1.00 33.04  ? 56  ASP A O   1 
ATOM   414  C  CB  . ASP A 1 56  ? -10.966 -1.427  -14.639 1.00 26.45  ? 56  ASP A CB  1 
ATOM   415  C  CG  . ASP A 1 56  ? -10.966 -0.555  -15.875 1.00 25.95  ? 56  ASP A CG  1 
ATOM   416  O  OD1 . ASP A 1 56  ? -10.819 0.676   -15.723 1.00 27.01  ? 56  ASP A OD1 1 
ATOM   417  O  OD2 . ASP A 1 56  ? -11.109 -1.094  -16.993 1.00 26.60  ? 56  ASP A OD2 1 
ATOM   418  N  N   . ALA A 1 57  ? -13.434 0.581   -12.785 1.00 30.55  ? 57  ALA A N   1 
ATOM   419  C  CA  . ALA A 1 57  ? -14.839 0.968   -12.810 1.00 33.80  ? 57  ALA A CA  1 
ATOM   420  C  C   . ALA A 1 57  ? -15.354 1.383   -14.189 1.00 35.90  ? 57  ALA A C   1 
ATOM   421  O  O   . ALA A 1 57  ? -16.517 1.139   -14.515 1.00 37.57  ? 57  ALA A O   1 
ATOM   422  C  CB  . ALA A 1 57  ? -15.071 2.094   -11.818 1.00 29.69  ? 57  ALA A CB  1 
ATOM   423  N  N   . ASP A 1 58  ? -14.500 2.008   -14.996 1.00 33.97  ? 58  ASP A N   1 
ATOM   424  C  CA  . ASP A 1 58  ? -14.908 2.457   -16.324 1.00 30.82  ? 58  ASP A CA  1 
ATOM   425  C  C   . ASP A 1 58  ? -14.399 1.582   -17.470 1.00 33.07  ? 58  ASP A C   1 
ATOM   426  O  O   . ASP A 1 58  ? -14.298 2.036   -18.609 1.00 42.27  ? 58  ASP A O   1 
ATOM   427  C  CB  . ASP A 1 58  ? -14.458 3.907   -16.539 1.00 27.77  ? 58  ASP A CB  1 
ATOM   428  C  CG  . ASP A 1 58  ? -13.049 4.010   -17.105 1.00 36.26  ? 58  ASP A CG  1 
ATOM   429  O  OD1 . ASP A 1 58  ? -12.163 3.227   -16.694 1.00 34.17  ? 58  ASP A OD1 1 
ATOM   430  O  OD2 . ASP A 1 58  ? -12.826 4.888   -17.965 1.00 43.72  ? 58  ASP A OD2 1 
ATOM   431  N  N   . GLY A 1 59  ? -14.083 0.327   -17.169 1.00 30.05  ? 59  GLY A N   1 
ATOM   432  C  CA  . GLY A 1 59  ? -13.594 -0.586  -18.188 1.00 25.39  ? 59  GLY A CA  1 
ATOM   433  C  C   . GLY A 1 59  ? -12.566 -0.064  -19.185 1.00 25.87  ? 59  GLY A C   1 
ATOM   434  O  O   . GLY A 1 59  ? -12.295 -0.739  -20.173 1.00 24.04  ? 59  GLY A O   1 
ATOM   435  N  N   . ASN A 1 60  ? -11.984 1.110   -18.942 1.00 32.01  ? 60  ASN A N   1 
ATOM   436  C  CA  . ASN A 1 60  ? -10.984 1.677   -19.861 1.00 31.08  ? 60  ASN A CA  1 
ATOM   437  C  C   . ASN A 1 60  ? -9.713  0.833   -19.987 1.00 29.44  ? 60  ASN A C   1 
ATOM   438  O  O   . ASN A 1 60  ? -8.921  1.027   -20.907 1.00 29.77  ? 60  ASN A O   1 
ATOM   439  C  CB  . ASN A 1 60  ? -10.606 3.119   -19.451 1.00 30.96  ? 60  ASN A CB  1 
ATOM   440  C  CG  . ASN A 1 60  ? -9.953  3.199   -18.069 1.00 37.90  ? 60  ASN A CG  1 
ATOM   441  O  OD1 . ASN A 1 60  ? -9.465  2.198   -17.540 1.00 40.87  ? 60  ASN A OD1 1 
ATOM   442  N  ND2 . ASN A 1 60  ? -9.944  4.400   -17.479 1.00 27.24  ? 60  ASN A ND2 1 
ATOM   443  N  N   . GLY A 1 61  ? -9.516  -0.104  -19.065 1.00 28.47  ? 61  GLY A N   1 
ATOM   444  C  CA  . GLY A 1 61  ? -8.331  -0.944  -19.131 1.00 30.91  ? 61  GLY A CA  1 
ATOM   445  C  C   . GLY A 1 61  ? -7.279  -0.615  -18.088 1.00 29.93  ? 61  GLY A C   1 
ATOM   446  O  O   . GLY A 1 61  ? -6.540  -1.494  -17.640 1.00 26.59  ? 61  GLY A O   1 
ATOM   447  N  N   . THR A 1 62  ? -7.202  0.657   -17.708 1.00 31.09  ? 62  THR A N   1 
ATOM   448  C  CA  . THR A 1 62  ? -6.246  1.105   -16.705 1.00 27.43  ? 62  THR A CA  1 
ATOM   449  C  C   . THR A 1 62  ? -6.981  1.686   -15.512 1.00 26.81  ? 62  THR A C   1 
ATOM   450  O  O   . THR A 1 62  ? -8.216  1.742   -15.486 1.00 26.45  ? 62  THR A O   1 
ATOM   451  C  CB  . THR A 1 62  ? -5.298  2.184   -17.247 1.00 23.96  ? 62  THR A CB  1 
ATOM   452  O  OG1 . THR A 1 62  ? -6.068  3.272   -17.780 1.00 21.61  ? 62  THR A OG1 1 
ATOM   453  C  CG2 . THR A 1 62  ? -4.402  1.605   -18.323 1.00 13.03  ? 62  THR A CG2 1 
ATOM   454  N  N   . ILE A 1 63  ? -6.207  2.136   -14.532 1.00 23.57  ? 63  ILE A N   1 
ATOM   455  C  CA  . ILE A 1 63  ? -6.763  2.699   -13.312 1.00 22.51  ? 63  ILE A CA  1 
ATOM   456  C  C   . ILE A 1 63  ? -6.403  4.168   -13.137 1.00 20.83  ? 63  ILE A C   1 
ATOM   457  O  O   . ILE A 1 63  ? -5.235  4.512   -12.985 1.00 25.82  ? 63  ILE A O   1 
ATOM   458  C  CB  . ILE A 1 63  ? -6.257  1.907   -12.083 1.00 16.70  ? 63  ILE A CB  1 
ATOM   459  C  CG1 . ILE A 1 63  ? -6.592  0.426   -12.255 1.00 5.37   ? 63  ILE A CG1 1 
ATOM   460  C  CG2 . ILE A 1 63  ? -6.860  2.462   -10.807 1.00 4.68   ? 63  ILE A CG2 1 
ATOM   461  C  CD1 . ILE A 1 63  ? -8.027  0.161   -12.607 1.00 3.58   ? 63  ILE A CD1 1 
ATOM   462  N  N   . ASP A 1 64  ? -7.401  5.038   -13.178 1.00 17.71  ? 64  ASP A N   1 
ATOM   463  C  CA  . ASP A 1 64  ? -7.142  6.452   -12.982 1.00 21.67  ? 64  ASP A CA  1 
ATOM   464  C  C   . ASP A 1 64  ? -7.286  6.686   -11.483 1.00 23.40  ? 64  ASP A C   1 
ATOM   465  O  O   . ASP A 1 64  ? -7.692  5.781   -10.750 1.00 22.64  ? 64  ASP A O   1 
ATOM   466  C  CB  . ASP A 1 64  ? -8.142  7.310   -13.767 1.00 22.99  ? 64  ASP A CB  1 
ATOM   467  C  CG  . ASP A 1 64  ? -9.586  7.034   -13.381 1.00 28.28  ? 64  ASP A CG  1 
ATOM   468  O  OD1 . ASP A 1 64  ? -9.821  6.417   -12.318 1.00 30.69  ? 64  ASP A OD1 1 
ATOM   469  O  OD2 . ASP A 1 64  ? -10.489 7.440   -14.145 1.00 21.10  ? 64  ASP A OD2 1 
ATOM   470  N  N   . PHE A 1 65  ? -6.959  7.892   -11.031 1.00 24.66  ? 65  PHE A N   1 
ATOM   471  C  CA  . PHE A 1 65  ? -7.041  8.214   -9.615  1.00 19.73  ? 65  PHE A CA  1 
ATOM   472  C  C   . PHE A 1 65  ? -8.412  7.959   -9.010  1.00 21.50  ? 65  PHE A C   1 
ATOM   473  O  O   . PHE A 1 65  ? -8.534  7.288   -7.981  1.00 17.94  ? 65  PHE A O   1 
ATOM   474  C  CB  . PHE A 1 65  ? -6.656  9.672   -9.372  1.00 13.42  ? 65  PHE A CB  1 
ATOM   475  C  CG  . PHE A 1 65  ? -6.659  10.058  -7.909  1.00 18.29  ? 65  PHE A CG  1 
ATOM   476  C  CD1 . PHE A 1 65  ? -5.877  9.358   -6.990  1.00 6.88   ? 65  PHE A CD1 1 
ATOM   477  C  CD2 . PHE A 1 65  ? -7.422  11.134  -7.455  1.00 11.77  ? 65  PHE A CD2 1 
ATOM   478  C  CE1 . PHE A 1 65  ? -5.853  9.727   -5.650  1.00 13.42  ? 65  PHE A CE1 1 
ATOM   479  C  CE2 . PHE A 1 65  ? -7.403  11.512  -6.116  1.00 6.30   ? 65  PHE A CE2 1 
ATOM   480  C  CZ  . PHE A 1 65  ? -6.616  10.808  -5.211  1.00 7.73   ? 65  PHE A CZ  1 
ATOM   481  N  N   . PRO A 1 66  ? -9.466  8.510   -9.632  1.00 21.91  ? 66  PRO A N   1 
ATOM   482  C  CA  . PRO A 1 66  ? -10.824 8.319   -9.114  1.00 19.44  ? 66  PRO A CA  1 
ATOM   483  C  C   . PRO A 1 66  ? -11.132 6.855   -8.825  1.00 13.91  ? 66  PRO A C   1 
ATOM   484  O  O   . PRO A 1 66  ? -11.798 6.547   -7.844  1.00 14.93  ? 66  PRO A O   1 
ATOM   485  C  CB  . PRO A 1 66  ? -11.717 8.902   -10.213 1.00 17.03  ? 66  PRO A CB  1 
ATOM   486  C  CG  . PRO A 1 66  ? -10.863 9.923   -10.888 1.00 19.32  ? 66  PRO A CG  1 
ATOM   487  C  CD  . PRO A 1 66  ? -9.450  9.354   -10.841 1.00 24.13  ? 66  PRO A CD  1 
ATOM   488  N  N   . GLU A 1 67  ? -10.644 5.956   -9.674  1.00 13.27  ? 67  GLU A N   1 
ATOM   489  C  CA  . GLU A 1 67  ? -10.882 4.526   -9.486  1.00 12.89  ? 67  GLU A CA  1 
ATOM   490  C  C   . GLU A 1 67  ? -10.039 3.982   -8.344  1.00 15.42  ? 67  GLU A C   1 
ATOM   491  O  O   . GLU A 1 67  ? -10.436 3.044   -7.656  1.00 22.43  ? 67  GLU A O   1 
ATOM   492  C  CB  . GLU A 1 67  ? -10.571 3.767   -10.774 1.00 8.22   ? 67  GLU A CB  1 
ATOM   493  C  CG  . GLU A 1 67  ? -11.319 4.306   -11.966 1.00 15.25  ? 67  GLU A CG  1 
ATOM   494  C  CD  . GLU A 1 67  ? -11.196 3.433   -13.187 1.00 20.73  ? 67  GLU A CD  1 
ATOM   495  O  OE1 . GLU A 1 67  ? -10.336 2.528   -13.192 1.00 25.73  ? 67  GLU A OE1 1 
ATOM   496  O  OE2 . GLU A 1 67  ? -11.964 3.655   -14.147 1.00 24.59  ? 67  GLU A OE2 1 
ATOM   497  N  N   . PHE A 1 68  ? -8.881  4.601   -8.149  1.00 18.08  ? 68  PHE A N   1 
ATOM   498  C  CA  . PHE A 1 68  ? -7.932  4.239   -7.107  1.00 11.19  ? 68  PHE A CA  1 
ATOM   499  C  C   . PHE A 1 68  ? -8.442  4.701   -5.738  1.00 16.50  ? 68  PHE A C   1 
ATOM   500  O  O   . PHE A 1 68  ? -8.465  3.925   -4.777  1.00 15.30  ? 68  PHE A O   1 
ATOM   501  C  CB  . PHE A 1 68  ? -6.587  4.900   -7.411  1.00 12.72  ? 68  PHE A CB  1 
ATOM   502  C  CG  . PHE A 1 68  ? -5.456  4.365   -6.602  1.00 18.19  ? 68  PHE A CG  1 
ATOM   503  C  CD1 . PHE A 1 68  ? -4.995  3.074   -6.802  1.00 24.85  ? 68  PHE A CD1 1 
ATOM   504  C  CD2 . PHE A 1 68  ? -4.858  5.146   -5.627  1.00 22.66  ? 68  PHE A CD2 1 
ATOM   505  C  CE1 . PHE A 1 68  ? -3.958  2.570   -6.045  1.00 26.62  ? 68  PHE A CE1 1 
ATOM   506  C  CE2 . PHE A 1 68  ? -3.817  4.647   -4.860  1.00 21.17  ? 68  PHE A CE2 1 
ATOM   507  C  CZ  . PHE A 1 68  ? -3.367  3.357   -5.069  1.00 20.03  ? 68  PHE A CZ  1 
ATOM   508  N  N   . LEU A 1 69  ? -8.827  5.973   -5.649  1.00 14.61  ? 69  LEU A N   1 
ATOM   509  C  CA  . LEU A 1 69  ? -9.363  6.518   -4.407  1.00 13.17  ? 69  LEU A CA  1 
ATOM   510  C  C   . LEU A 1 69  ? -10.517 5.618   -3.973  1.00 16.28  ? 69  LEU A C   1 
ATOM   511  O  O   . LEU A 1 69  ? -10.524 5.072   -2.872  1.00 15.17  ? 69  LEU A O   1 
ATOM   512  C  CB  . LEU A 1 69  ? -9.903  7.928   -4.637  1.00 10.89  ? 69  LEU A CB  1 
ATOM   513  C  CG  . LEU A 1 69  ? -9.681  9.006   -3.565  1.00 9.12   ? 69  LEU A CG  1 
ATOM   514  C  CD1 . LEU A 1 69  ? -10.889 9.921   -3.541  1.00 4.08   ? 69  LEU A CD1 1 
ATOM   515  C  CD2 . LEU A 1 69  ? -9.449  8.390   -2.197  1.00 5.09   ? 69  LEU A CD2 1 
ATOM   516  N  N   . THR A 1 70  ? -11.492 5.474   -4.862  1.00 12.97  ? 70  THR A N   1 
ATOM   517  C  CA  . THR A 1 70  ? -12.653 4.646   -4.598  1.00 18.99  ? 70  THR A CA  1 
ATOM   518  C  C   . THR A 1 70  ? -12.241 3.357   -3.897  1.00 23.61  ? 70  THR A C   1 
ATOM   519  O  O   . THR A 1 70  ? -12.639 3.098   -2.764  1.00 28.56  ? 70  THR A O   1 
ATOM   520  C  CB  . THR A 1 70  ? -13.383 4.279   -5.912  1.00 24.76  ? 70  THR A CB  1 
ATOM   521  O  OG1 . THR A 1 70  ? -14.182 5.386   -6.349  1.00 21.07  ? 70  THR A OG1 1 
ATOM   522  C  CG2 . THR A 1 70  ? -14.278 3.066   -5.704  1.00 23.66  ? 70  THR A CG2 1 
ATOM   523  N  N   . MET A 1 71  ? -11.437 2.553   -4.580  1.00 25.17  ? 71  MET A N   1 
ATOM   524  C  CA  . MET A 1 71  ? -10.991 1.277   -4.040  1.00 26.96  ? 71  MET A CA  1 
ATOM   525  C  C   . MET A 1 71  ? -10.119 1.391   -2.795  1.00 27.38  ? 71  MET A C   1 
ATOM   526  O  O   . MET A 1 71  ? -10.235 0.586   -1.870  1.00 29.72  ? 71  MET A O   1 
ATOM   527  C  CB  . MET A 1 71  ? -10.229 0.498   -5.112  1.00 24.51  ? 71  MET A CB  1 
ATOM   528  C  CG  . MET A 1 71  ? -9.507  -0.726  -4.570  1.00 33.36  ? 71  MET A CG  1 
ATOM   529  S  SD  . MET A 1 71  ? -7.762  -0.755  -4.984  1.00 30.99  ? 71  MET A SD  1 
ATOM   530  C  CE  . MET A 1 71  ? -7.337  0.947   -4.799  1.00 32.95  ? 71  MET A CE  1 
ATOM   531  N  N   . MET A 1 72  ? -9.233  2.379   -2.781  1.00 26.28  ? 72  MET A N   1 
ATOM   532  C  CA  . MET A 1 72  ? -8.338  2.568   -1.654  1.00 27.29  ? 72  MET A CA  1 
ATOM   533  C  C   . MET A 1 72  ? -9.097  2.958   -0.396  1.00 28.52  ? 72  MET A C   1 
ATOM   534  O  O   . MET A 1 72  ? -8.774  2.505   0.700   1.00 30.44  ? 72  MET A O   1 
ATOM   535  C  CB  . MET A 1 72  ? -7.297  3.635   -1.987  1.00 32.02  ? 72  MET A CB  1 
ATOM   536  C  CG  . MET A 1 72  ? -5.854  3.140   -1.957  1.00 37.41  ? 72  MET A CG  1 
ATOM   537  S  SD  . MET A 1 72  ? -5.664  1.378   -2.324  1.00 42.13  ? 72  MET A SD  1 
ATOM   538  C  CE  . MET A 1 72  ? -4.681  0.841   -0.901  1.00 44.81  ? 72  MET A CE  1 
ATOM   539  N  N   . ALA A 1 73  ? -10.115 3.793   -0.563  1.00 35.06  ? 73  ALA A N   1 
ATOM   540  C  CA  . ALA A 1 73  ? -10.926 4.252   0.555   1.00 38.41  ? 73  ALA A CA  1 
ATOM   541  C  C   . ALA A 1 73  ? -12.039 3.266   0.900   1.00 47.95  ? 73  ALA A C   1 
ATOM   542  O  O   . ALA A 1 73  ? -12.722 3.435   1.909   1.00 55.21  ? 73  ALA A O   1 
ATOM   543  C  CB  . ALA A 1 73  ? -11.524 5.616   0.234   1.00 28.91  ? 73  ALA A CB  1 
ATOM   544  N  N   . ARG A 1 74  ? -12.228 2.245   0.065   1.00 55.11  ? 74  ARG A N   1 
ATOM   545  C  CA  . ARG A 1 74  ? -13.270 1.251   0.311   1.00 59.46  ? 74  ARG A CA  1 
ATOM   546  C  C   . ARG A 1 74  ? -13.068 0.617   1.681   1.00 64.25  ? 74  ARG A C   1 
ATOM   547  O  O   . ARG A 1 74  ? -11.941 0.323   2.083   1.00 61.72  ? 74  ARG A O   1 
ATOM   548  C  CB  . ARG A 1 74  ? -13.253 0.168   -0.772  1.00 59.63  ? 74  ARG A CB  1 
ATOM   549  N  N   . LYS A 1 75  ? -14.169 0.413   2.397   1.00 73.51  ? 75  LYS A N   1 
ATOM   550  C  CA  . LYS A 1 75  ? -14.129 -0.167  3.735   1.00 81.45  ? 75  LYS A CA  1 
ATOM   551  C  C   . LYS A 1 75  ? -13.667 -1.622  3.757   1.00 87.60  ? 75  LYS A C   1 
ATOM   552  O  O   . LYS A 1 75  ? -14.365 -2.520  3.280   1.00 89.44  ? 75  LYS A O   1 
ATOM   553  C  CB  . LYS A 1 75  ? -15.498 -0.048  4.387   1.00 75.91  ? 75  LYS A CB  1 
ATOM   554  N  N   . MET A 1 76  ? -12.486 -1.846  4.329   1.00 92.48  ? 76  MET A N   1 
ATOM   555  C  CA  . MET A 1 76  ? -11.916 -3.183  4.426   1.00 94.28  ? 76  MET A CA  1 
ATOM   556  C  C   . MET A 1 76  ? -12.454 -3.902  5.658   1.00 95.70  ? 76  MET A C   1 
ATOM   557  O  O   . MET A 1 76  ? -11.926 -3.746  6.758   1.00 95.53  ? 76  MET A O   1 
ATOM   558  C  CB  . MET A 1 76  ? -10.395 -3.096  4.488   1.00 94.10  ? 76  MET A CB  1 
ATOM   559  N  N   . LYS A 1 77  ? -13.511 -4.685  5.464   1.00 97.68  ? 77  LYS A N   1 
ATOM   560  C  CA  . LYS A 1 77  ? -14.138 -5.446  6.555   1.00 100.00 ? 77  LYS A CA  1 
ATOM   561  C  C   . LYS A 1 77  ? -13.092 -6.293  7.285   1.00 100.00 ? 77  LYS A C   1 
ATOM   562  O  O   . LYS A 1 77  ? -12.006 -6.563  6.753   1.00 99.56  ? 77  LYS A O   1 
ATOM   563  C  CB  . LYS A 1 77  ? -15.217 -6.375  5.994   1.00 100.00 ? 77  LYS A CB  1 
ATOM   564  N  N   . ASP A 1 78  ? -13.442 -6.697  8.505   1.00 100.00 ? 78  ASP A N   1 
ATOM   565  C  CA  . ASP A 1 78  ? -12.579 -7.521  9.343   1.00 100.00 ? 78  ASP A CA  1 
ATOM   566  C  C   . ASP A 1 78  ? -12.780 -8.993  8.997   1.00 100.00 ? 78  ASP A C   1 
ATOM   567  O  O   . ASP A 1 78  ? -12.011 -9.857  9.428   1.00 100.00 ? 78  ASP A O   1 
ATOM   568  C  CB  . ASP A 1 78  ? -12.898 -7.283  10.816  1.00 100.00 ? 78  ASP A CB  1 
ATOM   569  N  N   . THR A 1 79  ? -13.829 -9.274  8.227   1.00 99.99  ? 79  THR A N   1 
ATOM   570  C  CA  . THR A 1 79  ? -14.104 -10.639 7.820   1.00 100.00 ? 79  THR A CA  1 
ATOM   571  C  C   . THR A 1 79  ? -13.327 -10.952 6.555   1.00 99.94  ? 79  THR A C   1 
ATOM   572  O  O   . THR A 1 79  ? -13.128 -12.114 6.194   1.00 98.26  ? 79  THR A O   1 
ATOM   573  N  N   . ASP A 1 80  ? -12.887 -9.889  5.884   1.00 98.52  ? 80  ASP A N   1 
ATOM   574  C  CA  . ASP A 1 80  ? -12.118 -9.986  4.648   1.00 94.98  ? 80  ASP A CA  1 
ATOM   575  C  C   . ASP A 1 80  ? -11.033 -11.054 4.761   1.00 91.92  ? 80  ASP A C   1 
ATOM   576  O  O   . ASP A 1 80  ? -10.791 -11.595 5.843   1.00 93.33  ? 80  ASP A O   1 
ATOM   577  C  CB  . ASP A 1 80  ? -11.477 -8.626  4.335   1.00 93.79  ? 80  ASP A CB  1 
ATOM   578  C  CG  . ASP A 1 80  ? -10.673 -8.636  3.047   1.00 94.02  ? 80  ASP A CG  1 
ATOM   579  O  OD1 . ASP A 1 80  ? -9.484  -9.024  3.083   1.00 88.36  ? 80  ASP A OD1 1 
ATOM   580  O  OD2 . ASP A 1 80  ? -11.231 -8.250  1.998   1.00 94.97  ? 80  ASP A OD2 1 
ATOM   581  N  N   . SER A 1 81  ? -10.390 -11.361 3.639   1.00 86.30  ? 81  SER A N   1 
ATOM   582  C  CA  . SER A 1 81  ? -9.323  -12.351 3.632   1.00 77.66  ? 81  SER A CA  1 
ATOM   583  C  C   . SER A 1 81  ? -8.168  -11.783 4.446   1.00 71.00  ? 81  SER A C   1 
ATOM   584  O  O   . SER A 1 81  ? -7.429  -10.918 3.975   1.00 69.98  ? 81  SER A O   1 
ATOM   585  C  CB  . SER A 1 81  ? -8.863  -12.638 2.198   1.00 76.51  ? 81  SER A CB  1 
ATOM   586  N  N   . GLU A 1 82  ? -8.028  -12.259 5.676   1.00 60.67  ? 82  GLU A N   1 
ATOM   587  C  CA  . GLU A 1 82  ? -6.962  -11.793 6.550   1.00 58.56  ? 82  GLU A CA  1 
ATOM   588  C  C   . GLU A 1 82  ? -5.589  -12.207 6.012   1.00 52.92  ? 82  GLU A C   1 
ATOM   589  O  O   . GLU A 1 82  ? -4.596  -11.513 6.231   1.00 52.22  ? 82  GLU A O   1 
ATOM   590  C  CB  . GLU A 1 82  ? -7.168  -12.341 7.970   1.00 60.33  ? 82  GLU A CB  1 
ATOM   591  C  CG  . GLU A 1 82  ? -6.849  -13.819 8.136   1.00 60.56  ? 82  GLU A CG  1 
ATOM   592  C  CD  . GLU A 1 82  ? -5.364  -14.074 8.327   1.00 63.64  ? 82  GLU A CD  1 
ATOM   593  O  OE1 . GLU A 1 82  ? -4.855  -13.820 9.441   1.00 67.27  ? 82  GLU A OE1 1 
ATOM   594  O  OE2 . GLU A 1 82  ? -4.705  -14.526 7.366   1.00 57.86  ? 82  GLU A OE2 1 
ATOM   595  N  N   . GLU A 1 83  ? -5.547  -13.334 5.305   1.00 47.90  ? 83  GLU A N   1 
ATOM   596  C  CA  . GLU A 1 83  ? -4.308  -13.855 4.734   1.00 40.66  ? 83  GLU A CA  1 
ATOM   597  C  C   . GLU A 1 83  ? -3.652  -12.800 3.854   1.00 41.72  ? 83  GLU A C   1 
ATOM   598  O  O   . GLU A 1 83  ? -2.447  -12.848 3.596   1.00 37.47  ? 83  GLU A O   1 
ATOM   599  C  CB  . GLU A 1 83  ? -4.595  -15.111 3.911   1.00 36.20  ? 83  GLU A CB  1 
ATOM   600  C  CG  . GLU A 1 83  ? -3.413  -15.598 3.087   1.00 31.97  ? 83  GLU A CG  1 
ATOM   601  N  N   . GLU A 1 84  ? -4.456  -11.847 3.395   1.00 41.78  ? 84  GLU A N   1 
ATOM   602  C  CA  . GLU A 1 84  ? -3.954  -10.773 2.550   1.00 40.82  ? 84  GLU A CA  1 
ATOM   603  C  C   . GLU A 1 84  ? -3.221  -9.742  3.403   1.00 31.93  ? 84  GLU A C   1 
ATOM   604  O  O   . GLU A 1 84  ? -2.103  -9.354  3.077   1.00 31.42  ? 84  GLU A O   1 
ATOM   605  C  CB  . GLU A 1 84  ? -5.111  -10.112 1.791   1.00 55.05  ? 84  GLU A CB  1 
ATOM   606  C  CG  . GLU A 1 84  ? -5.051  -10.301 0.273   1.00 67.68  ? 84  GLU A CG  1 
ATOM   607  C  CD  . GLU A 1 84  ? -6.384  -10.720 -0.325  1.00 73.34  ? 84  GLU A CD  1 
ATOM   608  O  OE1 . GLU A 1 84  ? -7.286  -11.114 0.446   1.00 76.72  ? 84  GLU A OE1 1 
ATOM   609  O  OE2 . GLU A 1 84  ? -6.529  -10.657 -1.567  1.00 75.46  ? 84  GLU A OE2 1 
ATOM   610  N  N   . ILE A 1 85  ? -3.858  -9.309  4.491   1.00 28.20  ? 85  ILE A N   1 
ATOM   611  C  CA  . ILE A 1 85  ? -3.273  -8.340  5.420   1.00 24.73  ? 85  ILE A CA  1 
ATOM   612  C  C   . ILE A 1 85  ? -1.981  -8.938  5.932   1.00 21.60  ? 85  ILE A C   1 
ATOM   613  O  O   . ILE A 1 85  ? -0.958  -8.268  6.025   1.00 26.48  ? 85  ILE A O   1 
ATOM   614  C  CB  . ILE A 1 85  ? -4.169  -8.099  6.663   1.00 30.20  ? 85  ILE A CB  1 
ATOM   615  C  CG1 . ILE A 1 85  ? -5.472  -7.403  6.264   1.00 30.21  ? 85  ILE A CG1 1 
ATOM   616  C  CG2 . ILE A 1 85  ? -3.410  -7.260  7.691   1.00 28.57  ? 85  ILE A CG2 1 
ATOM   617  C  CD1 . ILE A 1 85  ? -5.664  -7.259  4.767   1.00 37.49  ? 85  ILE A CD1 1 
ATOM   618  N  N   . ARG A 1 86  ? -2.057  -10.214 6.279   1.00 21.49  ? 86  ARG A N   1 
ATOM   619  C  CA  . ARG A 1 86  ? -0.914  -10.949 6.786   1.00 22.65  ? 86  ARG A CA  1 
ATOM   620  C  C   . ARG A 1 86  ? 0.223   -10.904 5.775   1.00 23.38  ? 86  ARG A C   1 
ATOM   621  O  O   . ARG A 1 86  ? 1.376   -10.642 6.124   1.00 27.85  ? 86  ARG A O   1 
ATOM   622  C  CB  . ARG A 1 86  ? -1.315  -12.396 7.059   1.00 19.77  ? 86  ARG A CB  1 
ATOM   623  C  CG  . ARG A 1 86  ? -0.243  -13.212 7.764   1.00 32.03  ? 86  ARG A CG  1 
ATOM   624  C  CD  . ARG A 1 86  ? -0.466  -13.249 9.273   1.00 39.23  ? 86  ARG A CD  1 
ATOM   625  N  NE  . ARG A 1 86  ? 0.634   -12.619 10.003  1.00 48.22  ? 86  ARG A NE  1 
ATOM   626  C  CZ  . ARG A 1 86  ? 0.728   -12.589 11.329  1.00 51.72  ? 86  ARG A CZ  1 
ATOM   627  N  NH1 . ARG A 1 86  ? -0.213  -13.157 12.072  1.00 50.57  ? 86  ARG A NH1 1 
ATOM   628  N  NH2 . ARG A 1 86  ? 1.757   -11.986 11.914  1.00 52.93  ? 86  ARG A NH2 1 
ATOM   629  N  N   . GLU A 1 87  ? -0.105  -11.170 4.518   1.00 25.60  ? 87  GLU A N   1 
ATOM   630  C  CA  . GLU A 1 87  ? 0.892   -11.144 3.463   1.00 25.36  ? 87  GLU A CA  1 
ATOM   631  C  C   . GLU A 1 87  ? 1.510   -9.754  3.429   1.00 22.28  ? 87  GLU A C   1 
ATOM   632  O  O   . GLU A 1 87  ? 2.718   -9.604  3.283   1.00 25.79  ? 87  GLU A O   1 
ATOM   633  C  CB  . GLU A 1 87  ? 0.238   -11.454 2.121   1.00 29.73  ? 87  GLU A CB  1 
ATOM   634  C  CG  . GLU A 1 87  ? 0.682   -12.761 1.512   1.00 47.94  ? 87  GLU A CG  1 
ATOM   635  C  CD  . GLU A 1 87  ? -0.077  -13.084 0.247   1.00 58.66  ? 87  GLU A CD  1 
ATOM   636  O  OE1 . GLU A 1 87  ? -0.552  -12.133 -0.411  1.00 62.49  ? 87  GLU A OE1 1 
ATOM   637  O  OE2 . GLU A 1 87  ? -0.204  -14.283 -0.087  1.00 66.78  ? 87  GLU A OE2 1 
ATOM   638  N  N   . ALA A 1 88  ? 0.662   -8.744  3.571   1.00 16.14  ? 88  ALA A N   1 
ATOM   639  C  CA  . ALA A 1 88  ? 1.088   -7.357  3.565   1.00 13.63  ? 88  ALA A CA  1 
ATOM   640  C  C   . ALA A 1 88  ? 2.009   -7.027  4.743   1.00 19.28  ? 88  ALA A C   1 
ATOM   641  O  O   . ALA A 1 88  ? 2.969   -6.279  4.591   1.00 26.21  ? 88  ALA A O   1 
ATOM   642  C  CB  . ALA A 1 88  ? -0.138  -6.450  3.585   1.00 20.40  ? 88  ALA A CB  1 
ATOM   643  N  N   . PHE A 1 89  ? 1.719   -7.576  5.918   1.00 16.85  ? 89  PHE A N   1 
ATOM   644  C  CA  . PHE A 1 89  ? 2.546   -7.321  7.095   1.00 15.54  ? 89  PHE A CA  1 
ATOM   645  C  C   . PHE A 1 89  ? 3.953   -7.901  6.951   1.00 16.40  ? 89  PHE A C   1 
ATOM   646  O  O   . PHE A 1 89  ? 4.929   -7.318  7.425   1.00 16.45  ? 89  PHE A O   1 
ATOM   647  C  CB  . PHE A 1 89  ? 1.894   -7.923  8.341   1.00 13.26  ? 89  PHE A CB  1 
ATOM   648  C  CG  . PHE A 1 89  ? 2.650   -7.650  9.620   1.00 6.43   ? 89  PHE A CG  1 
ATOM   649  C  CD1 . PHE A 1 89  ? 2.621   -6.386  10.205  1.00 11.59  ? 89  PHE A CD1 1 
ATOM   650  C  CD2 . PHE A 1 89  ? 3.352   -8.661  10.254  1.00 5.43   ? 89  PHE A CD2 1 
ATOM   651  C  CE1 . PHE A 1 89  ? 3.274   -6.139  11.404  1.00 2.00   ? 89  PHE A CE1 1 
ATOM   652  C  CE2 . PHE A 1 89  ? 4.004   -8.427  11.446  1.00 5.23   ? 89  PHE A CE2 1 
ATOM   653  C  CZ  . PHE A 1 89  ? 3.963   -7.157  12.024  1.00 7.95   ? 89  PHE A CZ  1 
ATOM   654  N  N   . ARG A 1 90  ? 4.040   -9.054  6.300   1.00 13.50  ? 90  ARG A N   1 
ATOM   655  C  CA  . ARG A 1 90  ? 5.299   -9.747  6.112   1.00 12.36  ? 90  ARG A CA  1 
ATOM   656  C  C   . ARG A 1 90  ? 6.270   -9.008  5.204   1.00 18.76  ? 90  ARG A C   1 
ATOM   657  O  O   . ARG A 1 90  ? 7.487   -9.206  5.299   1.00 24.43  ? 90  ARG A O   1 
ATOM   658  C  CB  . ARG A 1 90  ? 5.041   -11.155 5.559   1.00 14.60  ? 90  ARG A CB  1 
ATOM   659  C  CG  . ARG A 1 90  ? 5.668   -12.282 6.384   1.00 14.43  ? 90  ARG A CG  1 
ATOM   660  C  CD  . ARG A 1 90  ? 4.802   -13.521 6.375   1.00 6.86   ? 90  ARG A CD  1 
ATOM   661  N  NE  . ARG A 1 90  ? 3.994   -13.580 5.160   1.00 14.69  ? 90  ARG A NE  1 
ATOM   662  C  CZ  . ARG A 1 90  ? 2.873   -14.286 5.022   1.00 10.26  ? 90  ARG A CZ  1 
ATOM   663  N  NH1 . ARG A 1 90  ? 2.401   -15.013 6.028   1.00 9.91   ? 90  ARG A NH1 1 
ATOM   664  N  NH2 . ARG A 1 90  ? 2.231   -14.274 3.862   1.00 16.84  ? 90  ARG A NH2 1 
ATOM   665  N  N   . VAL A 1 91  ? 5.754   -8.166  4.316   1.00 18.59  ? 91  VAL A N   1 
ATOM   666  C  CA  . VAL A 1 91  ? 6.644   -7.431  3.425   1.00 17.75  ? 91  VAL A CA  1 
ATOM   667  C  C   . VAL A 1 91  ? 7.422   -6.395  4.225   1.00 19.23  ? 91  VAL A C   1 
ATOM   668  O  O   . VAL A 1 91  ? 8.588   -6.127  3.940   1.00 25.07  ? 91  VAL A O   1 
ATOM   669  C  CB  . VAL A 1 91  ? 5.872   -6.728  2.296   1.00 20.27  ? 91  VAL A CB  1 
ATOM   670  C  CG1 . VAL A 1 91  ? 5.530   -7.729  1.207   1.00 28.79  ? 91  VAL A CG1 1 
ATOM   671  C  CG2 . VAL A 1 91  ? 4.622   -6.096  2.839   1.00 16.19  ? 91  VAL A CG2 1 
ATOM   672  N  N   . PHE A 1 92  ? 6.769   -5.809  5.226   1.00 16.67  ? 92  PHE A N   1 
ATOM   673  C  CA  . PHE A 1 92  ? 7.416   -4.821  6.074   1.00 11.36  ? 92  PHE A CA  1 
ATOM   674  C  C   . PHE A 1 92  ? 8.323   -5.537  7.053   1.00 9.10   ? 92  PHE A C   1 
ATOM   675  O  O   . PHE A 1 92  ? 9.537   -5.407  6.974   1.00 14.33  ? 92  PHE A O   1 
ATOM   676  C  CB  . PHE A 1 92  ? 6.380   -4.014  6.844   1.00 13.80  ? 92  PHE A CB  1 
ATOM   677  C  CG  . PHE A 1 92  ? 5.637   -3.041  5.999   1.00 7.59   ? 92  PHE A CG  1 
ATOM   678  C  CD1 . PHE A 1 92  ? 6.159   -1.786  5.756   1.00 9.27   ? 92  PHE A CD1 1 
ATOM   679  C  CD2 . PHE A 1 92  ? 4.430   -3.396  5.413   1.00 12.55  ? 92  PHE A CD2 1 
ATOM   680  C  CE1 . PHE A 1 92  ? 5.497   -0.885  4.931   1.00 16.00  ? 92  PHE A CE1 1 
ATOM   681  C  CE2 . PHE A 1 92  ? 3.756   -2.512  4.588   1.00 20.03  ? 92  PHE A CE2 1 
ATOM   682  C  CZ  . PHE A 1 92  ? 4.291   -1.249  4.343   1.00 20.73  ? 92  PHE A CZ  1 
ATOM   683  N  N   . ASP A 1 93  ? 7.734   -6.307  7.965   1.00 9.98   ? 93  ASP A N   1 
ATOM   684  C  CA  . ASP A 1 93  ? 8.511   -7.037  8.963   1.00 8.22   ? 93  ASP A CA  1 
ATOM   685  C  C   . ASP A 1 93  ? 9.432   -8.042  8.298   1.00 9.16   ? 93  ASP A C   1 
ATOM   686  O  O   . ASP A 1 93  ? 9.196   -9.242  8.351   1.00 13.59  ? 93  ASP A O   1 
ATOM   687  C  CB  . ASP A 1 93  ? 7.575   -7.748  9.938   1.00 4.61   ? 93  ASP A CB  1 
ATOM   688  C  CG  . ASP A 1 93  ? 8.314   -8.359  11.117  1.00 16.83  ? 93  ASP A CG  1 
ATOM   689  O  OD1 . ASP A 1 93  ? 9.532   -8.123  11.239  1.00 20.56  ? 93  ASP A OD1 1 
ATOM   690  O  OD2 . ASP A 1 93  ? 7.673   -9.077  11.925  1.00 10.97  ? 93  ASP A OD2 1 
ATOM   691  N  N   . LYS A 1 94  ? 10.501  -7.539  7.688   1.00 15.45  ? 94  LYS A N   1 
ATOM   692  C  CA  . LYS A 1 94  ? 11.465  -8.375  6.976   1.00 24.09  ? 94  LYS A CA  1 
ATOM   693  C  C   . LYS A 1 94  ? 12.309  -9.286  7.858   1.00 27.12  ? 94  LYS A C   1 
ATOM   694  O  O   . LYS A 1 94  ? 12.877  -10.265 7.371   1.00 31.78  ? 94  LYS A O   1 
ATOM   695  C  CB  . LYS A 1 94  ? 12.389  -7.496  6.127   1.00 27.12  ? 94  LYS A CB  1 
ATOM   696  C  CG  . LYS A 1 94  ? 11.836  -7.174  4.747   1.00 28.30  ? 94  LYS A CG  1 
ATOM   697  C  CD  . LYS A 1 94  ? 11.868  -5.683  4.458   1.00 33.14  ? 94  LYS A CD  1 
ATOM   698  C  CE  . LYS A 1 94  ? 12.297  -4.875  5.673   1.00 35.87  ? 94  LYS A CE  1 
ATOM   699  N  NZ  . LYS A 1 94  ? 13.752  -5.051  5.966   1.00 33.66  ? 94  LYS A NZ  1 
ATOM   700  N  N   . ASP A 1 95  ? 12.414  -8.961  9.141   1.00 26.91  ? 95  ASP A N   1 
ATOM   701  C  CA  . ASP A 1 95  ? 13.185  -9.789  10.062  1.00 22.54  ? 95  ASP A CA  1 
ATOM   702  C  C   . ASP A 1 95  ? 12.254  -10.824 10.686  1.00 19.20  ? 95  ASP A C   1 
ATOM   703  O  O   . ASP A 1 95  ? 12.692  -11.710 11.407  1.00 26.27  ? 95  ASP A O   1 
ATOM   704  C  CB  . ASP A 1 95  ? 13.831  -8.931  11.163  1.00 27.09  ? 95  ASP A CB  1 
ATOM   705  C  CG  . ASP A 1 95  ? 12.824  -8.051  11.902  1.00 34.34  ? 95  ASP A CG  1 
ATOM   706  O  OD1 . ASP A 1 95  ? 11.683  -8.501  12.156  1.00 31.66  ? 95  ASP A OD1 1 
ATOM   707  O  OD2 . ASP A 1 95  ? 13.178  -6.899  12.233  1.00 41.61  ? 95  ASP A OD2 1 
ATOM   708  N  N   . GLY A 1 96  ? 10.964  -10.695 10.403  1.00 14.09  ? 96  GLY A N   1 
ATOM   709  C  CA  . GLY A 1 96  ? 9.985   -11.621 10.939  1.00 17.48  ? 96  GLY A CA  1 
ATOM   710  C  C   . GLY A 1 96  ? 9.839   -11.644 12.454  1.00 19.05  ? 96  GLY A C   1 
ATOM   711  O  O   . GLY A 1 96  ? 9.315   -12.615 13.008  1.00 20.91  ? 96  GLY A O   1 
ATOM   712  N  N   . ASN A 1 97  ? 10.275  -10.588 13.135  1.00 15.65  ? 97  ASN A N   1 
ATOM   713  C  CA  . ASN A 1 97  ? 10.176  -10.552 14.592  1.00 12.51  ? 97  ASN A CA  1 
ATOM   714  C  C   . ASN A 1 97  ? 8.814   -10.126 15.156  1.00 14.09  ? 97  ASN A C   1 
ATOM   715  O  O   . ASN A 1 97  ? 8.589   -10.187 16.358  1.00 14.33  ? 97  ASN A O   1 
ATOM   716  C  CB  . ASN A 1 97  ? 11.291  -9.674  15.164  1.00 9.87   ? 97  ASN A CB  1 
ATOM   717  C  CG  . ASN A 1 97  ? 10.946  -8.200  15.164  1.00 14.29  ? 97  ASN A CG  1 
ATOM   718  O  OD1 . ASN A 1 97  ? 10.333  -7.666  14.224  1.00 18.48  ? 97  ASN A OD1 1 
ATOM   719  N  ND2 . ASN A 1 97  ? 11.359  -7.521  16.222  1.00 12.45  ? 97  ASN A ND2 1 
ATOM   720  N  N   . GLY A 1 98  ? 7.905   -9.699  14.285  1.00 18.36  ? 98  GLY A N   1 
ATOM   721  C  CA  . GLY A 1 98  ? 6.583   -9.301  14.733  1.00 11.48  ? 98  GLY A CA  1 
ATOM   722  C  C   . GLY A 1 98  ? 6.393   -7.812  14.918  1.00 14.28  ? 98  GLY A C   1 
ATOM   723  O  O   . GLY A 1 98  ? 5.336   -7.373  15.361  1.00 18.35  ? 98  GLY A O   1 
ATOM   724  N  N   . TYR A 1 99  ? 7.407   -7.029  14.577  1.00 17.70  ? 99  TYR A N   1 
ATOM   725  C  CA  . TYR A 1 99  ? 7.331   -5.587  14.737  1.00 12.77  ? 99  TYR A CA  1 
ATOM   726  C  C   . TYR A 1 99  ? 7.939   -4.837  13.573  1.00 11.35  ? 99  TYR A C   1 
ATOM   727  O  O   . TYR A 1 99  ? 9.104   -5.046  13.243  1.00 7.49   ? 99  TYR A O   1 
ATOM   728  C  CB  . TYR A 1 99  ? 8.057   -5.159  16.017  1.00 8.38   ? 99  TYR A CB  1 
ATOM   729  C  CG  . TYR A 1 99  ? 7.431   -5.697  17.278  1.00 7.31   ? 99  TYR A CG  1 
ATOM   730  C  CD1 . TYR A 1 99  ? 6.341   -5.063  17.865  1.00 2.00   ? 99  TYR A CD1 1 
ATOM   731  C  CD2 . TYR A 1 99  ? 7.900   -6.870  17.855  1.00 4.38   ? 99  TYR A CD2 1 
ATOM   732  C  CE1 . TYR A 1 99  ? 5.736   -5.591  18.988  1.00 9.41   ? 99  TYR A CE1 1 
ATOM   733  C  CE2 . TYR A 1 99  ? 7.306   -7.407  18.971  1.00 2.00   ? 99  TYR A CE2 1 
ATOM   734  C  CZ  . TYR A 1 99  ? 6.225   -6.768  19.535  1.00 11.04  ? 99  TYR A CZ  1 
ATOM   735  O  OH  . TYR A 1 99  ? 5.631   -7.321  20.647  1.00 21.92  ? 99  TYR A OH  1 
ATOM   736  N  N   . ILE A 1 100 ? 7.146   -3.962  12.960  1.00 11.34  ? 100 ILE A N   1 
ATOM   737  C  CA  . ILE A 1 100 ? 7.637   -3.145  11.857  1.00 14.37  ? 100 ILE A CA  1 
ATOM   738  C  C   . ILE A 1 100 ? 8.332   -1.912  12.451  1.00 19.87  ? 100 ILE A C   1 
ATOM   739  O  O   . ILE A 1 100 ? 7.717   -1.128  13.186  1.00 11.74  ? 100 ILE A O   1 
ATOM   740  C  CB  . ILE A 1 100 ? 6.498   -2.647  10.929  1.00 13.14  ? 100 ILE A CB  1 
ATOM   741  C  CG1 . ILE A 1 100 ? 5.724   -3.828  10.339  1.00 11.68  ? 100 ILE A CG1 1 
ATOM   742  C  CG2 . ILE A 1 100 ? 7.084   -1.796  9.819   1.00 2.00   ? 100 ILE A CG2 1 
ATOM   743  C  CD1 . ILE A 1 100 ? 4.383   -3.431  9.760   1.00 4.82   ? 100 ILE A CD1 1 
ATOM   744  N  N   . SER A 1 101 ? 9.620   -1.772  12.140  1.00 16.25  ? 101 SER A N   1 
ATOM   745  C  CA  . SER A 1 101 ? 10.435  -0.655  12.592  1.00 17.57  ? 101 SER A CA  1 
ATOM   746  C  C   . SER A 1 101 ? 10.511  0.361   11.451  1.00 25.51  ? 101 SER A C   1 
ATOM   747  O  O   . SER A 1 101 ? 10.203  0.032   10.305  1.00 29.69  ? 101 SER A O   1 
ATOM   748  C  CB  . SER A 1 101 ? 11.844  -1.138  12.922  1.00 20.07  ? 101 SER A CB  1 
ATOM   749  O  OG  . SER A 1 101 ? 12.577  -1.420  11.735  1.00 15.89  ? 101 SER A OG  1 
ATOM   750  N  N   . ALA A 1 102 ? 10.926  1.588   11.755  1.00 24.60  ? 102 ALA A N   1 
ATOM   751  C  CA  . ALA A 1 102 ? 11.023  2.607   10.720  1.00 21.49  ? 102 ALA A CA  1 
ATOM   752  C  C   . ALA A 1 102 ? 11.966  2.093   9.642   1.00 18.85  ? 102 ALA A C   1 
ATOM   753  O  O   . ALA A 1 102 ? 11.731  2.288   8.452   1.00 15.96  ? 102 ALA A O   1 
ATOM   754  C  CB  . ALA A 1 102 ? 11.547  3.911   11.305  1.00 25.86  ? 102 ALA A CB  1 
ATOM   755  N  N   . ALA A 1 103 ? 13.031  1.425   10.070  1.00 10.38  ? 103 ALA A N   1 
ATOM   756  C  CA  . ALA A 1 103 ? 14.004  0.874   9.134   1.00 14.26  ? 103 ALA A CA  1 
ATOM   757  C  C   . ALA A 1 103 ? 13.259  0.024   8.112   1.00 15.15  ? 103 ALA A C   1 
ATOM   758  O  O   . ALA A 1 103 ? 13.312  0.294   6.913   1.00 17.19  ? 103 ALA A O   1 
ATOM   759  C  CB  . ALA A 1 103 ? 15.029  0.027   9.875   1.00 13.06  ? 103 ALA A CB  1 
ATOM   760  N  N   . GLU A 1 104 ? 12.561  -0.996  8.607   1.00 17.53  ? 104 GLU A N   1 
ATOM   761  C  CA  . GLU A 1 104 ? 11.783  -1.902  7.768   1.00 14.55  ? 104 GLU A CA  1 
ATOM   762  C  C   . GLU A 1 104 ? 10.826  -1.131  6.860   1.00 14.07  ? 104 GLU A C   1 
ATOM   763  O  O   . GLU A 1 104 ? 10.610  -1.517  5.709   1.00 17.48  ? 104 GLU A O   1 
ATOM   764  C  CB  . GLU A 1 104 ? 11.013  -2.893  8.650   1.00 11.66  ? 104 GLU A CB  1 
ATOM   765  C  CG  . GLU A 1 104 ? 11.916  -3.954  9.293   1.00 15.51  ? 104 GLU A CG  1 
ATOM   766  C  CD  . GLU A 1 104 ? 11.168  -4.938  10.179  1.00 27.08  ? 104 GLU A CD  1 
ATOM   767  O  OE1 . GLU A 1 104 ? 10.304  -4.516  10.978  1.00 30.83  ? 104 GLU A OE1 1 
ATOM   768  O  OE2 . GLU A 1 104 ? 11.448  -6.150  10.090  1.00 33.52  ? 104 GLU A OE2 1 
ATOM   769  N  N   . LEU A 1 105 ? 10.266  -0.038  7.372   1.00 11.91  ? 105 LEU A N   1 
ATOM   770  C  CA  . LEU A 1 105 ? 9.345   0.792   6.592   1.00 14.82  ? 105 LEU A CA  1 
ATOM   771  C  C   . LEU A 1 105 ? 10.154  1.523   5.520   1.00 19.88  ? 105 LEU A C   1 
ATOM   772  O  O   . LEU A 1 105 ? 9.776   1.570   4.344   1.00 15.98  ? 105 LEU A O   1 
ATOM   773  C  CB  . LEU A 1 105 ? 8.652   1.820   7.499   1.00 14.70  ? 105 LEU A CB  1 
ATOM   774  C  CG  . LEU A 1 105 ? 7.991   3.047   6.849   1.00 8.04   ? 105 LEU A CG  1 
ATOM   775  C  CD1 . LEU A 1 105 ? 7.603   2.737   5.425   1.00 9.18   ? 105 LEU A CD1 1 
ATOM   776  C  CD2 . LEU A 1 105 ? 6.745   3.435   7.630   1.00 10.07  ? 105 LEU A CD2 1 
ATOM   777  N  N   . ARG A 1 106 ? 11.270  2.097   5.952   1.00 24.94  ? 106 ARG A N   1 
ATOM   778  C  CA  . ARG A 1 106 ? 12.176  2.816   5.071   1.00 25.56  ? 106 ARG A CA  1 
ATOM   779  C  C   . ARG A 1 106 ? 12.619  1.883   3.938   1.00 25.02  ? 106 ARG A C   1 
ATOM   780  O  O   . ARG A 1 106 ? 12.439  2.190   2.760   1.00 25.13  ? 106 ARG A O   1 
ATOM   781  C  CB  . ARG A 1 106 ? 13.388  3.293   5.878   1.00 28.88  ? 106 ARG A CB  1 
ATOM   782  C  CG  . ARG A 1 106 ? 14.566  3.775   5.050   1.00 42.26  ? 106 ARG A CG  1 
ATOM   783  C  CD  . ARG A 1 106 ? 15.605  4.448   5.934   1.00 53.36  ? 106 ARG A CD  1 
ATOM   784  N  NE  . ARG A 1 106 ? 15.444  5.900   5.955   1.00 70.41  ? 106 ARG A NE  1 
ATOM   785  C  CZ  . ARG A 1 106 ? 14.949  6.588   6.983   1.00 76.60  ? 106 ARG A CZ  1 
ATOM   786  N  NH1 . ARG A 1 106 ? 14.561  5.960   8.087   1.00 76.78  ? 106 ARG A NH1 1 
ATOM   787  N  NH2 . ARG A 1 106 ? 14.838  7.908   6.902   1.00 78.98  ? 106 ARG A NH2 1 
ATOM   788  N  N   . HIS A 1 107 ? 13.186  0.739   4.307   1.00 19.92  ? 107 HIS A N   1 
ATOM   789  C  CA  . HIS A 1 107 ? 13.652  -0.235  3.333   1.00 20.09  ? 107 HIS A CA  1 
ATOM   790  C  C   . HIS A 1 107 ? 12.624  -0.492  2.235   1.00 20.62  ? 107 HIS A C   1 
ATOM   791  O  O   . HIS A 1 107 ? 12.971  -0.570  1.056   1.00 18.22  ? 107 HIS A O   1 
ATOM   792  C  CB  . HIS A 1 107 ? 13.991  -1.545  4.040   1.00 22.37  ? 107 HIS A CB  1 
ATOM   793  C  CG  . HIS A 1 107 ? 15.046  -1.400  5.090   1.00 28.15  ? 107 HIS A CG  1 
ATOM   794  N  ND1 . HIS A 1 107 ? 15.873  -0.301  5.167   1.00 37.77  ? 107 HIS A ND1 1 
ATOM   795  C  CD2 . HIS A 1 107 ? 15.420  -2.223  6.099   1.00 32.05  ? 107 HIS A CD2 1 
ATOM   796  C  CE1 . HIS A 1 107 ? 16.713  -0.451  6.175   1.00 36.27  ? 107 HIS A CE1 1 
ATOM   797  N  NE2 . HIS A 1 107 ? 16.459  -1.609  6.757   1.00 38.28  ? 107 HIS A NE2 1 
ATOM   798  N  N   . VAL A 1 108 ? 11.361  -0.629  2.625   1.00 23.52  ? 108 VAL A N   1 
ATOM   799  C  CA  . VAL A 1 108 ? 10.292  -0.871  1.660   1.00 19.65  ? 108 VAL A CA  1 
ATOM   800  C  C   . VAL A 1 108 ? 10.137  0.330   0.752   1.00 17.60  ? 108 VAL A C   1 
ATOM   801  O  O   . VAL A 1 108 ? 10.046  0.190   -0.464  1.00 20.11  ? 108 VAL A O   1 
ATOM   802  C  CB  . VAL A 1 108 ? 8.930   -1.106  2.344   1.00 18.42  ? 108 VAL A CB  1 
ATOM   803  C  CG1 . VAL A 1 108 ? 7.818   -0.985  1.314   1.00 19.68  ? 108 VAL A CG1 1 
ATOM   804  C  CG2 . VAL A 1 108 ? 8.897   -2.476  2.990   1.00 21.14  ? 108 VAL A CG2 1 
ATOM   805  N  N   . MET A 1 109 ? 10.096  1.514   1.352   1.00 20.68  ? 109 MET A N   1 
ATOM   806  C  CA  . MET A 1 109 ? 9.950   2.741   0.585   1.00 22.68  ? 109 MET A CA  1 
ATOM   807  C  C   . MET A 1 109 ? 11.047  2.801   -0.478  1.00 24.61  ? 109 MET A C   1 
ATOM   808  O  O   . MET A 1 109 ? 10.759  2.946   -1.674  1.00 26.59  ? 109 MET A O   1 
ATOM   809  C  CB  . MET A 1 109 ? 10.037  3.958   1.510   1.00 26.82  ? 109 MET A CB  1 
ATOM   810  C  CG  . MET A 1 109 ? 8.729   4.329   2.216   1.00 31.58  ? 109 MET A CG  1 
ATOM   811  S  SD  . MET A 1 109 ? 7.209   3.906   1.322   1.00 31.29  ? 109 MET A SD  1 
ATOM   812  C  CE  . MET A 1 109 ? 6.568   2.633   2.399   1.00 29.64  ? 109 MET A CE  1 
ATOM   813  N  N   . THR A 1 110 ? 12.299  2.682   -0.037  1.00 19.08  ? 110 THR A N   1 
ATOM   814  C  CA  . THR A 1 110 ? 13.448  2.701   -0.940  1.00 21.65  ? 110 THR A CA  1 
ATOM   815  C  C   . THR A 1 110 ? 13.180  1.755   -2.114  1.00 25.01  ? 110 THR A C   1 
ATOM   816  O  O   . THR A 1 110 ? 13.301  2.129   -3.285  1.00 24.48  ? 110 THR A O   1 
ATOM   817  C  CB  . THR A 1 110 ? 14.730  2.216   -0.227  1.00 20.65  ? 110 THR A CB  1 
ATOM   818  O  OG1 . THR A 1 110 ? 15.313  3.290   0.514   1.00 25.16  ? 110 THR A OG1 1 
ATOM   819  C  CG2 . THR A 1 110 ? 15.736  1.721   -1.227  1.00 12.32  ? 110 THR A CG2 1 
ATOM   820  N  N   . ASN A 1 111 ? 12.811  0.523   -1.794  1.00 24.14  ? 111 ASN A N   1 
ATOM   821  C  CA  . ASN A 1 111 ? 12.544  -0.459  -2.829  1.00 25.56  ? 111 ASN A CA  1 
ATOM   822  C  C   . ASN A 1 111 ? 11.387  -0.064  -3.746  1.00 22.12  ? 111 ASN A C   1 
ATOM   823  O  O   . ASN A 1 111 ? 11.279  -0.565  -4.864  1.00 16.22  ? 111 ASN A O   1 
ATOM   824  C  CB  . ASN A 1 111 ? 12.282  -1.826  -2.200  1.00 24.24  ? 111 ASN A CB  1 
ATOM   825  C  CG  . ASN A 1 111 ? 12.804  -2.960  -3.061  1.00 37.85  ? 111 ASN A CG  1 
ATOM   826  O  OD1 . ASN A 1 111 ? 13.672  -2.758  -3.915  1.00 33.91  ? 111 ASN A OD1 1 
ATOM   827  N  ND2 . ASN A 1 111 ? 12.274  -4.161  -2.845  1.00 47.45  ? 111 ASN A ND2 1 
ATOM   828  N  N   . LEU A 1 112 ? 10.526  0.832   -3.272  1.00 21.94  ? 112 LEU A N   1 
ATOM   829  C  CA  . LEU A 1 112 ? 9.388   1.290   -4.062  1.00 23.79  ? 112 LEU A CA  1 
ATOM   830  C  C   . LEU A 1 112 ? 9.788   2.487   -4.920  1.00 24.47  ? 112 LEU A C   1 
ATOM   831  O  O   . LEU A 1 112 ? 8.950   3.087   -5.590  1.00 19.28  ? 112 LEU A O   1 
ATOM   832  C  CB  . LEU A 1 112 ? 8.235   1.694   -3.141  1.00 21.01  ? 112 LEU A CB  1 
ATOM   833  C  CG  . LEU A 1 112 ? 7.307   0.569   -2.683  1.00 20.90  ? 112 LEU A CG  1 
ATOM   834  C  CD1 . LEU A 1 112 ? 6.474   1.030   -1.469  1.00 23.22  ? 112 LEU A CD1 1 
ATOM   835  C  CD2 . LEU A 1 112 ? 6.408   0.169   -3.839  1.00 14.99  ? 112 LEU A CD2 1 
ATOM   836  N  N   . GLY A 1 113 ? 11.075  2.824   -4.885  1.00 31.66  ? 113 GLY A N   1 
ATOM   837  C  CA  . GLY A 1 113 ? 11.579  3.956   -5.640  1.00 33.71  ? 113 GLY A CA  1 
ATOM   838  C  C   . GLY A 1 113 ? 11.304  5.236   -4.880  1.00 41.39  ? 113 GLY A C   1 
ATOM   839  O  O   . GLY A 1 113 ? 11.487  6.337   -5.397  1.00 43.94  ? 113 GLY A O   1 
ATOM   840  N  N   . GLU A 1 114 ? 10.867  5.084   -3.635  1.00 48.14  ? 114 GLU A N   1 
ATOM   841  C  CA  . GLU A 1 114 ? 10.538  6.223   -2.791  1.00 52.25  ? 114 GLU A CA  1 
ATOM   842  C  C   . GLU A 1 114 ? 11.663  6.635   -1.855  1.00 53.90  ? 114 GLU A C   1 
ATOM   843  O  O   . GLU A 1 114 ? 12.394  5.797   -1.333  1.00 57.67  ? 114 GLU A O   1 
ATOM   844  C  CB  . GLU A 1 114 ? 9.282   5.915   -1.973  1.00 56.23  ? 114 GLU A CB  1 
ATOM   845  C  CG  . GLU A 1 114 ? 8.096   6.781   -2.345  1.00 61.55  ? 114 GLU A CG  1 
ATOM   846  C  CD  . GLU A 1 114 ? 8.486   7.896   -3.292  1.00 63.37  ? 114 GLU A CD  1 
ATOM   847  O  OE1 . GLU A 1 114 ? 9.089   8.887   -2.822  1.00 69.50  ? 114 GLU A OE1 1 
ATOM   848  O  OE2 . GLU A 1 114 ? 8.196   7.780   -4.501  1.00 58.45  ? 114 GLU A OE2 1 
ATOM   849  N  N   . LYS A 1 115 ? 11.794  7.940   -1.648  1.00 58.17  ? 115 LYS A N   1 
ATOM   850  C  CA  . LYS A 1 115 ? 12.816  8.483   -0.765  1.00 60.45  ? 115 LYS A CA  1 
ATOM   851  C  C   . LYS A 1 115 ? 12.120  9.385   0.248   1.00 56.63  ? 115 LYS A C   1 
ATOM   852  O  O   . LYS A 1 115 ? 11.420  10.325  -0.132  1.00 58.38  ? 115 LYS A O   1 
ATOM   853  C  CB  . LYS A 1 115 ? 13.845  9.285   -1.569  1.00 63.06  ? 115 LYS A CB  1 
ATOM   854  N  N   . LEU A 1 116 ? 12.298  9.092   1.534   1.00 48.46  ? 116 LEU A N   1 
ATOM   855  C  CA  . LEU A 1 116 ? 11.672  9.890   2.583   1.00 48.80  ? 116 LEU A CA  1 
ATOM   856  C  C   . LEU A 1 116 ? 12.646  10.344  3.654   1.00 48.64  ? 116 LEU A C   1 
ATOM   857  O  O   . LEU A 1 116 ? 13.655  9.690   3.917   1.00 51.38  ? 116 LEU A O   1 
ATOM   858  C  CB  . LEU A 1 116 ? 10.540  9.106   3.248   1.00 43.88  ? 116 LEU A CB  1 
ATOM   859  C  CG  . LEU A 1 116 ? 9.727   8.244   2.294   1.00 40.15  ? 116 LEU A CG  1 
ATOM   860  C  CD1 . LEU A 1 116 ? 10.514  6.988   1.983   1.00 47.92  ? 116 LEU A CD1 1 
ATOM   861  C  CD2 . LEU A 1 116 ? 8.392   7.907   2.907   1.00 34.16  ? 116 LEU A CD2 1 
ATOM   862  N  N   . THR A 1 117 ? 12.331  11.474  4.274   1.00 49.11  ? 117 THR A N   1 
ATOM   863  C  CA  . THR A 1 117 ? 13.170  12.011  5.329   1.00 46.71  ? 117 THR A CA  1 
ATOM   864  C  C   . THR A 1 117 ? 12.970  11.133  6.548   1.00 44.88  ? 117 THR A C   1 
ATOM   865  O  O   . THR A 1 117 ? 11.967  10.433  6.656   1.00 41.27  ? 117 THR A O   1 
ATOM   866  C  CB  . THR A 1 117 ? 12.771  13.447  5.686   1.00 49.26  ? 117 THR A CB  1 
ATOM   867  O  OG1 . THR A 1 117 ? 12.559  14.200  4.486   1.00 47.60  ? 117 THR A OG1 1 
ATOM   868  C  CG2 . THR A 1 117 ? 13.870  14.110  6.506   1.00 56.20  ? 117 THR A CG2 1 
ATOM   869  N  N   . ASP A 1 118 ? 13.928  11.160  7.462   1.00 43.53  ? 118 ASP A N   1 
ATOM   870  C  CA  . ASP A 1 118 ? 13.817  10.358  8.664   1.00 41.14  ? 118 ASP A CA  1 
ATOM   871  C  C   . ASP A 1 118 ? 12.515  10.678  9.386   1.00 42.01  ? 118 ASP A C   1 
ATOM   872  O  O   . ASP A 1 118 ? 11.901  9.797   9.979   1.00 41.73  ? 118 ASP A O   1 
ATOM   873  C  CB  . ASP A 1 118 ? 15.001  10.633  9.586   1.00 42.34  ? 118 ASP A CB  1 
ATOM   874  C  CG  . ASP A 1 118 ? 16.215  9.812   9.226   1.00 44.15  ? 118 ASP A CG  1 
ATOM   875  O  OD1 . ASP A 1 118 ? 16.370  9.473   8.035   1.00 47.97  ? 118 ASP A OD1 1 
ATOM   876  O  OD2 . ASP A 1 118 ? 17.015  9.504   10.133  1.00 47.32  ? 118 ASP A OD2 1 
ATOM   877  N  N   . GLU A 1 119 ? 12.093  11.938  9.318   1.00 41.40  ? 119 GLU A N   1 
ATOM   878  C  CA  . GLU A 1 119 ? 10.870  12.384  9.983   1.00 45.57  ? 119 GLU A CA  1 
ATOM   879  C  C   . GLU A 1 119 ? 9.610   11.903  9.288   1.00 39.37  ? 119 GLU A C   1 
ATOM   880  O  O   . GLU A 1 119 ? 8.631   11.547  9.941   1.00 36.92  ? 119 GLU A O   1 
ATOM   881  C  CB  . GLU A 1 119 ? 10.841  13.912  10.071  1.00 57.58  ? 119 GLU A CB  1 
ATOM   882  C  CG  . GLU A 1 119 ? 11.460  14.611  8.868   1.00 70.54  ? 119 GLU A CG  1 
ATOM   883  C  CD  . GLU A 1 119 ? 10.717  15.877  8.481   1.00 73.34  ? 119 GLU A CD  1 
ATOM   884  O  OE1 . GLU A 1 119 ? 9.544   16.019  8.884   1.00 74.00  ? 119 GLU A OE1 1 
ATOM   885  O  OE2 . GLU A 1 119 ? 11.306  16.728  7.777   1.00 74.45  ? 119 GLU A OE2 1 
ATOM   886  N  N   . GLU A 1 120 ? 9.629   11.915  7.960   1.00 37.53  ? 120 GLU A N   1 
ATOM   887  C  CA  . GLU A 1 120 ? 8.480   11.457  7.188   1.00 30.41  ? 120 GLU A CA  1 
ATOM   888  C  C   . GLU A 1 120 ? 8.112   10.068  7.698   1.00 28.86  ? 120 GLU A C   1 
ATOM   889  O  O   . GLU A 1 120 ? 6.957   9.803   8.048   1.00 24.43  ? 120 GLU A O   1 
ATOM   890  C  CB  . GLU A 1 120 ? 8.830   11.374  5.696   1.00 26.48  ? 120 GLU A CB  1 
ATOM   891  C  CG  . GLU A 1 120 ? 9.432   12.643  5.105   1.00 31.47  ? 120 GLU A CG  1 
ATOM   892  C  CD  . GLU A 1 120 ? 9.287   12.706  3.586   1.00 31.69  ? 120 GLU A CD  1 
ATOM   893  O  OE1 . GLU A 1 120 ? 8.241   13.186  3.089   1.00 25.40  ? 120 GLU A OE1 1 
ATOM   894  O  OE2 . GLU A 1 120 ? 10.225  12.276  2.885   1.00 32.59  ? 120 GLU A OE2 1 
ATOM   895  N  N   . VAL A 1 121 ? 9.118   9.196   7.743   1.00 21.16  ? 121 VAL A N   1 
ATOM   896  C  CA  . VAL A 1 121 ? 8.958   7.823   8.189   1.00 25.47  ? 121 VAL A CA  1 
ATOM   897  C  C   . VAL A 1 121 ? 8.499   7.707   9.638   1.00 32.08  ? 121 VAL A C   1 
ATOM   898  O  O   . VAL A 1 121 ? 7.620   6.901   9.953   1.00 32.41  ? 121 VAL A O   1 
ATOM   899  C  CB  . VAL A 1 121 ? 10.268  7.053   8.032   1.00 27.51  ? 121 VAL A CB  1 
ATOM   900  C  CG1 . VAL A 1 121 ? 10.144  5.676   8.653   1.00 30.21  ? 121 VAL A CG1 1 
ATOM   901  C  CG2 . VAL A 1 121 ? 10.621  6.944   6.561   1.00 34.76  ? 121 VAL A CG2 1 
ATOM   902  N  N   . ASP A 1 122 ? 9.100   8.510   10.516  1.00 36.46  ? 122 ASP A N   1 
ATOM   903  C  CA  . ASP A 1 122 ? 8.754   8.501   11.936  1.00 38.30  ? 122 ASP A CA  1 
ATOM   904  C  C   . ASP A 1 122 ? 7.286   8.862   12.141  1.00 37.64  ? 122 ASP A C   1 
ATOM   905  O  O   . ASP A 1 122 ? 6.561   8.183   12.869  1.00 39.27  ? 122 ASP A O   1 
ATOM   906  C  CB  . ASP A 1 122 ? 9.646   9.482   12.699  1.00 45.37  ? 122 ASP A CB  1 
ATOM   907  C  CG  . ASP A 1 122 ? 11.102  9.032   12.749  1.00 57.26  ? 122 ASP A CG  1 
ATOM   908  O  OD1 . ASP A 1 122 ? 11.361  7.813   12.605  1.00 58.73  ? 122 ASP A OD1 1 
ATOM   909  O  OD2 . ASP A 1 122 ? 11.989  9.899   12.932  1.00 61.89  ? 122 ASP A OD2 1 
ATOM   910  N  N   . GLU A 1 123 ? 6.849   9.939   11.498  1.00 31.16  ? 123 GLU A N   1 
ATOM   911  C  CA  . GLU A 1 123 ? 5.462   10.358  11.609  1.00 27.93  ? 123 GLU A CA  1 
ATOM   912  C  C   . GLU A 1 123 ? 4.566   9.217   11.123  1.00 25.15  ? 123 GLU A C   1 
ATOM   913  O  O   . GLU A 1 123 ? 3.462   9.026   11.632  1.00 23.79  ? 123 GLU A O   1 
ATOM   914  C  CB  . GLU A 1 123 ? 5.225   11.618  10.771  1.00 24.56  ? 123 GLU A CB  1 
ATOM   915  N  N   . MET A 1 124 ? 5.055   8.460   10.140  1.00 24.18  ? 124 MET A N   1 
ATOM   916  C  CA  . MET A 1 124 ? 4.310   7.335   9.578   1.00 21.38  ? 124 MET A CA  1 
ATOM   917  C  C   . MET A 1 124 ? 4.112   6.236   10.623  1.00 21.80  ? 124 MET A C   1 
ATOM   918  O  O   . MET A 1 124 ? 3.009   5.727   10.815  1.00 19.46  ? 124 MET A O   1 
ATOM   919  C  CB  . MET A 1 124 ? 5.052   6.764   8.364   1.00 26.73  ? 124 MET A CB  1 
ATOM   920  C  CG  . MET A 1 124 ? 5.004   7.656   7.117   1.00 32.38  ? 124 MET A CG  1 
ATOM   921  S  SD  . MET A 1 124 ? 4.963   6.734   5.543   1.00 29.55  ? 124 MET A SD  1 
ATOM   922  C  CE  . MET A 1 124 ? 6.480   7.200   4.859   1.00 23.57  ? 124 MET A CE  1 
ATOM   923  N  N   . ILE A 1 125 ? 5.192   5.874   11.296  1.00 23.39  ? 125 ILE A N   1 
ATOM   924  C  CA  . ILE A 1 125 ? 5.138   4.848   12.326  1.00 22.94  ? 125 ILE A CA  1 
ATOM   925  C  C   . ILE A 1 125 ? 4.207   5.268   13.470  1.00 23.69  ? 125 ILE A C   1 
ATOM   926  O  O   . ILE A 1 125 ? 3.343   4.503   13.906  1.00 29.13  ? 125 ILE A O   1 
ATOM   927  C  CB  . ILE A 1 125 ? 6.540   4.584   12.902  1.00 19.67  ? 125 ILE A CB  1 
ATOM   928  C  CG1 . ILE A 1 125 ? 7.386   3.835   11.873  1.00 10.99  ? 125 ILE A CG1 1 
ATOM   929  C  CG2 . ILE A 1 125 ? 6.429   3.811   14.204  1.00 11.69  ? 125 ILE A CG2 1 
ATOM   930  C  CD1 . ILE A 1 125 ? 6.822   2.486   11.497  1.00 16.18  ? 125 ILE A CD1 1 
ATOM   931  N  N   . ARG A 1 126 ? 4.381   6.496   13.938  1.00 22.34  ? 126 ARG A N   1 
ATOM   932  C  CA  . ARG A 1 126 ? 3.591   7.032   15.034  1.00 17.96  ? 126 ARG A CA  1 
ATOM   933  C  C   . ARG A 1 126 ? 2.078   7.030   14.788  1.00 17.24  ? 126 ARG A C   1 
ATOM   934  O  O   . ARG A 1 126 ? 1.302   6.730   15.691  1.00 20.61  ? 126 ARG A O   1 
ATOM   935  C  CB  . ARG A 1 126 ? 4.110   8.433   15.356  1.00 16.25  ? 126 ARG A CB  1 
ATOM   936  C  CG  . ARG A 1 126 ? 3.071   9.479   15.710  1.00 28.66  ? 126 ARG A CG  1 
ATOM   937  C  CD  . ARG A 1 126 ? 3.800   10.772  16.002  1.00 24.05  ? 126 ARG A CD  1 
ATOM   938  N  NE  . ARG A 1 126 ? 5.236   10.496  16.074  1.00 32.60  ? 126 ARG A NE  1 
ATOM   939  C  CZ  . ARG A 1 126 ? 6.175   11.157  15.400  1.00 33.71  ? 126 ARG A CZ  1 
ATOM   940  N  NH1 . ARG A 1 126 ? 5.847   12.158  14.580  1.00 22.47  ? 126 ARG A NH1 1 
ATOM   941  N  NH2 . ARG A 1 126 ? 7.448   10.799  15.535  1.00 29.13  ? 126 ARG A NH2 1 
ATOM   942  N  N   . GLU A 1 127 ? 1.648   7.350   13.574  1.00 17.36  ? 127 GLU A N   1 
ATOM   943  C  CA  . GLU A 1 127 ? 0.218   7.344   13.287  1.00 15.54  ? 127 GLU A CA  1 
ATOM   944  C  C   . GLU A 1 127 ? -0.319  5.912   13.282  1.00 18.46  ? 127 GLU A C   1 
ATOM   945  O  O   . GLU A 1 127 ? -1.527  5.686   13.408  1.00 16.96  ? 127 GLU A O   1 
ATOM   946  C  CB  . GLU A 1 127 ? -0.067  8.011   11.939  1.00 12.31  ? 127 GLU A CB  1 
ATOM   947  C  CG  . GLU A 1 127 ? -0.911  9.286   12.055  1.00 12.76  ? 127 GLU A CG  1 
ATOM   948  N  N   . ALA A 1 128 ? 0.586   4.948   13.148  1.00 22.24  ? 128 ALA A N   1 
ATOM   949  C  CA  . ALA A 1 128 ? 0.217   3.536   13.125  1.00 15.57  ? 128 ALA A CA  1 
ATOM   950  C  C   . ALA A 1 128 ? 0.309   2.946   14.532  1.00 15.43  ? 128 ALA A C   1 
ATOM   951  O  O   . ALA A 1 128 ? -0.472  2.063   14.903  1.00 9.45   ? 128 ALA A O   1 
ATOM   952  C  CB  . ALA A 1 128 ? 1.130   2.790   12.191  1.00 12.93  ? 128 ALA A CB  1 
ATOM   953  N  N   . ASP A 1 129 ? 1.273   3.445   15.300  1.00 8.51   ? 129 ASP A N   1 
ATOM   954  C  CA  . ASP A 1 129 ? 1.507   3.009   16.672  1.00 10.67  ? 129 ASP A CA  1 
ATOM   955  C  C   . ASP A 1 129 ? 0.274   3.250   17.529  1.00 16.62  ? 129 ASP A C   1 
ATOM   956  O  O   . ASP A 1 129 ? -0.321  4.327   17.479  1.00 19.75  ? 129 ASP A O   1 
ATOM   957  C  CB  . ASP A 1 129 ? 2.680   3.790   17.266  1.00 9.73   ? 129 ASP A CB  1 
ATOM   958  C  CG  . ASP A 1 129 ? 3.448   3.003   18.315  1.00 16.36  ? 129 ASP A CG  1 
ATOM   959  O  OD1 . ASP A 1 129 ? 3.049   1.866   18.646  1.00 9.60   ? 129 ASP A OD1 1 
ATOM   960  O  OD2 . ASP A 1 129 ? 4.465   3.534   18.813  1.00 23.08  ? 129 ASP A OD2 1 
ATOM   961  N  N   . ILE A 1 130 ? -0.109  2.252   18.319  1.00 15.58  ? 130 ILE A N   1 
ATOM   962  C  CA  . ILE A 1 130 ? -1.260  2.398   19.199  1.00 18.91  ? 130 ILE A CA  1 
ATOM   963  C  C   . ILE A 1 130 ? -0.827  2.296   20.660  1.00 20.80  ? 130 ILE A C   1 
ATOM   964  O  O   . ILE A 1 130 ? -1.388  2.963   21.521  1.00 21.73  ? 130 ILE A O   1 
ATOM   965  C  CB  . ILE A 1 130 ? -2.333  1.321   18.929  1.00 19.34  ? 130 ILE A CB  1 
ATOM   966  C  CG1 . ILE A 1 130 ? -3.008  1.594   17.590  1.00 18.11  ? 130 ILE A CG1 1 
ATOM   967  C  CG2 . ILE A 1 130 ? -3.392  1.342   20.038  1.00 16.77  ? 130 ILE A CG2 1 
ATOM   968  C  CD1 . ILE A 1 130 ? -4.192  0.693   17.318  1.00 21.86  ? 130 ILE A CD1 1 
ATOM   969  N  N   . ASP A 1 131 ? 0.174   1.461   20.929  1.00 20.95  ? 131 ASP A N   1 
ATOM   970  C  CA  . ASP A 1 131 ? 0.668   1.272   22.290  1.00 21.84  ? 131 ASP A CA  1 
ATOM   971  C  C   . ASP A 1 131 ? 1.856   2.167   22.657  1.00 21.91  ? 131 ASP A C   1 
ATOM   972  O  O   . ASP A 1 131 ? 2.268   2.200   23.819  1.00 20.91  ? 131 ASP A O   1 
ATOM   973  C  CB  . ASP A 1 131 ? 1.037   -0.204  22.523  1.00 19.79  ? 131 ASP A CB  1 
ATOM   974  C  CG  . ASP A 1 131 ? 1.964   -0.765  21.452  1.00 21.91  ? 131 ASP A CG  1 
ATOM   975  O  OD1 . ASP A 1 131 ? 2.636   0.015   20.734  1.00 17.74  ? 131 ASP A OD1 1 
ATOM   976  O  OD2 . ASP A 1 131 ? 2.023   -2.007  21.332  1.00 23.51  ? 131 ASP A OD2 1 
ATOM   977  N  N   . GLY A 1 132 ? 2.411   2.870   21.669  1.00 19.05  ? 132 GLY A N   1 
ATOM   978  C  CA  . GLY A 1 132 ? 3.524   3.776   21.924  1.00 13.86  ? 132 GLY A CA  1 
ATOM   979  C  C   . GLY A 1 132 ? 4.933   3.210   22.029  1.00 8.99   ? 132 GLY A C   1 
ATOM   980  O  O   . GLY A 1 132 ? 5.869   3.929   22.378  1.00 14.08  ? 132 GLY A O   1 
ATOM   981  N  N   . ASP A 1 133 ? 5.099   1.932   21.720  1.00 10.69  ? 133 ASP A N   1 
ATOM   982  C  CA  . ASP A 1 133 ? 6.404   1.300   21.789  1.00 7.02   ? 133 ASP A CA  1 
ATOM   983  C  C   . ASP A 1 133 ? 7.313   1.681   20.602  1.00 11.52  ? 133 ASP A C   1 
ATOM   984  O  O   . ASP A 1 133 ? 8.428   1.155   20.447  1.00 5.67   ? 133 ASP A O   1 
ATOM   985  C  CB  . ASP A 1 133 ? 6.220   -0.212  21.872  1.00 4.69   ? 133 ASP A CB  1 
ATOM   986  C  CG  . ASP A 1 133 ? 5.777   -0.819  20.560  1.00 16.94  ? 133 ASP A CG  1 
ATOM   987  O  OD1 . ASP A 1 133 ? 5.254   -0.066  19.704  1.00 18.87  ? 133 ASP A OD1 1 
ATOM   988  O  OD2 . ASP A 1 133 ? 5.954   -2.050  20.391  1.00 15.21  ? 133 ASP A OD2 1 
ATOM   989  N  N   . GLY A 1 134 ? 6.833   2.606   19.773  1.00 11.47  ? 134 GLY A N   1 
ATOM   990  C  CA  . GLY A 1 134 ? 7.607   3.072   18.633  1.00 6.41   ? 134 GLY A CA  1 
ATOM   991  C  C   . GLY A 1 134 ? 7.717   2.122   17.456  1.00 8.58   ? 134 GLY A C   1 
ATOM   992  O  O   . GLY A 1 134 ? 8.472   2.379   16.520  1.00 12.20  ? 134 GLY A O   1 
ATOM   993  N  N   . GLN A 1 135 ? 6.981   1.015   17.500  1.00 11.55  ? 135 GLN A N   1 
ATOM   994  C  CA  . GLN A 1 135 ? 6.996   0.041   16.416  1.00 4.48   ? 135 GLN A CA  1 
ATOM   995  C  C   . GLN A 1 135 ? 5.555   -0.303  16.070  1.00 11.89  ? 135 GLN A C   1 
ATOM   996  O  O   . GLN A 1 135 ? 4.622   0.135   16.753  1.00 13.63  ? 135 GLN A O   1 
ATOM   997  C  CB  . GLN A 1 135 ? 7.759   -1.214  16.847  1.00 4.33   ? 135 GLN A CB  1 
ATOM   998  C  CG  . GLN A 1 135 ? 9.202   -0.941  17.244  1.00 2.00   ? 135 GLN A CG  1 
ATOM   999  C  CD  . GLN A 1 135 ? 10.115  -2.146  17.071  1.00 4.79   ? 135 GLN A CD  1 
ATOM   1000 O  OE1 . GLN A 1 135 ? 10.105  -3.076  17.880  1.00 7.99   ? 135 GLN A OE1 1 
ATOM   1001 N  NE2 . GLN A 1 135 ? 10.919  -2.129  16.021  1.00 8.98   ? 135 GLN A NE2 1 
ATOM   1002 N  N   . VAL A 1 136 ? 5.360   -1.061  14.997  1.00 13.19  ? 136 VAL A N   1 
ATOM   1003 C  CA  . VAL A 1 136 ? 4.008   -1.451  14.596  1.00 7.41   ? 136 VAL A CA  1 
ATOM   1004 C  C   . VAL A 1 136 ? 3.942   -2.968  14.627  1.00 4.78   ? 136 VAL A C   1 
ATOM   1005 O  O   . VAL A 1 136 ? 4.760   -3.648  14.013  1.00 4.95   ? 136 VAL A O   1 
ATOM   1006 C  CB  . VAL A 1 136 ? 3.650   -0.940  13.158  1.00 11.03  ? 136 VAL A CB  1 
ATOM   1007 C  CG1 . VAL A 1 136 ? 2.153   -1.166  12.861  1.00 5.27   ? 136 VAL A CG1 1 
ATOM   1008 C  CG2 . VAL A 1 136 ? 3.989   0.542   13.021  1.00 2.68   ? 136 VAL A CG2 1 
ATOM   1009 N  N   . ASN A 1 137 ? 2.981   -3.502  15.367  1.00 8.92   ? 137 ASN A N   1 
ATOM   1010 C  CA  . ASN A 1 137 ? 2.839   -4.948  15.470  1.00 12.84  ? 137 ASN A CA  1 
ATOM   1011 C  C   . ASN A 1 137 ? 1.703   -5.406  14.559  1.00 19.36  ? 137 ASN A C   1 
ATOM   1012 O  O   . ASN A 1 137 ? 1.135   -4.604  13.811  1.00 21.07  ? 137 ASN A O   1 
ATOM   1013 C  CB  . ASN A 1 137 ? 2.570   -5.353  16.926  1.00 10.01  ? 137 ASN A CB  1 
ATOM   1014 C  CG  . ASN A 1 137 ? 1.272   -4.785  17.460  1.00 11.12  ? 137 ASN A CG  1 
ATOM   1015 O  OD1 . ASN A 1 137 ? 0.467   -4.234  16.705  1.00 13.66  ? 137 ASN A OD1 1 
ATOM   1016 N  ND2 . ASN A 1 137 ? 1.064   -4.906  18.769  1.00 2.00   ? 137 ASN A ND2 1 
ATOM   1017 N  N   . TYR A 1 138 ? 1.361   -6.689  14.613  1.00 14.54  ? 138 TYR A N   1 
ATOM   1018 C  CA  . TYR A 1 138 ? 0.304   -7.167  13.745  1.00 14.19  ? 138 TYR A CA  1 
ATOM   1019 C  C   . TYR A 1 138 ? -1.046  -6.546  14.074  1.00 12.68  ? 138 TYR A C   1 
ATOM   1020 O  O   . TYR A 1 138 ? -1.694  -5.954  13.213  1.00 15.24  ? 138 TYR A O   1 
ATOM   1021 C  CB  . TYR A 1 138 ? 0.216   -8.686  13.795  1.00 11.49  ? 138 TYR A CB  1 
ATOM   1022 C  CG  . TYR A 1 138 ? -0.770  -9.228  12.796  1.00 15.71  ? 138 TYR A CG  1 
ATOM   1023 C  CD1 . TYR A 1 138 ? -0.509  -9.184  11.430  1.00 10.76  ? 138 TYR A CD1 1 
ATOM   1024 C  CD2 . TYR A 1 138 ? -1.988  -9.744  13.217  1.00 18.68  ? 138 TYR A CD2 1 
ATOM   1025 C  CE1 . TYR A 1 138 ? -1.445  -9.643  10.513  1.00 18.05  ? 138 TYR A CE1 1 
ATOM   1026 C  CE2 . TYR A 1 138 ? -2.924  -10.202 12.316  1.00 19.99  ? 138 TYR A CE2 1 
ATOM   1027 C  CZ  . TYR A 1 138 ? -2.653  -10.150 10.971  1.00 20.90  ? 138 TYR A CZ  1 
ATOM   1028 O  OH  . TYR A 1 138 ? -3.608  -10.615 10.102  1.00 28.02  ? 138 TYR A OH  1 
ATOM   1029 N  N   . GLU A 1 139 ? -1.468  -6.674  15.322  1.00 11.90  ? 139 GLU A N   1 
ATOM   1030 C  CA  . GLU A 1 139 ? -2.735  -6.107  15.737  1.00 19.56  ? 139 GLU A CA  1 
ATOM   1031 C  C   . GLU A 1 139 ? -2.832  -4.639  15.314  1.00 21.51  ? 139 GLU A C   1 
ATOM   1032 O  O   . GLU A 1 139 ? -3.863  -4.201  14.802  1.00 28.56  ? 139 GLU A O   1 
ATOM   1033 C  CB  . GLU A 1 139 ? -2.896  -6.238  17.252  1.00 22.94  ? 139 GLU A CB  1 
ATOM   1034 C  CG  . GLU A 1 139 ? -4.055  -7.139  17.672  1.00 30.72  ? 139 GLU A CG  1 
ATOM   1035 C  CD  . GLU A 1 139 ? -5.125  -7.266  16.593  1.00 38.70  ? 139 GLU A CD  1 
ATOM   1036 O  OE1 . GLU A 1 139 ? -5.805  -6.254  16.301  1.00 34.04  ? 139 GLU A OE1 1 
ATOM   1037 O  OE2 . GLU A 1 139 ? -5.279  -8.379  16.038  1.00 36.21  ? 139 GLU A OE2 1 
ATOM   1038 N  N   . GLU A 1 140 ? -1.760  -3.880  15.524  1.00 17.47  ? 140 GLU A N   1 
ATOM   1039 C  CA  . GLU A 1 140 ? -1.748  -2.473  15.143  1.00 10.99  ? 140 GLU A CA  1 
ATOM   1040 C  C   . GLU A 1 140 ? -1.851  -2.350  13.626  1.00 13.79  ? 140 GLU A C   1 
ATOM   1041 O  O   . GLU A 1 140 ? -2.606  -1.521  13.118  1.00 20.62  ? 140 GLU A O   1 
ATOM   1042 C  CB  . GLU A 1 140 ? -0.459  -1.801  15.616  1.00 13.91  ? 140 GLU A CB  1 
ATOM   1043 C  CG  . GLU A 1 140 ? -0.404  -1.551  17.104  1.00 9.67   ? 140 GLU A CG  1 
ATOM   1044 C  CD  . GLU A 1 140 ? 0.962   -1.088  17.580  1.00 11.37  ? 140 GLU A CD  1 
ATOM   1045 O  OE1 . GLU A 1 140 ? 1.993   -1.430  16.949  1.00 13.29  ? 140 GLU A OE1 1 
ATOM   1046 O  OE2 . GLU A 1 140 ? 0.999   -0.374  18.600  1.00 9.90   ? 140 GLU A OE2 1 
ATOM   1047 N  N   . PHE A 1 141 ? -1.083  -3.168  12.906  1.00 12.84  ? 141 PHE A N   1 
ATOM   1048 C  CA  . PHE A 1 141 ? -1.097  -3.155  11.443  1.00 13.80  ? 141 PHE A CA  1 
ATOM   1049 C  C   . PHE A 1 141 ? -2.506  -3.461  10.940  1.00 16.77  ? 141 PHE A C   1 
ATOM   1050 O  O   . PHE A 1 141 ? -3.030  -2.784  10.054  1.00 15.47  ? 141 PHE A O   1 
ATOM   1051 C  CB  . PHE A 1 141 ? -0.120  -4.204  10.902  1.00 23.65  ? 141 PHE A CB  1 
ATOM   1052 C  CG  . PHE A 1 141 ? 0.106   -4.126  9.411   1.00 18.07  ? 141 PHE A CG  1 
ATOM   1053 C  CD1 . PHE A 1 141 ? 0.922   -3.146  8.867   1.00 16.84  ? 141 PHE A CD1 1 
ATOM   1054 C  CD2 . PHE A 1 141 ? -0.485  -5.050  8.558   1.00 18.95  ? 141 PHE A CD2 1 
ATOM   1055 C  CE1 . PHE A 1 141 ? 1.146   -3.086  7.503   1.00 16.07  ? 141 PHE A CE1 1 
ATOM   1056 C  CE2 . PHE A 1 141 ? -0.265  -4.998  7.191   1.00 19.51  ? 141 PHE A CE2 1 
ATOM   1057 C  CZ  . PHE A 1 141 ? 0.551   -4.014  6.662   1.00 17.43  ? 141 PHE A CZ  1 
ATOM   1058 N  N   . VAL A 1 142 ? -3.123  -4.481  11.523  1.00 12.32  ? 142 VAL A N   1 
ATOM   1059 C  CA  . VAL A 1 142 ? -4.463  -4.869  11.133  1.00 12.26  ? 142 VAL A CA  1 
ATOM   1060 C  C   . VAL A 1 142 ? -5.415  -3.678  11.177  1.00 13.44  ? 142 VAL A C   1 
ATOM   1061 O  O   . VAL A 1 142 ? -6.065  -3.362  10.184  1.00 18.13  ? 142 VAL A O   1 
ATOM   1062 C  CB  . VAL A 1 142 ? -5.024  -5.986  12.063  1.00 7.59   ? 142 VAL A CB  1 
ATOM   1063 C  CG1 . VAL A 1 142 ? -6.454  -6.319  11.688  1.00 2.00   ? 142 VAL A CG1 1 
ATOM   1064 C  CG2 . VAL A 1 142 ? -4.175  -7.232  11.947  1.00 11.28  ? 142 VAL A CG2 1 
ATOM   1065 N  N   . GLN A 1 143 ? -5.486  -3.003  12.320  1.00 15.76  ? 143 GLN A N   1 
ATOM   1066 C  CA  . GLN A 1 143 ? -6.407  -1.876  12.482  1.00 19.56  ? 143 GLN A CA  1 
ATOM   1067 C  C   . GLN A 1 143 ? -6.311  -0.756  11.461  1.00 21.63  ? 143 GLN A C   1 
ATOM   1068 O  O   . GLN A 1 143 ? -7.328  -0.254  11.007  1.00 26.63  ? 143 GLN A O   1 
ATOM   1069 C  CB  . GLN A 1 143 ? -6.291  -1.291  13.890  1.00 11.98  ? 143 GLN A CB  1 
ATOM   1070 C  CG  . GLN A 1 143 ? -6.832  -2.222  14.958  1.00 15.36  ? 143 GLN A CG  1 
ATOM   1071 C  CD  . GLN A 1 143 ? -7.017  -1.549  16.305  1.00 16.99  ? 143 GLN A CD  1 
ATOM   1072 O  OE1 . GLN A 1 143 ? -6.871  -2.186  17.350  1.00 21.23  ? 143 GLN A OE1 1 
ATOM   1073 N  NE2 . GLN A 1 143 ? -7.345  -0.260  16.288  1.00 14.40  ? 143 GLN A NE2 1 
ATOM   1074 N  N   . MET A 1 144 ? -5.101  -0.353  11.098  1.00 30.03  ? 144 MET A N   1 
ATOM   1075 C  CA  . MET A 1 144 ? -4.957  0.724   10.126  1.00 35.40  ? 144 MET A CA  1 
ATOM   1076 C  C   . MET A 1 144 ? -5.206  0.244   8.696   1.00 39.44  ? 144 MET A C   1 
ATOM   1077 O  O   . MET A 1 144 ? -5.576  1.027   7.823   1.00 39.54  ? 144 MET A O   1 
ATOM   1078 C  CB  . MET A 1 144 ? -3.563  1.364   10.246  1.00 34.86  ? 144 MET A CB  1 
ATOM   1079 C  CG  . MET A 1 144 ? -2.416  0.532   9.701   1.00 38.43  ? 144 MET A CG  1 
ATOM   1080 S  SD  . MET A 1 144 ? -1.169  1.550   8.872   1.00 39.91  ? 144 MET A SD  1 
ATOM   1081 C  CE  . MET A 1 144 ? -0.611  0.428   7.607   1.00 34.33  ? 144 MET A CE  1 
ATOM   1082 N  N   . MET A 1 145 ? -5.012  -1.051  8.468   1.00 45.86  ? 145 MET A N   1 
ATOM   1083 C  CA  . MET A 1 145 ? -5.212  -1.643  7.153   1.00 51.17  ? 145 MET A CA  1 
ATOM   1084 C  C   . MET A 1 145 ? -6.689  -1.883  6.874   1.00 54.36  ? 145 MET A C   1 
ATOM   1085 O  O   . MET A 1 145 ? -7.114  -1.929  5.718   1.00 59.42  ? 145 MET A O   1 
ATOM   1086 C  CB  . MET A 1 145 ? -4.457  -2.971  7.051   1.00 54.05  ? 145 MET A CB  1 
ATOM   1087 C  CG  . MET A 1 145 ? -3.540  -3.065  5.847   1.00 61.51  ? 145 MET A CG  1 
ATOM   1088 S  SD  . MET A 1 145 ? -2.366  -1.688  5.777   1.00 72.30  ? 145 MET A SD  1 
ATOM   1089 C  CE  . MET A 1 145 ? -3.439  -0.347  5.273   1.00 72.38  ? 145 MET A CE  1 
ATOM   1090 N  N   . THR A 1 146 ? -7.471  -2.038  7.936   1.00 54.38  ? 146 THR A N   1 
ATOM   1091 C  CA  . THR A 1 146 ? -8.897  -2.282  7.795   1.00 55.70  ? 146 THR A CA  1 
ATOM   1092 C  C   . THR A 1 146 ? -9.720  -1.015  8.064   1.00 64.96  ? 146 THR A C   1 
ATOM   1093 O  O   . THR A 1 146 ? -10.351 -0.861  9.111   1.00 65.57  ? 146 THR A O   1 
ATOM   1094 C  CB  . THR A 1 146 ? -9.343  -3.440  8.731   1.00 47.05  ? 146 THR A CB  1 
ATOM   1095 O  OG1 . THR A 1 146 ? -9.350  -3.002  10.093  1.00 33.03  ? 146 THR A OG1 1 
ATOM   1096 C  CG2 . THR A 1 146 ? -8.384  -4.609  8.607   1.00 47.30  ? 146 THR A CG2 1 
HETATM 1097 CA CA  . CA  B 2 .   ? 1.186   5.190   -15.712 1.00 17.91  ? 149 CA  A CA  1 
HETATM 1098 CA CA  . CA  C 2 .   ? -10.230 2.880   -15.475 1.00 30.21  ? 150 CA  A CA  1 
HETATM 1099 CA CA  . CA  D 2 .   ? 10.679  -6.426  12.282  1.00 27.00  ? 151 CA  A CA  1 
HETATM 1100 CA CA  . CA  E 2 .   ? 3.300   -0.404  18.543  1.00 15.07  ? 152 CA  A CA  1 
HETATM 1101 C  C11 . DPD F 3 .   ? -4.343  -2.406  -6.690  1.00 22.21  ? 153 DPD A C11 1 
HETATM 1102 C  C12 . DPD F 3 .   ? -3.643  -1.181  -6.766  1.00 22.76  ? 153 DPD A C12 1 
HETATM 1103 C  C13 . DPD F 3 .   ? -3.677  -0.402  -7.936  1.00 18.24  ? 153 DPD A C13 1 
HETATM 1104 C  C14 . DPD F 3 .   ? -4.416  -0.841  -9.053  1.00 14.05  ? 153 DPD A C14 1 
HETATM 1105 C  C15 . DPD F 3 .   ? -5.119  -2.053  -8.991  1.00 3.86   ? 153 DPD A C15 1 
HETATM 1106 C  C16 . DPD F 3 .   ? -5.078  -2.825  -7.821  1.00 14.77  ? 153 DPD A C16 1 
HETATM 1107 C  C21 . DPD F 3 .   ? -3.134  -2.894  -4.524  1.00 24.17  ? 153 DPD A C21 1 
HETATM 1108 C  C22 . DPD F 3 .   ? -3.285  -1.959  -3.483  1.00 27.01  ? 153 DPD A C22 1 
HETATM 1109 C  C23 . DPD F 3 .   ? -2.206  -1.624  -2.654  1.00 23.73  ? 153 DPD A C23 1 
HETATM 1110 C  C24 . DPD F 3 .   ? -0.956  -2.219  -2.853  1.00 20.31  ? 153 DPD A C24 1 
HETATM 1111 C  C25 . DPD F 3 .   ? -0.789  -3.148  -3.883  1.00 19.52  ? 153 DPD A C25 1 
HETATM 1112 C  C26 . DPD F 3 .   ? -1.867  -3.481  -4.706  1.00 17.51  ? 153 DPD A C26 1 
HETATM 1113 C  C1  . DPD F 3 .   ? -4.310  -3.275  -5.428  1.00 27.76  ? 153 DPD A C1  1 
HETATM 1114 C  C2  . DPD F 3 .   ? -5.665  -3.255  -4.697  1.00 34.54  ? 153 DPD A C2  1 
HETATM 1115 C  C3  . DPD F 3 .   ? -5.857  -4.347  -3.623  1.00 41.46  ? 153 DPD A C3  1 
HETATM 1116 N  N4  . DPD F 3 .   ? -6.355  -3.867  -2.316  1.00 46.51  ? 153 DPD A N4  1 
HETATM 1117 C  C5  . DPD F 3 .   ? -7.821  -3.858  -2.129  1.00 47.87  ? 153 DPD A C5  1 
HETATM 1118 C  C6  . DPD F 3 .   ? -8.261  -3.592  -0.681  1.00 59.45  ? 153 DPD A C6  1 
HETATM 1119 C  C7  . DPD F 3 .   ? -8.146  -2.114  -0.270  1.00 60.35  ? 153 DPD A C7  1 
HETATM 1120 N  N8  . DPD F 3 .   ? -6.785  -1.694  0.149   1.00 58.55  ? 153 DPD A N8  1 
HETATM 1121 C  C9  . DPD F 3 .   ? -6.214  -2.313  1.373   1.00 56.65  ? 153 DPD A C9  1 
HETATM 1122 C  C19 . DPD F 3 .   ? -6.187  -1.354  2.586   1.00 46.20  ? 153 DPD A C19 1 
HETATM 1123 C  C31 . DPD F 3 .   ? -4.841  -2.871  1.064   1.00 50.69  ? 153 DPD A C31 1 
HETATM 1124 C  C32 . DPD F 3 .   ? -3.695  -2.075  1.208   1.00 44.98  ? 153 DPD A C32 1 
HETATM 1125 C  C33 . DPD F 3 .   ? -2.410  -2.559  0.931   1.00 45.86  ? 153 DPD A C33 1 
HETATM 1126 C  C34 . DPD F 3 .   ? -2.229  -3.913  0.481   1.00 45.26  ? 153 DPD A C34 1 
HETATM 1127 C  C35 . DPD F 3 .   ? -3.397  -4.707  0.338   1.00 46.99  ? 153 DPD A C35 1 
HETATM 1128 C  C36 . DPD F 3 .   ? -4.674  -4.202  0.621   1.00 51.98  ? 153 DPD A C36 1 
HETATM 1129 O  O3  . DPD F 3 .   ? -1.401  -1.642  1.130   1.00 43.16  ? 153 DPD A O3  1 
HETATM 1130 C  C41 . DPD F 3 .   ? -0.620  -1.667  2.325   1.00 44.23  ? 153 DPD A C41 1 
HETATM 1131 C  C42 . DPD F 3 .   ? 0.456   -2.768  2.263   1.00 41.59  ? 153 DPD A C42 1 
HETATM 1132 C  C43 . DPD F 3 .   ? 1.417   -2.632  1.071   1.00 48.77  ? 153 DPD A C43 1 
HETATM 1133 C  C44 . DPD F 3 .   ? 2.295   -1.370  1.120   1.00 46.04  ? 153 DPD A C44 1 
HETATM 1134 O  O4  . DPD F 3 .   ? -0.983  -4.444  0.195   1.00 45.29  ? 153 DPD A O4  1 
HETATM 1135 C  C51 . DPD F 3 .   ? -0.842  -5.703  -0.472  1.00 43.77  ? 153 DPD A C51 1 
HETATM 1136 C  C52 . DPD F 3 .   ? 0.634   -6.012  -0.760  1.00 38.78  ? 153 DPD A C52 1 
HETATM 1137 C  C53 . DPD F 3 .   ? 0.982   -7.509  -0.694  1.00 40.90  ? 153 DPD A C53 1 
HETATM 1138 C  C54 . DPD F 3 .   ? 2.423   -7.786  -0.242  1.00 39.21  ? 153 DPD A C54 1 
HETATM 1139 C  C11 . DPD G 3 .   ? 2.720   2.493   7.236   1.00 38.16  ? 154 DPD A C11 1 
HETATM 1140 C  C12 . DPD G 3 .   ? 2.751   1.111   6.939   1.00 40.58  ? 154 DPD A C12 1 
HETATM 1141 C  C13 . DPD G 3 .   ? 3.254   0.179   7.862   1.00 36.44  ? 154 DPD A C13 1 
HETATM 1142 C  C14 . DPD G 3 .   ? 3.737   0.612   9.101   1.00 38.33  ? 154 DPD A C14 1 
HETATM 1143 C  C15 . DPD G 3 .   ? 3.714   1.977   9.413   1.00 38.32  ? 154 DPD A C15 1 
HETATM 1144 C  C16 . DPD G 3 .   ? 3.210   2.906   8.488   1.00 36.39  ? 154 DPD A C16 1 
HETATM 1145 C  C21 . DPD G 3 .   ? 2.293   2.966   4.810   1.00 42.62  ? 154 DPD A C21 1 
HETATM 1146 C  C22 . DPD G 3 .   ? 1.226   2.267   4.206   1.00 42.37  ? 154 DPD A C22 1 
HETATM 1147 C  C23 . DPD G 3 .   ? 1.343   1.759   2.903   1.00 40.39  ? 154 DPD A C23 1 
HETATM 1148 C  C24 . DPD G 3 .   ? 2.531   1.941   2.179   1.00 40.14  ? 154 DPD A C24 1 
HETATM 1149 C  C25 . DPD G 3 .   ? 3.600   2.633   2.762   1.00 37.93  ? 154 DPD A C25 1 
HETATM 1150 C  C26 . DPD G 3 .   ? 3.482   3.141   4.066   1.00 41.26  ? 154 DPD A C26 1 
HETATM 1151 C  C1  . DPD G 3 .   ? 2.174   3.517   6.228   1.00 42.16  ? 154 DPD A C1  1 
HETATM 1152 C  C2  . DPD G 3 .   ? 0.738   3.956   6.596   1.00 45.22  ? 154 DPD A C2  1 
HETATM 1153 C  C3  . DPD G 3 .   ? 0.097   5.033   5.697   1.00 47.83  ? 154 DPD A C3  1 
HETATM 1154 N  N4  . DPD G 3 .   ? -1.296  4.759   5.260   1.00 47.49  ? 154 DPD A N4  1 
HETATM 1155 C  C5  . DPD G 3 .   ? -2.140  3.930   6.156   1.00 44.03  ? 154 DPD A C5  1 
HETATM 1156 C  C6  . DPD G 3 .   ? -3.648  4.201   6.031   1.00 45.04  ? 154 DPD A C6  1 
HETATM 1157 C  C7  . DPD G 3 .   ? -4.487  2.942   5.742   1.00 46.25  ? 154 DPD A C7  1 
HETATM 1158 N  N8  . DPD G 3 .   ? -4.161  2.265   4.460   1.00 53.15  ? 154 DPD A N8  1 
HETATM 1159 C  C9  . DPD G 3 .   ? -4.478  2.973   3.190   1.00 59.14  ? 154 DPD A C9  1 
HETATM 1160 C  C19 . DPD G 3 .   ? -5.344  2.121   2.233   1.00 58.19  ? 154 DPD A C19 1 
HETATM 1161 C  C31 . DPD G 3 .   ? -3.198  3.464   2.507   1.00 59.07  ? 154 DPD A C31 1 
HETATM 1162 C  C32 . DPD G 3 .   ? -2.412  2.598   1.711   1.00 56.67  ? 154 DPD A C32 1 
HETATM 1163 C  C33 . DPD G 3 .   ? -1.232  3.027   1.072   1.00 53.19  ? 154 DPD A C33 1 
HETATM 1164 C  C34 . DPD G 3 .   ? -0.792  4.384   1.219   1.00 50.43  ? 154 DPD A C34 1 
HETATM 1165 C  C35 . DPD G 3 .   ? -1.589  5.242   2.018   1.00 52.17  ? 154 DPD A C35 1 
HETATM 1166 C  C36 . DPD G 3 .   ? -2.761  4.801   2.646   1.00 53.93  ? 154 DPD A C36 1 
HETATM 1167 O  O3  . DPD G 3 .   ? -0.586  2.055   0.333   1.00 51.17  ? 154 DPD A O3  1 
HETATM 1168 C  C41 . DPD G 3 .   ? -0.004  2.354   -0.934  1.00 45.86  ? 154 DPD A C41 1 
HETATM 1169 C  C42 . DPD G 3 .   ? 1.393   1.737   -1.071  1.00 35.46  ? 154 DPD A C42 1 
HETATM 1170 C  C43 . DPD G 3 .   ? 1.391   0.404   -1.821  1.00 29.38  ? 154 DPD A C43 1 
HETATM 1171 C  C44 . DPD G 3 .   ? 2.795   -0.127  -2.120  1.00 41.81  ? 154 DPD A C44 1 
HETATM 1172 O  O4  . DPD G 3 .   ? 0.355   4.859   0.618   1.00 41.70  ? 154 DPD A O4  1 
HETATM 1173 C  C51 . DPD G 3 .   ? 1.112   5.914   1.202   1.00 47.43  ? 154 DPD A C51 1 
HETATM 1174 C  C52 . DPD G 3 .   ? 2.429   6.120   0.446   1.00 47.57  ? 154 DPD A C52 1 
HETATM 1175 C  C53 . DPD G 3 .   ? 3.510   6.846   1.267   1.00 49.81  ? 154 DPD A C53 1 
HETATM 1176 C  C54 . DPD G 3 .   ? 4.832   6.074   1.361   1.00 52.40  ? 154 DPD A C54 1 
# 
loop_
_pdbx_poly_seq_scheme.asym_id 
_pdbx_poly_seq_scheme.entity_id 
_pdbx_poly_seq_scheme.seq_id 
_pdbx_poly_seq_scheme.mon_id 
_pdbx_poly_seq_scheme.ndb_seq_num 
_pdbx_poly_seq_scheme.pdb_seq_num 
_pdbx_poly_seq_scheme.auth_seq_num 
_pdbx_poly_seq_scheme.pdb_mon_id 
_pdbx_poly_seq_scheme.auth_mon_id 
_pdbx_poly_seq_scheme.pdb_strand_id 
_pdbx_poly_seq_scheme.pdb_ins_code 
_pdbx_poly_seq_scheme.hetero 
A 1 1   ALA 1   1   ?   ?   ?   A . n 
A 1 2   ASP 2   2   ?   ?   ?   A . n 
A 1 3   GLN 3   3   3   GLN GLN A . n 
A 1 4   LEU 4   4   4   LEU LEU A . n 
A 1 5   THR 5   5   5   THR THR A . n 
A 1 6   GLU 6   6   6   GLU GLU A . n 
A 1 7   GLU 7   7   7   GLU GLU A . n 
A 1 8   GLN 8   8   8   GLN GLN A . n 
A 1 9   ILE 9   9   9   ILE ILE A . n 
A 1 10  ALA 10  10  10  ALA ALA A . n 
A 1 11  GLU 11  11  11  GLU GLU A . n 
A 1 12  PHE 12  12  12  PHE PHE A . n 
A 1 13  LYS 13  13  13  LYS LYS A . n 
A 1 14  GLU 14  14  14  GLU GLU A . n 
A 1 15  ALA 15  15  15  ALA ALA A . n 
A 1 16  PHE 16  16  16  PHE PHE A . n 
A 1 17  SER 17  17  17  SER SER A . n 
A 1 18  LEU 18  18  18  LEU LEU A . n 
A 1 19  PHE 19  19  19  PHE PHE A . n 
A 1 20  ASP 20  20  20  ASP ASP A . n 
A 1 21  LYS 21  21  21  LYS LYS A . n 
A 1 22  ASP 22  22  22  ASP ASP A . n 
A 1 23  GLY 23  23  23  GLY GLY A . n 
A 1 24  ASP 24  24  24  ASP ASP A . n 
A 1 25  GLY 25  25  25  GLY GLY A . n 
A 1 26  THR 26  26  26  THR THR A . n 
A 1 27  ILE 27  27  27  ILE ILE A . n 
A 1 28  THR 28  28  28  THR THR A . n 
A 1 29  THR 29  29  29  THR THR A . n 
A 1 30  LYS 30  30  30  LYS LYS A . n 
A 1 31  GLU 31  31  31  GLU GLU A . n 
A 1 32  LEU 32  32  32  LEU LEU A . n 
A 1 33  GLY 33  33  33  GLY GLY A . n 
A 1 34  THR 34  34  34  THR THR A . n 
A 1 35  VAL 35  35  35  VAL VAL A . n 
A 1 36  MET 36  36  36  MET MET A . n 
A 1 37  ARG 37  37  37  ARG ARG A . n 
A 1 38  SER 38  38  38  SER SER A . n 
A 1 39  LEU 39  39  39  LEU LEU A . n 
A 1 40  GLY 40  40  40  GLY GLY A . n 
A 1 41  GLN 41  41  41  GLN GLN A . n 
A 1 42  ASN 42  42  42  ASN ASN A . n 
A 1 43  PRO 43  43  43  PRO PRO A . n 
A 1 44  THR 44  44  44  THR THR A . n 
A 1 45  GLU 45  45  45  GLU GLU A . n 
A 1 46  ALA 46  46  46  ALA ALA A . n 
A 1 47  GLU 47  47  47  GLU GLU A . n 
A 1 48  LEU 48  48  48  LEU LEU A . n 
A 1 49  GLN 49  49  49  GLN GLN A . n 
A 1 50  ASP 50  50  50  ASP ASP A . n 
A 1 51  MET 51  51  51  MET MET A . n 
A 1 52  ILE 52  52  52  ILE ILE A . n 
A 1 53  ASN 53  53  53  ASN ASN A . n 
A 1 54  GLU 54  54  54  GLU GLU A . n 
A 1 55  VAL 55  55  55  VAL VAL A . n 
A 1 56  ASP 56  56  56  ASP ASP A . n 
A 1 57  ALA 57  57  57  ALA ALA A . n 
A 1 58  ASP 58  58  58  ASP ASP A . n 
A 1 59  GLY 59  59  59  GLY GLY A . n 
A 1 60  ASN 60  60  60  ASN ASN A . n 
A 1 61  GLY 61  61  61  GLY GLY A . n 
A 1 62  THR 62  62  62  THR THR A . n 
A 1 63  ILE 63  63  63  ILE ILE A . n 
A 1 64  ASP 64  64  64  ASP ASP A . n 
A 1 65  PHE 65  65  65  PHE PHE A . n 
A 1 66  PRO 66  66  66  PRO PRO A . n 
A 1 67  GLU 67  67  67  GLU GLU A . n 
A 1 68  PHE 68  68  68  PHE PHE A . n 
A 1 69  LEU 69  69  69  LEU LEU A . n 
A 1 70  THR 70  70  70  THR THR A . n 
A 1 71  MET 71  71  71  MET MET A . n 
A 1 72  MET 72  72  72  MET MET A . n 
A 1 73  ALA 73  73  73  ALA ALA A . n 
A 1 74  ARG 74  74  74  ARG ARG A . n 
A 1 75  LYS 75  75  75  LYS LYS A . n 
A 1 76  MET 76  76  76  MET MET A . n 
A 1 77  LYS 77  77  77  LYS LYS A . n 
A 1 78  ASP 78  78  78  ASP ASP A . n 
A 1 79  THR 79  79  79  THR THR A . n 
A 1 80  ASP 80  80  80  ASP ASP A . n 
A 1 81  SER 81  81  81  SER SER A . n 
A 1 82  GLU 82  82  82  GLU GLU A . n 
A 1 83  GLU 83  83  83  GLU GLU A . n 
A 1 84  GLU 84  84  84  GLU GLU A . n 
A 1 85  ILE 85  85  85  ILE ILE A . n 
A 1 86  ARG 86  86  86  ARG ARG A . n 
A 1 87  GLU 87  87  87  GLU GLU A . n 
A 1 88  ALA 88  88  88  ALA ALA A . n 
A 1 89  PHE 89  89  89  PHE PHE A . n 
A 1 90  ARG 90  90  90  ARG ARG A . n 
A 1 91  VAL 91  91  91  VAL VAL A . n 
A 1 92  PHE 92  92  92  PHE PHE A . n 
A 1 93  ASP 93  93  93  ASP ASP A . n 
A 1 94  LYS 94  94  94  LYS LYS A . n 
A 1 95  ASP 95  95  95  ASP ASP A . n 
A 1 96  GLY 96  96  96  GLY GLY A . n 
A 1 97  ASN 97  97  97  ASN ASN A . n 
A 1 98  GLY 98  98  98  GLY GLY A . n 
A 1 99  TYR 99  99  99  TYR TYR A . n 
A 1 100 ILE 100 100 100 ILE ILE A . n 
A 1 101 SER 101 101 101 SER SER A . n 
A 1 102 ALA 102 102 102 ALA ALA A . n 
A 1 103 ALA 103 103 103 ALA ALA A . n 
A 1 104 GLU 104 104 104 GLU GLU A . n 
A 1 105 LEU 105 105 105 LEU LEU A . n 
A 1 106 ARG 106 106 106 ARG ARG A . n 
A 1 107 HIS 107 107 107 HIS HIS A . n 
A 1 108 VAL 108 108 108 VAL VAL A . n 
A 1 109 MET 109 109 109 MET MET A . n 
A 1 110 THR 110 110 110 THR THR A . n 
A 1 111 ASN 111 111 111 ASN ASN A . n 
A 1 112 LEU 112 112 112 LEU LEU A . n 
A 1 113 GLY 113 113 113 GLY GLY A . n 
A 1 114 GLU 114 114 114 GLU GLU A . n 
A 1 115 LYS 115 115 115 LYS LYS A . n 
A 1 116 LEU 116 116 116 LEU LEU A . n 
A 1 117 THR 117 117 117 THR THR A . n 
A 1 118 ASP 118 118 118 ASP ASP A . n 
A 1 119 GLU 119 119 119 GLU GLU A . n 
A 1 120 GLU 120 120 120 GLU GLU A . n 
A 1 121 VAL 121 121 121 VAL VAL A . n 
A 1 122 ASP 122 122 122 ASP ASP A . n 
A 1 123 GLU 123 123 123 GLU GLU A . n 
A 1 124 MET 124 124 124 MET MET A . n 
A 1 125 ILE 125 125 125 ILE ILE A . n 
A 1 126 ARG 126 126 126 ARG ARG A . n 
A 1 127 GLU 127 127 127 GLU GLU A . n 
A 1 128 ALA 128 128 128 ALA ALA A . n 
A 1 129 ASP 129 129 129 ASP ASP A . n 
A 1 130 ILE 130 130 130 ILE ILE A . n 
A 1 131 ASP 131 131 131 ASP ASP A . n 
A 1 132 GLY 132 132 132 GLY GLY A . n 
A 1 133 ASP 133 133 133 ASP ASP A . n 
A 1 134 GLY 134 134 134 GLY GLY A . n 
A 1 135 GLN 135 135 135 GLN GLN A . n 
A 1 136 VAL 136 136 136 VAL VAL A . n 
A 1 137 ASN 137 137 137 ASN ASN A . n 
A 1 138 TYR 138 138 138 TYR TYR A . n 
A 1 139 GLU 139 139 139 GLU GLU A . n 
A 1 140 GLU 140 140 140 GLU GLU A . n 
A 1 141 PHE 141 141 141 PHE PHE A . n 
A 1 142 VAL 142 142 142 VAL VAL A . n 
A 1 143 GLN 143 143 143 GLN GLN A . n 
A 1 144 MET 144 144 144 MET MET A . n 
A 1 145 MET 145 145 145 MET MET A . n 
A 1 146 THR 146 146 146 THR THR A . n 
A 1 147 ALA 147 147 ?   ?   ?   A . n 
A 1 148 LYS 148 148 ?   ?   ?   A . n 
# 
loop_
_pdbx_nonpoly_scheme.asym_id 
_pdbx_nonpoly_scheme.entity_id 
_pdbx_nonpoly_scheme.mon_id 
_pdbx_nonpoly_scheme.ndb_seq_num 
_pdbx_nonpoly_scheme.pdb_seq_num 
_pdbx_nonpoly_scheme.auth_seq_num 
_pdbx_nonpoly_scheme.pdb_mon_id 
_pdbx_nonpoly_scheme.auth_mon_id 
_pdbx_nonpoly_scheme.pdb_strand_id 
_pdbx_nonpoly_scheme.pdb_ins_code 
B 2 CA  1 149 149 CA  CA  A . 
C 2 CA  1 150 150 CA  CA  A . 
D 2 CA  1 151 151 CA  CA  A . 
E 2 CA  1 152 152 CA  CA  A . 
F 3 DPD 1 153 153 DPD DPD A . 
G 3 DPD 1 154 154 DPD DPD A . 
# 
_pdbx_struct_assembly.id                   1 
_pdbx_struct_assembly.details              software_defined_assembly 
_pdbx_struct_assembly.method_details       PQS 
_pdbx_struct_assembly.oligomeric_details   monomeric 
_pdbx_struct_assembly.oligomeric_count     1 
# 
_pdbx_struct_assembly_gen.assembly_id       1 
_pdbx_struct_assembly_gen.oper_expression   1 
_pdbx_struct_assembly_gen.asym_id_list      A,B,C,D,E,F,G 
# 
_pdbx_struct_oper_list.id                   1 
_pdbx_struct_oper_list.type                 'identity operation' 
_pdbx_struct_oper_list.name                 1_555 
_pdbx_struct_oper_list.symmetry_operation   x,y,z 
_pdbx_struct_oper_list.matrix[1][1]         1.0000000000 
_pdbx_struct_oper_list.matrix[1][2]         0.0000000000 
_pdbx_struct_oper_list.matrix[1][3]         0.0000000000 
_pdbx_struct_oper_list.vector[1]            0.0000000000 
_pdbx_struct_oper_list.matrix[2][1]         0.0000000000 
_pdbx_struct_oper_list.matrix[2][2]         1.0000000000 
_pdbx_struct_oper_list.matrix[2][3]         0.0000000000 
_pdbx_struct_oper_list.vector[2]            0.0000000000 
_pdbx_struct_oper_list.matrix[3][1]         0.0000000000 
_pdbx_struct_oper_list.matrix[3][2]         0.0000000000 
_pdbx_struct_oper_list.matrix[3][3]         1.0000000000 
_pdbx_struct_oper_list.vector[3]            0.0000000000 
# 
loop_
_pdbx_struct_conn_angle.id 
_pdbx_struct_conn_angle.ptnr1_label_atom_id 
_pdbx_struct_conn_angle.ptnr1_label_alt_id 
_pdbx_struct_conn_angle.ptnr1_label_asym_id 
_pdbx_struct_conn_angle.ptnr1_label_comp_id 
_pdbx_struct_conn_angle.ptnr1_label_seq_id 
_pdbx_struct_conn_angle.ptnr1_auth_atom_id 
_pdbx_struct_conn_angle.ptnr1_auth_asym_id 
_pdbx_struct_conn_angle.ptnr1_auth_comp_id 
_pdbx_struct_conn_angle.ptnr1_auth_seq_id 
_pdbx_struct_conn_angle.ptnr1_PDB_ins_code 
_pdbx_struct_conn_angle.ptnr1_symmetry 
_pdbx_struct_conn_angle.ptnr2_label_atom_id 
_pdbx_struct_conn_angle.ptnr2_label_alt_id 
_pdbx_struct_conn_angle.ptnr2_label_asym_id 
_pdbx_struct_conn_angle.ptnr2_label_comp_id 
_pdbx_struct_conn_angle.ptnr2_label_seq_id 
_pdbx_struct_conn_angle.ptnr2_auth_atom_id 
_pdbx_struct_conn_angle.ptnr2_auth_asym_id 
_pdbx_struct_conn_angle.ptnr2_auth_comp_id 
_pdbx_struct_conn_angle.ptnr2_auth_seq_id 
_pdbx_struct_conn_angle.ptnr2_PDB_ins_code 
_pdbx_struct_conn_angle.ptnr2_symmetry 
_pdbx_struct_conn_angle.ptnr3_label_atom_id 
_pdbx_struct_conn_angle.ptnr3_label_alt_id 
_pdbx_struct_conn_angle.ptnr3_label_asym_id 
_pdbx_struct_conn_angle.ptnr3_label_comp_id 
_pdbx_struct_conn_angle.ptnr3_label_seq_id 
_pdbx_struct_conn_angle.ptnr3_auth_atom_id 
_pdbx_struct_conn_angle.ptnr3_auth_asym_id 
_pdbx_struct_conn_angle.ptnr3_auth_comp_id 
_pdbx_struct_conn_angle.ptnr3_auth_seq_id 
_pdbx_struct_conn_angle.ptnr3_PDB_ins_code 
_pdbx_struct_conn_angle.ptnr3_symmetry 
_pdbx_struct_conn_angle.value 
_pdbx_struct_conn_angle.value_esd 
1  OD1 ? A ASP 20  ? A ASP 20  ? 1_555 CA ? B CA . ? A CA 149 ? 1_555 OD1 ? A ASP 22  ? A ASP 22  ? 1_555 75.9  ? 
2  OD1 ? A ASP 20  ? A ASP 20  ? 1_555 CA ? B CA . ? A CA 149 ? 1_555 OD2 ? A ASP 22  ? A ASP 22  ? 1_555 115.8 ? 
3  OD1 ? A ASP 22  ? A ASP 22  ? 1_555 CA ? B CA . ? A CA 149 ? 1_555 OD2 ? A ASP 22  ? A ASP 22  ? 1_555 40.0  ? 
4  OD1 ? A ASP 20  ? A ASP 20  ? 1_555 CA ? B CA . ? A CA 149 ? 1_555 OD1 ? A ASP 24  ? A ASP 24  ? 1_555 77.2  ? 
5  OD1 ? A ASP 22  ? A ASP 22  ? 1_555 CA ? B CA . ? A CA 149 ? 1_555 OD1 ? A ASP 24  ? A ASP 24  ? 1_555 72.5  ? 
6  OD2 ? A ASP 22  ? A ASP 22  ? 1_555 CA ? B CA . ? A CA 149 ? 1_555 OD1 ? A ASP 24  ? A ASP 24  ? 1_555 78.9  ? 
7  OD1 ? A ASP 20  ? A ASP 20  ? 1_555 CA ? B CA . ? A CA 149 ? 1_555 O   ? A THR 26  ? A THR 26  ? 1_555 85.7  ? 
8  OD1 ? A ASP 22  ? A ASP 22  ? 1_555 CA ? B CA . ? A CA 149 ? 1_555 O   ? A THR 26  ? A THR 26  ? 1_555 151.7 ? 
9  OD2 ? A ASP 22  ? A ASP 22  ? 1_555 CA ? B CA . ? A CA 149 ? 1_555 O   ? A THR 26  ? A THR 26  ? 1_555 147.3 ? 
10 OD1 ? A ASP 24  ? A ASP 24  ? 1_555 CA ? B CA . ? A CA 149 ? 1_555 O   ? A THR 26  ? A THR 26  ? 1_555 82.7  ? 
11 OD1 ? A ASP 20  ? A ASP 20  ? 1_555 CA ? B CA . ? A CA 149 ? 1_555 OE1 ? A GLU 31  ? A GLU 31  ? 1_555 113.8 ? 
12 OD1 ? A ASP 22  ? A ASP 22  ? 1_555 CA ? B CA . ? A CA 149 ? 1_555 OE1 ? A GLU 31  ? A GLU 31  ? 1_555 134.3 ? 
13 OD2 ? A ASP 22  ? A ASP 22  ? 1_555 CA ? B CA . ? A CA 149 ? 1_555 OE1 ? A GLU 31  ? A GLU 31  ? 1_555 115.0 ? 
14 OD1 ? A ASP 24  ? A ASP 24  ? 1_555 CA ? B CA . ? A CA 149 ? 1_555 OE1 ? A GLU 31  ? A GLU 31  ? 1_555 151.8 ? 
15 O   ? A THR 26  ? A THR 26  ? 1_555 CA ? B CA . ? A CA 149 ? 1_555 OE1 ? A GLU 31  ? A GLU 31  ? 1_555 72.8  ? 
16 OD1 ? A ASP 20  ? A ASP 20  ? 1_555 CA ? B CA . ? A CA 149 ? 1_555 OE2 ? A GLU 31  ? A GLU 31  ? 1_555 105.8 ? 
17 OD1 ? A ASP 22  ? A ASP 22  ? 1_555 CA ? B CA . ? A CA 149 ? 1_555 OE2 ? A GLU 31  ? A GLU 31  ? 1_555 77.9  ? 
18 OD2 ? A ASP 22  ? A ASP 22  ? 1_555 CA ? B CA . ? A CA 149 ? 1_555 OE2 ? A GLU 31  ? A GLU 31  ? 1_555 71.6  ? 
19 OD1 ? A ASP 24  ? A ASP 24  ? 1_555 CA ? B CA . ? A CA 149 ? 1_555 OE2 ? A GLU 31  ? A GLU 31  ? 1_555 148.6 ? 
20 O   ? A THR 26  ? A THR 26  ? 1_555 CA ? B CA . ? A CA 149 ? 1_555 OE2 ? A GLU 31  ? A GLU 31  ? 1_555 128.4 ? 
21 OE1 ? A GLU 31  ? A GLU 31  ? 1_555 CA ? B CA . ? A CA 149 ? 1_555 OE2 ? A GLU 31  ? A GLU 31  ? 1_555 56.4  ? 
22 OD1 ? A ASP 56  ? A ASP 56  ? 1_555 CA ? C CA . ? A CA 150 ? 1_555 OD1 ? A ASP 58  ? A ASP 58  ? 1_555 82.7  ? 
23 OD1 ? A ASP 56  ? A ASP 56  ? 1_555 CA ? C CA . ? A CA 150 ? 1_555 OD1 ? A ASN 60  ? A ASN 60  ? 1_555 72.8  ? 
24 OD1 ? A ASP 58  ? A ASP 58  ? 1_555 CA ? C CA . ? A CA 150 ? 1_555 OD1 ? A ASN 60  ? A ASN 60  ? 1_555 81.3  ? 
25 OD1 ? A ASP 56  ? A ASP 56  ? 1_555 CA ? C CA . ? A CA 150 ? 1_555 ND2 ? A ASN 60  ? A ASN 60  ? 1_555 121.3 ? 
26 OD1 ? A ASP 58  ? A ASP 58  ? 1_555 CA ? C CA . ? A CA 150 ? 1_555 ND2 ? A ASN 60  ? A ASN 60  ? 1_555 65.6  ? 
27 OD1 ? A ASN 60  ? A ASN 60  ? 1_555 CA ? C CA . ? A CA 150 ? 1_555 ND2 ? A ASN 60  ? A ASN 60  ? 1_555 55.3  ? 
28 OD1 ? A ASP 56  ? A ASP 56  ? 1_555 CA ? C CA . ? A CA 150 ? 1_555 O   ? A THR 62  ? A THR 62  ? 1_555 75.5  ? 
29 OD1 ? A ASP 58  ? A ASP 58  ? 1_555 CA ? C CA . ? A CA 150 ? 1_555 O   ? A THR 62  ? A THR 62  ? 1_555 143.1 ? 
30 OD1 ? A ASN 60  ? A ASN 60  ? 1_555 CA ? C CA . ? A CA 150 ? 1_555 O   ? A THR 62  ? A THR 62  ? 1_555 64.0  ? 
31 ND2 ? A ASN 60  ? A ASN 60  ? 1_555 CA ? C CA . ? A CA 150 ? 1_555 O   ? A THR 62  ? A THR 62  ? 1_555 101.2 ? 
32 OD1 ? A ASP 56  ? A ASP 56  ? 1_555 CA ? C CA . ? A CA 150 ? 1_555 OE1 ? A GLU 67  ? A GLU 67  ? 1_555 87.1  ? 
33 OD1 ? A ASP 58  ? A ASP 58  ? 1_555 CA ? C CA . ? A CA 150 ? 1_555 OE1 ? A GLU 67  ? A GLU 67  ? 1_555 120.4 ? 
34 OD1 ? A ASN 60  ? A ASN 60  ? 1_555 CA ? C CA . ? A CA 150 ? 1_555 OE1 ? A GLU 67  ? A GLU 67  ? 1_555 148.7 ? 
35 ND2 ? A ASN 60  ? A ASN 60  ? 1_555 CA ? C CA . ? A CA 150 ? 1_555 OE1 ? A GLU 67  ? A GLU 67  ? 1_555 151.4 ? 
36 O   ? A THR 62  ? A THR 62  ? 1_555 CA ? C CA . ? A CA 150 ? 1_555 OE1 ? A GLU 67  ? A GLU 67  ? 1_555 88.2  ? 
37 OD1 ? A ASP 56  ? A ASP 56  ? 1_555 CA ? C CA . ? A CA 150 ? 1_555 OE2 ? A GLU 67  ? A GLU 67  ? 1_555 101.0 ? 
38 OD1 ? A ASP 58  ? A ASP 58  ? 1_555 CA ? C CA . ? A CA 150 ? 1_555 OE2 ? A GLU 67  ? A GLU 67  ? 1_555 68.1  ? 
39 OD1 ? A ASN 60  ? A ASN 60  ? 1_555 CA ? C CA . ? A CA 150 ? 1_555 OE2 ? A GLU 67  ? A GLU 67  ? 1_555 149.4 ? 
40 ND2 ? A ASN 60  ? A ASN 60  ? 1_555 CA ? C CA . ? A CA 150 ? 1_555 OE2 ? A GLU 67  ? A GLU 67  ? 1_555 109.7 ? 
41 O   ? A THR 62  ? A THR 62  ? 1_555 CA ? C CA . ? A CA 150 ? 1_555 OE2 ? A GLU 67  ? A GLU 67  ? 1_555 144.9 ? 
42 OE1 ? A GLU 67  ? A GLU 67  ? 1_555 CA ? C CA . ? A CA 150 ? 1_555 OE2 ? A GLU 67  ? A GLU 67  ? 1_555 56.7  ? 
43 OD1 ? A ASP 93  ? A ASP 93  ? 1_555 CA ? D CA . ? A CA 151 ? 1_555 OD1 ? A ASP 95  ? A ASP 95  ? 1_555 61.9  ? 
44 OD1 ? A ASP 93  ? A ASP 93  ? 1_555 CA ? D CA . ? A CA 151 ? 1_555 OD2 ? A ASP 95  ? A ASP 95  ? 1_555 110.1 ? 
45 OD1 ? A ASP 95  ? A ASP 95  ? 1_555 CA ? D CA . ? A CA 151 ? 1_555 OD2 ? A ASP 95  ? A ASP 95  ? 1_555 53.4  ? 
46 OD1 ? A ASP 93  ? A ASP 93  ? 1_555 CA ? D CA . ? A CA 151 ? 1_555 OD1 ? A ASN 97  ? A ASN 97  ? 1_555 84.9  ? 
47 OD1 ? A ASP 95  ? A ASP 95  ? 1_555 CA ? D CA . ? A CA 151 ? 1_555 OD1 ? A ASN 97  ? A ASN 97  ? 1_555 68.4  ? 
48 OD2 ? A ASP 95  ? A ASP 95  ? 1_555 CA ? D CA . ? A CA 151 ? 1_555 OD1 ? A ASN 97  ? A ASN 97  ? 1_555 93.6  ? 
49 OD1 ? A ASP 93  ? A ASP 93  ? 1_555 CA ? D CA . ? A CA 151 ? 1_555 O   ? A TYR 99  ? A TYR 99  ? 1_555 106.9 ? 
50 OD1 ? A ASP 95  ? A ASP 95  ? 1_555 CA ? D CA . ? A CA 151 ? 1_555 O   ? A TYR 99  ? A TYR 99  ? 1_555 149.2 ? 
51 OD2 ? A ASP 95  ? A ASP 95  ? 1_555 CA ? D CA . ? A CA 151 ? 1_555 O   ? A TYR 99  ? A TYR 99  ? 1_555 142.3 ? 
52 OD1 ? A ASN 97  ? A ASN 97  ? 1_555 CA ? D CA . ? A CA 151 ? 1_555 O   ? A TYR 99  ? A TYR 99  ? 1_555 82.5  ? 
53 OD1 ? A ASP 93  ? A ASP 93  ? 1_555 CA ? D CA . ? A CA 151 ? 1_555 OE1 ? A GLU 104 ? A GLU 104 ? 1_555 105.6 ? 
54 OD1 ? A ASP 95  ? A ASP 95  ? 1_555 CA ? D CA . ? A CA 151 ? 1_555 OE1 ? A GLU 104 ? A GLU 104 ? 1_555 140.5 ? 
55 OD2 ? A ASP 95  ? A ASP 95  ? 1_555 CA ? D CA . ? A CA 151 ? 1_555 OE1 ? A GLU 104 ? A GLU 104 ? 1_555 107.3 ? 
56 OD1 ? A ASN 97  ? A ASN 97  ? 1_555 CA ? D CA . ? A CA 151 ? 1_555 OE1 ? A GLU 104 ? A GLU 104 ? 1_555 151.0 ? 
57 O   ? A TYR 99  ? A TYR 99  ? 1_555 CA ? D CA . ? A CA 151 ? 1_555 OE1 ? A GLU 104 ? A GLU 104 ? 1_555 68.6  ? 
58 OD1 ? A ASP 93  ? A ASP 93  ? 1_555 CA ? D CA . ? A CA 151 ? 1_555 OE2 ? A GLU 104 ? A GLU 104 ? 1_555 80.0  ? 
59 OD1 ? A ASP 95  ? A ASP 95  ? 1_555 CA ? D CA . ? A CA 151 ? 1_555 OE2 ? A GLU 104 ? A GLU 104 ? 1_555 84.9  ? 
60 OD2 ? A ASP 95  ? A ASP 95  ? 1_555 CA ? D CA . ? A CA 151 ? 1_555 OE2 ? A GLU 104 ? A GLU 104 ? 1_555 71.4  ? 
61 OD1 ? A ASN 97  ? A ASN 97  ? 1_555 CA ? D CA . ? A CA 151 ? 1_555 OE2 ? A GLU 104 ? A GLU 104 ? 1_555 153.2 ? 
62 O   ? A TYR 99  ? A TYR 99  ? 1_555 CA ? D CA . ? A CA 151 ? 1_555 OE2 ? A GLU 104 ? A GLU 104 ? 1_555 123.0 ? 
63 OE1 ? A GLU 104 ? A GLU 104 ? 1_555 CA ? D CA . ? A CA 151 ? 1_555 OE2 ? A GLU 104 ? A GLU 104 ? 1_555 55.6  ? 
64 OD1 ? A ASP 129 ? A ASP 129 ? 1_555 CA ? E CA . ? A CA 152 ? 1_555 OD1 ? A ASP 131 ? A ASP 131 ? 1_555 75.4  ? 
65 OD1 ? A ASP 129 ? A ASP 129 ? 1_555 CA ? E CA . ? A CA 152 ? 1_555 OD1 ? A ASP 133 ? A ASP 133 ? 1_555 85.7  ? 
66 OD1 ? A ASP 131 ? A ASP 131 ? 1_555 CA ? E CA . ? A CA 152 ? 1_555 OD1 ? A ASP 133 ? A ASP 133 ? 1_555 74.9  ? 
67 OD1 ? A ASP 129 ? A ASP 129 ? 1_555 CA ? E CA . ? A CA 152 ? 1_555 O   ? A GLN 135 ? A GLN 135 ? 1_555 82.3  ? 
68 OD1 ? A ASP 131 ? A ASP 131 ? 1_555 CA ? E CA . ? A CA 152 ? 1_555 O   ? A GLN 135 ? A GLN 135 ? 1_555 149.1 ? 
69 OD1 ? A ASP 133 ? A ASP 133 ? 1_555 CA ? E CA . ? A CA 152 ? 1_555 O   ? A GLN 135 ? A GLN 135 ? 1_555 82.5  ? 
70 OD1 ? A ASP 129 ? A ASP 129 ? 1_555 CA ? E CA . ? A CA 152 ? 1_555 OE2 ? A GLU 140 ? A GLU 140 ? 1_555 82.9  ? 
71 OD1 ? A ASP 131 ? A ASP 131 ? 1_555 CA ? E CA . ? A CA 152 ? 1_555 OE2 ? A GLU 140 ? A GLU 140 ? 1_555 71.9  ? 
72 OD1 ? A ASP 133 ? A ASP 133 ? 1_555 CA ? E CA . ? A CA 152 ? 1_555 OE2 ? A GLU 140 ? A GLU 140 ? 1_555 146.7 ? 
73 O   ? A GLN 135 ? A GLN 135 ? 1_555 CA ? E CA . ? A CA 152 ? 1_555 OE2 ? A GLU 140 ? A GLU 140 ? 1_555 126.4 ? 
74 OD1 ? A ASP 129 ? A ASP 129 ? 1_555 CA ? E CA . ? A CA 152 ? 1_555 OE1 ? A GLU 140 ? A GLU 140 ? 1_555 114.3 ? 
75 OD1 ? A ASP 131 ? A ASP 131 ? 1_555 CA ? E CA . ? A CA 152 ? 1_555 OE1 ? A GLU 140 ? A GLU 140 ? 1_555 124.7 ? 
76 OD1 ? A ASP 133 ? A ASP 133 ? 1_555 CA ? E CA . ? A CA 152 ? 1_555 OE1 ? A GLU 140 ? A GLU 140 ? 1_555 153.9 ? 
77 O   ? A GLN 135 ? A GLN 135 ? 1_555 CA ? E CA . ? A CA 152 ? 1_555 OE1 ? A GLU 140 ? A GLU 140 ? 1_555 83.8  ? 
78 OE2 ? A GLU 140 ? A GLU 140 ? 1_555 CA ? E CA . ? A CA 152 ? 1_555 OE1 ? A GLU 140 ? A GLU 140 ? 1_555 57.0  ? 
# 
loop_
_pdbx_audit_revision_history.ordinal 
_pdbx_audit_revision_history.data_content_type 
_pdbx_audit_revision_history.major_revision 
_pdbx_audit_revision_history.minor_revision 
_pdbx_audit_revision_history.revision_date 
1 'Structure model' 1 0 2000-03-28 
2 'Structure model' 1 1 2011-05-08 
3 'Structure model' 1 2 2011-07-13 
4 'Structure model' 1 3 2017-07-05 
5 'Structure model' 1 4 2019-05-08 
6 'Structure model' 1 5 2023-12-13 
# 
_pdbx_audit_revision_details.ordinal             1 
_pdbx_audit_revision_details.revision_ordinal    1 
_pdbx_audit_revision_details.data_content_type   'Structure model' 
_pdbx_audit_revision_details.provider            repository 
_pdbx_audit_revision_details.type                'Initial release' 
_pdbx_audit_revision_details.description         ? 
_pdbx_audit_revision_details.details             ? 
# 
loop_
_pdbx_audit_revision_group.ordinal 
_pdbx_audit_revision_group.revision_ordinal 
_pdbx_audit_revision_group.data_content_type 
_pdbx_audit_revision_group.group 
1  2 'Structure model' 'Version format compliance' 
2  3 'Structure model' 'Version format compliance' 
3  4 'Structure model' 'Data collection'           
4  5 'Structure model' 'Data collection'           
5  5 'Structure model' 'Experimental preparation'  
6  6 'Structure model' 'Data collection'           
7  6 'Structure model' 'Database references'       
8  6 'Structure model' 'Derived calculations'      
9  6 'Structure model' Other                       
10 6 'Structure model' 'Refinement description'    
# 
loop_
_pdbx_audit_revision_category.ordinal 
_pdbx_audit_revision_category.revision_ordinal 
_pdbx_audit_revision_category.data_content_type 
_pdbx_audit_revision_category.category 
1  4 'Structure model' diffrn_source                 
2  5 'Structure model' database_PDB_rev              
3  5 'Structure model' database_PDB_rev_record       
4  5 'Structure model' exptl_crystal_grow            
5  6 'Structure model' chem_comp_atom                
6  6 'Structure model' chem_comp_bond                
7  6 'Structure model' database_2                    
8  6 'Structure model' pdbx_database_status          
9  6 'Structure model' pdbx_initial_refinement_model 
10 6 'Structure model' pdbx_struct_conn_angle        
11 6 'Structure model' struct_conn                   
12 6 'Structure model' struct_site                   
# 
loop_
_pdbx_audit_revision_item.ordinal 
_pdbx_audit_revision_item.revision_ordinal 
_pdbx_audit_revision_item.data_content_type 
_pdbx_audit_revision_item.item 
1  4 'Structure model' '_diffrn_source.type'                         
2  5 'Structure model' '_exptl_crystal_grow.method'                  
3  6 'Structure model' '_database_2.pdbx_DOI'                        
4  6 'Structure model' '_database_2.pdbx_database_accession'         
5  6 'Structure model' '_pdbx_database_status.status_code_sf'        
6  6 'Structure model' '_pdbx_struct_conn_angle.ptnr1_auth_comp_id'  
7  6 'Structure model' '_pdbx_struct_conn_angle.ptnr1_auth_seq_id'   
8  6 'Structure model' '_pdbx_struct_conn_angle.ptnr1_label_atom_id' 
9  6 'Structure model' '_pdbx_struct_conn_angle.ptnr1_label_comp_id' 
10 6 'Structure model' '_pdbx_struct_conn_angle.ptnr1_label_seq_id'  
11 6 'Structure model' '_pdbx_struct_conn_angle.ptnr3_auth_comp_id'  
12 6 'Structure model' '_pdbx_struct_conn_angle.ptnr3_auth_seq_id'   
13 6 'Structure model' '_pdbx_struct_conn_angle.ptnr3_label_atom_id' 
14 6 'Structure model' '_pdbx_struct_conn_angle.ptnr3_label_comp_id' 
15 6 'Structure model' '_pdbx_struct_conn_angle.ptnr3_label_seq_id'  
16 6 'Structure model' '_pdbx_struct_conn_angle.value'               
17 6 'Structure model' '_struct_conn.pdbx_dist_value'                
18 6 'Structure model' '_struct_conn.ptnr1_auth_comp_id'             
19 6 'Structure model' '_struct_conn.ptnr1_auth_seq_id'              
20 6 'Structure model' '_struct_conn.ptnr1_label_asym_id'            
21 6 'Structure model' '_struct_conn.ptnr1_label_atom_id'            
22 6 'Structure model' '_struct_conn.ptnr1_label_comp_id'            
23 6 'Structure model' '_struct_conn.ptnr1_label_seq_id'             
24 6 'Structure model' '_struct_conn.ptnr2_auth_comp_id'             
25 6 'Structure model' '_struct_conn.ptnr2_auth_seq_id'              
26 6 'Structure model' '_struct_conn.ptnr2_label_asym_id'            
27 6 'Structure model' '_struct_conn.ptnr2_label_atom_id'            
28 6 'Structure model' '_struct_conn.ptnr2_label_comp_id'            
29 6 'Structure model' '_struct_conn.ptnr2_label_seq_id'             
30 6 'Structure model' '_struct_site.pdbx_auth_asym_id'              
31 6 'Structure model' '_struct_site.pdbx_auth_comp_id'              
32 6 'Structure model' '_struct_site.pdbx_auth_seq_id'               
# 
loop_
_software.name 
_software.classification 
_software.version 
_software.citation_id 
_software.pdbx_ordinal 
X-PLOR    refinement       3.851 ? 1 
DENZO     'data reduction' .     ? 2 
SCALEPACK 'data scaling'   .     ? 3 
X-PLOR    phasing          3.851 ? 4 
# 
loop_
_pdbx_validate_torsion.id 
_pdbx_validate_torsion.PDB_model_num 
_pdbx_validate_torsion.auth_comp_id 
_pdbx_validate_torsion.auth_asym_id 
_pdbx_validate_torsion.auth_seq_id 
_pdbx_validate_torsion.PDB_ins_code 
_pdbx_validate_torsion.label_alt_id 
_pdbx_validate_torsion.phi 
_pdbx_validate_torsion.psi 
1 1 LEU A 39 ? ? -96.76 31.12  
2 1 ASP A 56 ? ? -67.82 78.56  
3 1 ASP A 80 ? ? -44.41 171.03 
4 1 ASP A 93 ? ? -62.30 74.07  
# 
loop_
_pdbx_unobs_or_zero_occ_atoms.id 
_pdbx_unobs_or_zero_occ_atoms.PDB_model_num 
_pdbx_unobs_or_zero_occ_atoms.polymer_flag 
_pdbx_unobs_or_zero_occ_atoms.occupancy_flag 
_pdbx_unobs_or_zero_occ_atoms.auth_asym_id 
_pdbx_unobs_or_zero_occ_atoms.auth_comp_id 
_pdbx_unobs_or_zero_occ_atoms.auth_seq_id 
_pdbx_unobs_or_zero_occ_atoms.PDB_ins_code 
_pdbx_unobs_or_zero_occ_atoms.auth_atom_id 
_pdbx_unobs_or_zero_occ_atoms.label_alt_id 
_pdbx_unobs_or_zero_occ_atoms.label_asym_id 
_pdbx_unobs_or_zero_occ_atoms.label_comp_id 
_pdbx_unobs_or_zero_occ_atoms.label_seq_id 
_pdbx_unobs_or_zero_occ_atoms.label_atom_id 
1  1 Y 1 A GLU 6   ? CG  ? A GLU 6   CG  
2  1 Y 1 A GLU 6   ? CD  ? A GLU 6   CD  
3  1 Y 1 A GLU 6   ? OE1 ? A GLU 6   OE1 
4  1 Y 1 A GLU 6   ? OE2 ? A GLU 6   OE2 
5  1 Y 1 A ARG 74  ? CG  ? A ARG 74  CG  
6  1 Y 1 A ARG 74  ? CD  ? A ARG 74  CD  
7  1 Y 1 A ARG 74  ? NE  ? A ARG 74  NE  
8  1 Y 1 A ARG 74  ? CZ  ? A ARG 74  CZ  
9  1 Y 1 A ARG 74  ? NH1 ? A ARG 74  NH1 
10 1 Y 1 A ARG 74  ? NH2 ? A ARG 74  NH2 
11 1 Y 1 A LYS 75  ? CG  ? A LYS 75  CG  
12 1 Y 1 A LYS 75  ? CD  ? A LYS 75  CD  
13 1 Y 1 A LYS 75  ? CE  ? A LYS 75  CE  
14 1 Y 1 A LYS 75  ? NZ  ? A LYS 75  NZ  
15 1 Y 1 A MET 76  ? CG  ? A MET 76  CG  
16 1 Y 1 A MET 76  ? SD  ? A MET 76  SD  
17 1 Y 1 A MET 76  ? CE  ? A MET 76  CE  
18 1 Y 1 A LYS 77  ? CG  ? A LYS 77  CG  
19 1 Y 1 A LYS 77  ? CD  ? A LYS 77  CD  
20 1 Y 1 A LYS 77  ? CE  ? A LYS 77  CE  
21 1 Y 1 A LYS 77  ? NZ  ? A LYS 77  NZ  
22 1 Y 1 A ASP 78  ? CG  ? A ASP 78  CG  
23 1 Y 1 A ASP 78  ? OD1 ? A ASP 78  OD1 
24 1 Y 1 A ASP 78  ? OD2 ? A ASP 78  OD2 
25 1 Y 1 A THR 79  ? CB  ? A THR 79  CB  
26 1 Y 1 A THR 79  ? OG1 ? A THR 79  OG1 
27 1 Y 1 A THR 79  ? CG2 ? A THR 79  CG2 
28 1 Y 1 A SER 81  ? OG  ? A SER 81  OG  
29 1 Y 1 A GLU 83  ? CD  ? A GLU 83  CD  
30 1 Y 1 A GLU 83  ? OE1 ? A GLU 83  OE1 
31 1 Y 1 A GLU 83  ? OE2 ? A GLU 83  OE2 
32 1 Y 1 A LYS 115 ? CG  ? A LYS 115 CG  
33 1 Y 1 A LYS 115 ? CD  ? A LYS 115 CD  
34 1 Y 1 A LYS 115 ? CE  ? A LYS 115 CE  
35 1 Y 1 A LYS 115 ? NZ  ? A LYS 115 NZ  
36 1 Y 1 A GLU 123 ? CG  ? A GLU 123 CG  
37 1 Y 1 A GLU 123 ? CD  ? A GLU 123 CD  
38 1 Y 1 A GLU 123 ? OE1 ? A GLU 123 OE1 
39 1 Y 1 A GLU 123 ? OE2 ? A GLU 123 OE2 
40 1 Y 1 A GLU 127 ? CD  ? A GLU 127 CD  
41 1 Y 1 A GLU 127 ? OE1 ? A GLU 127 OE1 
42 1 Y 1 A GLU 127 ? OE2 ? A GLU 127 OE2 
# 
loop_
_pdbx_unobs_or_zero_occ_residues.id 
_pdbx_unobs_or_zero_occ_residues.PDB_model_num 
_pdbx_unobs_or_zero_occ_residues.polymer_flag 
_pdbx_unobs_or_zero_occ_residues.occupancy_flag 
_pdbx_unobs_or_zero_occ_residues.auth_asym_id 
_pdbx_unobs_or_zero_occ_residues.auth_comp_id 
_pdbx_unobs_or_zero_occ_residues.auth_seq_id 
_pdbx_unobs_or_zero_occ_residues.PDB_ins_code 
_pdbx_unobs_or_zero_occ_residues.label_asym_id 
_pdbx_unobs_or_zero_occ_residues.label_comp_id 
_pdbx_unobs_or_zero_occ_residues.label_seq_id 
1 1 Y 1 A ALA 1   ? A ALA 1   
2 1 Y 1 A ASP 2   ? A ASP 2   
3 1 Y 1 A ALA 147 ? A ALA 147 
4 1 Y 1 A LYS 148 ? A LYS 148 
# 
loop_
_chem_comp_atom.comp_id 
_chem_comp_atom.atom_id 
_chem_comp_atom.type_symbol 
_chem_comp_atom.pdbx_aromatic_flag 
_chem_comp_atom.pdbx_stereo_config 
_chem_comp_atom.pdbx_ordinal 
ALA N    N  N N 1   
ALA CA   C  N S 2   
ALA C    C  N N 3   
ALA O    O  N N 4   
ALA CB   C  N N 5   
ALA OXT  O  N N 6   
ALA H    H  N N 7   
ALA H2   H  N N 8   
ALA HA   H  N N 9   
ALA HB1  H  N N 10  
ALA HB2  H  N N 11  
ALA HB3  H  N N 12  
ALA HXT  H  N N 13  
ARG N    N  N N 14  
ARG CA   C  N S 15  
ARG C    C  N N 16  
ARG O    O  N N 17  
ARG CB   C  N N 18  
ARG CG   C  N N 19  
ARG CD   C  N N 20  
ARG NE   N  N N 21  
ARG CZ   C  N N 22  
ARG NH1  N  N N 23  
ARG NH2  N  N N 24  
ARG OXT  O  N N 25  
ARG H    H  N N 26  
ARG H2   H  N N 27  
ARG HA   H  N N 28  
ARG HB2  H  N N 29  
ARG HB3  H  N N 30  
ARG HG2  H  N N 31  
ARG HG3  H  N N 32  
ARG HD2  H  N N 33  
ARG HD3  H  N N 34  
ARG HE   H  N N 35  
ARG HH11 H  N N 36  
ARG HH12 H  N N 37  
ARG HH21 H  N N 38  
ARG HH22 H  N N 39  
ARG HXT  H  N N 40  
ASN N    N  N N 41  
ASN CA   C  N S 42  
ASN C    C  N N 43  
ASN O    O  N N 44  
ASN CB   C  N N 45  
ASN CG   C  N N 46  
ASN OD1  O  N N 47  
ASN ND2  N  N N 48  
ASN OXT  O  N N 49  
ASN H    H  N N 50  
ASN H2   H  N N 51  
ASN HA   H  N N 52  
ASN HB2  H  N N 53  
ASN HB3  H  N N 54  
ASN HD21 H  N N 55  
ASN HD22 H  N N 56  
ASN HXT  H  N N 57  
ASP N    N  N N 58  
ASP CA   C  N S 59  
ASP C    C  N N 60  
ASP O    O  N N 61  
ASP CB   C  N N 62  
ASP CG   C  N N 63  
ASP OD1  O  N N 64  
ASP OD2  O  N N 65  
ASP OXT  O  N N 66  
ASP H    H  N N 67  
ASP H2   H  N N 68  
ASP HA   H  N N 69  
ASP HB2  H  N N 70  
ASP HB3  H  N N 71  
ASP HD2  H  N N 72  
ASP HXT  H  N N 73  
CA  CA   CA N N 74  
DPD C11  C  Y N 75  
DPD C12  C  Y N 76  
DPD C13  C  Y N 77  
DPD C14  C  Y N 78  
DPD C15  C  Y N 79  
DPD C16  C  Y N 80  
DPD C21  C  Y N 81  
DPD C22  C  Y N 82  
DPD C23  C  Y N 83  
DPD C24  C  Y N 84  
DPD C25  C  Y N 85  
DPD C26  C  Y N 86  
DPD C1   C  N N 87  
DPD C2   C  N N 88  
DPD C3   C  N N 89  
DPD N4   N  N N 90  
DPD C5   C  N N 91  
DPD C6   C  N N 92  
DPD C7   C  N N 93  
DPD N8   N  N N 94  
DPD C9   C  N R 95  
DPD C19  C  N N 96  
DPD C31  C  Y N 97  
DPD C32  C  Y N 98  
DPD C33  C  Y N 99  
DPD C34  C  Y N 100 
DPD C35  C  Y N 101 
DPD C36  C  Y N 102 
DPD O3   O  N N 103 
DPD C41  C  N N 104 
DPD C42  C  N N 105 
DPD C43  C  N N 106 
DPD C44  C  N N 107 
DPD O4   O  N N 108 
DPD C51  C  N N 109 
DPD C52  C  N N 110 
DPD C53  C  N N 111 
DPD C54  C  N N 112 
DPD H12  H  N N 113 
DPD H13  H  N N 114 
DPD H14  H  N N 115 
DPD H15  H  N N 116 
DPD H16  H  N N 117 
DPD H22  H  N N 118 
DPD H23  H  N N 119 
DPD H24  H  N N 120 
DPD H25  H  N N 121 
DPD H26  H  N N 122 
DPD H1   H  N N 123 
DPD H22A H  N N 124 
DPD H21  H  N N 125 
DPD H32A H  N N 126 
DPD H31  H  N N 127 
DPD H4   H  N N 128 
DPD H52  H  N N 129 
DPD H51  H  N N 130 
DPD H62  H  N N 131 
DPD H61  H  N N 132 
DPD H72  H  N N 133 
DPD H71  H  N N 134 
DPD H8   H  N N 135 
DPD H9   H  N N 136 
DPD H193 H  N N 137 
DPD H192 H  N N 138 
DPD H191 H  N N 139 
DPD H32  H  N N 140 
DPD H35  H  N N 141 
DPD H36  H  N N 142 
DPD H412 H  N N 143 
DPD H411 H  N N 144 
DPD H422 H  N N 145 
DPD H421 H  N N 146 
DPD H432 H  N N 147 
DPD H431 H  N N 148 
DPD H443 H  N N 149 
DPD H442 H  N N 150 
DPD H441 H  N N 151 
DPD H512 H  N N 152 
DPD H511 H  N N 153 
DPD H522 H  N N 154 
DPD H521 H  N N 155 
DPD H532 H  N N 156 
DPD H531 H  N N 157 
DPD H543 H  N N 158 
DPD H542 H  N N 159 
DPD H541 H  N N 160 
GLN N    N  N N 161 
GLN CA   C  N S 162 
GLN C    C  N N 163 
GLN O    O  N N 164 
GLN CB   C  N N 165 
GLN CG   C  N N 166 
GLN CD   C  N N 167 
GLN OE1  O  N N 168 
GLN NE2  N  N N 169 
GLN OXT  O  N N 170 
GLN H    H  N N 171 
GLN H2   H  N N 172 
GLN HA   H  N N 173 
GLN HB2  H  N N 174 
GLN HB3  H  N N 175 
GLN HG2  H  N N 176 
GLN HG3  H  N N 177 
GLN HE21 H  N N 178 
GLN HE22 H  N N 179 
GLN HXT  H  N N 180 
GLU N    N  N N 181 
GLU CA   C  N S 182 
GLU C    C  N N 183 
GLU O    O  N N 184 
GLU CB   C  N N 185 
GLU CG   C  N N 186 
GLU CD   C  N N 187 
GLU OE1  O  N N 188 
GLU OE2  O  N N 189 
GLU OXT  O  N N 190 
GLU H    H  N N 191 
GLU H2   H  N N 192 
GLU HA   H  N N 193 
GLU HB2  H  N N 194 
GLU HB3  H  N N 195 
GLU HG2  H  N N 196 
GLU HG3  H  N N 197 
GLU HE2  H  N N 198 
GLU HXT  H  N N 199 
GLY N    N  N N 200 
GLY CA   C  N N 201 
GLY C    C  N N 202 
GLY O    O  N N 203 
GLY OXT  O  N N 204 
GLY H    H  N N 205 
GLY H2   H  N N 206 
GLY HA2  H  N N 207 
GLY HA3  H  N N 208 
GLY HXT  H  N N 209 
HIS N    N  N N 210 
HIS CA   C  N S 211 
HIS C    C  N N 212 
HIS O    O  N N 213 
HIS CB   C  N N 214 
HIS CG   C  Y N 215 
HIS ND1  N  Y N 216 
HIS CD2  C  Y N 217 
HIS CE1  C  Y N 218 
HIS NE2  N  Y N 219 
HIS OXT  O  N N 220 
HIS H    H  N N 221 
HIS H2   H  N N 222 
HIS HA   H  N N 223 
HIS HB2  H  N N 224 
HIS HB3  H  N N 225 
HIS HD1  H  N N 226 
HIS HD2  H  N N 227 
HIS HE1  H  N N 228 
HIS HE2  H  N N 229 
HIS HXT  H  N N 230 
ILE N    N  N N 231 
ILE CA   C  N S 232 
ILE C    C  N N 233 
ILE O    O  N N 234 
ILE CB   C  N S 235 
ILE CG1  C  N N 236 
ILE CG2  C  N N 237 
ILE CD1  C  N N 238 
ILE OXT  O  N N 239 
ILE H    H  N N 240 
ILE H2   H  N N 241 
ILE HA   H  N N 242 
ILE HB   H  N N 243 
ILE HG12 H  N N 244 
ILE HG13 H  N N 245 
ILE HG21 H  N N 246 
ILE HG22 H  N N 247 
ILE HG23 H  N N 248 
ILE HD11 H  N N 249 
ILE HD12 H  N N 250 
ILE HD13 H  N N 251 
ILE HXT  H  N N 252 
LEU N    N  N N 253 
LEU CA   C  N S 254 
LEU C    C  N N 255 
LEU O    O  N N 256 
LEU CB   C  N N 257 
LEU CG   C  N N 258 
LEU CD1  C  N N 259 
LEU CD2  C  N N 260 
LEU OXT  O  N N 261 
LEU H    H  N N 262 
LEU H2   H  N N 263 
LEU HA   H  N N 264 
LEU HB2  H  N N 265 
LEU HB3  H  N N 266 
LEU HG   H  N N 267 
LEU HD11 H  N N 268 
LEU HD12 H  N N 269 
LEU HD13 H  N N 270 
LEU HD21 H  N N 271 
LEU HD22 H  N N 272 
LEU HD23 H  N N 273 
LEU HXT  H  N N 274 
LYS N    N  N N 275 
LYS CA   C  N S 276 
LYS C    C  N N 277 
LYS O    O  N N 278 
LYS CB   C  N N 279 
LYS CG   C  N N 280 
LYS CD   C  N N 281 
LYS CE   C  N N 282 
LYS NZ   N  N N 283 
LYS OXT  O  N N 284 
LYS H    H  N N 285 
LYS H2   H  N N 286 
LYS HA   H  N N 287 
LYS HB2  H  N N 288 
LYS HB3  H  N N 289 
LYS HG2  H  N N 290 
LYS HG3  H  N N 291 
LYS HD2  H  N N 292 
LYS HD3  H  N N 293 
LYS HE2  H  N N 294 
LYS HE3  H  N N 295 
LYS HZ1  H  N N 296 
LYS HZ2  H  N N 297 
LYS HZ3  H  N N 298 
LYS HXT  H  N N 299 
MET N    N  N N 300 
MET CA   C  N S 301 
MET C    C  N N 302 
MET O    O  N N 303 
MET CB   C  N N 304 
MET CG   C  N N 305 
MET SD   S  N N 306 
MET CE   C  N N 307 
MET OXT  O  N N 308 
MET H    H  N N 309 
MET H2   H  N N 310 
MET HA   H  N N 311 
MET HB2  H  N N 312 
MET HB3  H  N N 313 
MET HG2  H  N N 314 
MET HG3  H  N N 315 
MET HE1  H  N N 316 
MET HE2  H  N N 317 
MET HE3  H  N N 318 
MET HXT  H  N N 319 
PHE N    N  N N 320 
PHE CA   C  N S 321 
PHE C    C  N N 322 
PHE O    O  N N 323 
PHE CB   C  N N 324 
PHE CG   C  Y N 325 
PHE CD1  C  Y N 326 
PHE CD2  C  Y N 327 
PHE CE1  C  Y N 328 
PHE CE2  C  Y N 329 
PHE CZ   C  Y N 330 
PHE OXT  O  N N 331 
PHE H    H  N N 332 
PHE H2   H  N N 333 
PHE HA   H  N N 334 
PHE HB2  H  N N 335 
PHE HB3  H  N N 336 
PHE HD1  H  N N 337 
PHE HD2  H  N N 338 
PHE HE1  H  N N 339 
PHE HE2  H  N N 340 
PHE HZ   H  N N 341 
PHE HXT  H  N N 342 
PRO N    N  N N 343 
PRO CA   C  N S 344 
PRO C    C  N N 345 
PRO O    O  N N 346 
PRO CB   C  N N 347 
PRO CG   C  N N 348 
PRO CD   C  N N 349 
PRO OXT  O  N N 350 
PRO H    H  N N 351 
PRO HA   H  N N 352 
PRO HB2  H  N N 353 
PRO HB3  H  N N 354 
PRO HG2  H  N N 355 
PRO HG3  H  N N 356 
PRO HD2  H  N N 357 
PRO HD3  H  N N 358 
PRO HXT  H  N N 359 
SER N    N  N N 360 
SER CA   C  N S 361 
SER C    C  N N 362 
SER O    O  N N 363 
SER CB   C  N N 364 
SER OG   O  N N 365 
SER OXT  O  N N 366 
SER H    H  N N 367 
SER H2   H  N N 368 
SER HA   H  N N 369 
SER HB2  H  N N 370 
SER HB3  H  N N 371 
SER HG   H  N N 372 
SER HXT  H  N N 373 
THR N    N  N N 374 
THR CA   C  N S 375 
THR C    C  N N 376 
THR O    O  N N 377 
THR CB   C  N R 378 
THR OG1  O  N N 379 
THR CG2  C  N N 380 
THR OXT  O  N N 381 
THR H    H  N N 382 
THR H2   H  N N 383 
THR HA   H  N N 384 
THR HB   H  N N 385 
THR HG1  H  N N 386 
THR HG21 H  N N 387 
THR HG22 H  N N 388 
THR HG23 H  N N 389 
THR HXT  H  N N 390 
TYR N    N  N N 391 
TYR CA   C  N S 392 
TYR C    C  N N 393 
TYR O    O  N N 394 
TYR CB   C  N N 395 
TYR CG   C  Y N 396 
TYR CD1  C  Y N 397 
TYR CD2  C  Y N 398 
TYR CE1  C  Y N 399 
TYR CE2  C  Y N 400 
TYR CZ   C  Y N 401 
TYR OH   O  N N 402 
TYR OXT  O  N N 403 
TYR H    H  N N 404 
TYR H2   H  N N 405 
TYR HA   H  N N 406 
TYR HB2  H  N N 407 
TYR HB3  H  N N 408 
TYR HD1  H  N N 409 
TYR HD2  H  N N 410 
TYR HE1  H  N N 411 
TYR HE2  H  N N 412 
TYR HH   H  N N 413 
TYR HXT  H  N N 414 
VAL N    N  N N 415 
VAL CA   C  N S 416 
VAL C    C  N N 417 
VAL O    O  N N 418 
VAL CB   C  N N 419 
VAL CG1  C  N N 420 
VAL CG2  C  N N 421 
VAL OXT  O  N N 422 
VAL H    H  N N 423 
VAL H2   H  N N 424 
VAL HA   H  N N 425 
VAL HB   H  N N 426 
VAL HG11 H  N N 427 
VAL HG12 H  N N 428 
VAL HG13 H  N N 429 
VAL HG21 H  N N 430 
VAL HG22 H  N N 431 
VAL HG23 H  N N 432 
VAL HXT  H  N N 433 
# 
loop_
_chem_comp_bond.comp_id 
_chem_comp_bond.atom_id_1 
_chem_comp_bond.atom_id_2 
_chem_comp_bond.value_order 
_chem_comp_bond.pdbx_aromatic_flag 
_chem_comp_bond.pdbx_stereo_config 
_chem_comp_bond.pdbx_ordinal 
ALA N   CA   sing N N 1   
ALA N   H    sing N N 2   
ALA N   H2   sing N N 3   
ALA CA  C    sing N N 4   
ALA CA  CB   sing N N 5   
ALA CA  HA   sing N N 6   
ALA C   O    doub N N 7   
ALA C   OXT  sing N N 8   
ALA CB  HB1  sing N N 9   
ALA CB  HB2  sing N N 10  
ALA CB  HB3  sing N N 11  
ALA OXT HXT  sing N N 12  
ARG N   CA   sing N N 13  
ARG N   H    sing N N 14  
ARG N   H2   sing N N 15  
ARG CA  C    sing N N 16  
ARG CA  CB   sing N N 17  
ARG CA  HA   sing N N 18  
ARG C   O    doub N N 19  
ARG C   OXT  sing N N 20  
ARG CB  CG   sing N N 21  
ARG CB  HB2  sing N N 22  
ARG CB  HB3  sing N N 23  
ARG CG  CD   sing N N 24  
ARG CG  HG2  sing N N 25  
ARG CG  HG3  sing N N 26  
ARG CD  NE   sing N N 27  
ARG CD  HD2  sing N N 28  
ARG CD  HD3  sing N N 29  
ARG NE  CZ   sing N N 30  
ARG NE  HE   sing N N 31  
ARG CZ  NH1  sing N N 32  
ARG CZ  NH2  doub N N 33  
ARG NH1 HH11 sing N N 34  
ARG NH1 HH12 sing N N 35  
ARG NH2 HH21 sing N N 36  
ARG NH2 HH22 sing N N 37  
ARG OXT HXT  sing N N 38  
ASN N   CA   sing N N 39  
ASN N   H    sing N N 40  
ASN N   H2   sing N N 41  
ASN CA  C    sing N N 42  
ASN CA  CB   sing N N 43  
ASN CA  HA   sing N N 44  
ASN C   O    doub N N 45  
ASN C   OXT  sing N N 46  
ASN CB  CG   sing N N 47  
ASN CB  HB2  sing N N 48  
ASN CB  HB3  sing N N 49  
ASN CG  OD1  doub N N 50  
ASN CG  ND2  sing N N 51  
ASN ND2 HD21 sing N N 52  
ASN ND2 HD22 sing N N 53  
ASN OXT HXT  sing N N 54  
ASP N   CA   sing N N 55  
ASP N   H    sing N N 56  
ASP N   H2   sing N N 57  
ASP CA  C    sing N N 58  
ASP CA  CB   sing N N 59  
ASP CA  HA   sing N N 60  
ASP C   O    doub N N 61  
ASP C   OXT  sing N N 62  
ASP CB  CG   sing N N 63  
ASP CB  HB2  sing N N 64  
ASP CB  HB3  sing N N 65  
ASP CG  OD1  doub N N 66  
ASP CG  OD2  sing N N 67  
ASP OD2 HD2  sing N N 68  
ASP OXT HXT  sing N N 69  
DPD C11 C12  doub Y N 70  
DPD C11 C16  sing Y N 71  
DPD C11 C1   sing N N 72  
DPD C12 C13  sing Y N 73  
DPD C12 H12  sing N N 74  
DPD C13 C14  doub Y N 75  
DPD C13 H13  sing N N 76  
DPD C14 C15  sing Y N 77  
DPD C14 H14  sing N N 78  
DPD C15 C16  doub Y N 79  
DPD C15 H15  sing N N 80  
DPD C16 H16  sing N N 81  
DPD C21 C22  doub Y N 82  
DPD C21 C26  sing Y N 83  
DPD C21 C1   sing N N 84  
DPD C22 C23  sing Y N 85  
DPD C22 H22  sing N N 86  
DPD C23 C24  doub Y N 87  
DPD C23 H23  sing N N 88  
DPD C24 C25  sing Y N 89  
DPD C24 H24  sing N N 90  
DPD C25 C26  doub Y N 91  
DPD C25 H25  sing N N 92  
DPD C26 H26  sing N N 93  
DPD C1  C2   sing N N 94  
DPD C1  H1   sing N N 95  
DPD C2  C3   sing N N 96  
DPD C2  H22A sing N N 97  
DPD C2  H21  sing N N 98  
DPD C3  N4   sing N N 99  
DPD C3  H32A sing N N 100 
DPD C3  H31  sing N N 101 
DPD N4  C5   sing N N 102 
DPD N4  H4   sing N N 103 
DPD C5  C6   sing N N 104 
DPD C5  H52  sing N N 105 
DPD C5  H51  sing N N 106 
DPD C6  C7   sing N N 107 
DPD C6  H62  sing N N 108 
DPD C6  H61  sing N N 109 
DPD C7  N8   sing N N 110 
DPD C7  H72  sing N N 111 
DPD C7  H71  sing N N 112 
DPD N8  C9   sing N N 113 
DPD N8  H8   sing N N 114 
DPD C9  C19  sing N N 115 
DPD C9  C31  sing N N 116 
DPD C9  H9   sing N N 117 
DPD C19 H193 sing N N 118 
DPD C19 H192 sing N N 119 
DPD C19 H191 sing N N 120 
DPD C31 C32  doub Y N 121 
DPD C31 C36  sing Y N 122 
DPD C32 C33  sing Y N 123 
DPD C32 H32  sing N N 124 
DPD C33 C34  doub Y N 125 
DPD C33 O3   sing N N 126 
DPD C34 C35  sing Y N 127 
DPD C34 O4   sing N N 128 
DPD C35 C36  doub Y N 129 
DPD C35 H35  sing N N 130 
DPD C36 H36  sing N N 131 
DPD O3  C41  sing N N 132 
DPD C41 C42  sing N N 133 
DPD C41 H412 sing N N 134 
DPD C41 H411 sing N N 135 
DPD C42 C43  sing N N 136 
DPD C42 H422 sing N N 137 
DPD C42 H421 sing N N 138 
DPD C43 C44  sing N N 139 
DPD C43 H432 sing N N 140 
DPD C43 H431 sing N N 141 
DPD C44 H443 sing N N 142 
DPD C44 H442 sing N N 143 
DPD C44 H441 sing N N 144 
DPD O4  C51  sing N N 145 
DPD C51 C52  sing N N 146 
DPD C51 H512 sing N N 147 
DPD C51 H511 sing N N 148 
DPD C52 C53  sing N N 149 
DPD C52 H522 sing N N 150 
DPD C52 H521 sing N N 151 
DPD C53 C54  sing N N 152 
DPD C53 H532 sing N N 153 
DPD C53 H531 sing N N 154 
DPD C54 H543 sing N N 155 
DPD C54 H542 sing N N 156 
DPD C54 H541 sing N N 157 
GLN N   CA   sing N N 158 
GLN N   H    sing N N 159 
GLN N   H2   sing N N 160 
GLN CA  C    sing N N 161 
GLN CA  CB   sing N N 162 
GLN CA  HA   sing N N 163 
GLN C   O    doub N N 164 
GLN C   OXT  sing N N 165 
GLN CB  CG   sing N N 166 
GLN CB  HB2  sing N N 167 
GLN CB  HB3  sing N N 168 
GLN CG  CD   sing N N 169 
GLN CG  HG2  sing N N 170 
GLN CG  HG3  sing N N 171 
GLN CD  OE1  doub N N 172 
GLN CD  NE2  sing N N 173 
GLN NE2 HE21 sing N N 174 
GLN NE2 HE22 sing N N 175 
GLN OXT HXT  sing N N 176 
GLU N   CA   sing N N 177 
GLU N   H    sing N N 178 
GLU N   H2   sing N N 179 
GLU CA  C    sing N N 180 
GLU CA  CB   sing N N 181 
GLU CA  HA   sing N N 182 
GLU C   O    doub N N 183 
GLU C   OXT  sing N N 184 
GLU CB  CG   sing N N 185 
GLU CB  HB2  sing N N 186 
GLU CB  HB3  sing N N 187 
GLU CG  CD   sing N N 188 
GLU CG  HG2  sing N N 189 
GLU CG  HG3  sing N N 190 
GLU CD  OE1  doub N N 191 
GLU CD  OE2  sing N N 192 
GLU OE2 HE2  sing N N 193 
GLU OXT HXT  sing N N 194 
GLY N   CA   sing N N 195 
GLY N   H    sing N N 196 
GLY N   H2   sing N N 197 
GLY CA  C    sing N N 198 
GLY CA  HA2  sing N N 199 
GLY CA  HA3  sing N N 200 
GLY C   O    doub N N 201 
GLY C   OXT  sing N N 202 
GLY OXT HXT  sing N N 203 
HIS N   CA   sing N N 204 
HIS N   H    sing N N 205 
HIS N   H2   sing N N 206 
HIS CA  C    sing N N 207 
HIS CA  CB   sing N N 208 
HIS CA  HA   sing N N 209 
HIS C   O    doub N N 210 
HIS C   OXT  sing N N 211 
HIS CB  CG   sing N N 212 
HIS CB  HB2  sing N N 213 
HIS CB  HB3  sing N N 214 
HIS CG  ND1  sing Y N 215 
HIS CG  CD2  doub Y N 216 
HIS ND1 CE1  doub Y N 217 
HIS ND1 HD1  sing N N 218 
HIS CD2 NE2  sing Y N 219 
HIS CD2 HD2  sing N N 220 
HIS CE1 NE2  sing Y N 221 
HIS CE1 HE1  sing N N 222 
HIS NE2 HE2  sing N N 223 
HIS OXT HXT  sing N N 224 
ILE N   CA   sing N N 225 
ILE N   H    sing N N 226 
ILE N   H2   sing N N 227 
ILE CA  C    sing N N 228 
ILE CA  CB   sing N N 229 
ILE CA  HA   sing N N 230 
ILE C   O    doub N N 231 
ILE C   OXT  sing N N 232 
ILE CB  CG1  sing N N 233 
ILE CB  CG2  sing N N 234 
ILE CB  HB   sing N N 235 
ILE CG1 CD1  sing N N 236 
ILE CG1 HG12 sing N N 237 
ILE CG1 HG13 sing N N 238 
ILE CG2 HG21 sing N N 239 
ILE CG2 HG22 sing N N 240 
ILE CG2 HG23 sing N N 241 
ILE CD1 HD11 sing N N 242 
ILE CD1 HD12 sing N N 243 
ILE CD1 HD13 sing N N 244 
ILE OXT HXT  sing N N 245 
LEU N   CA   sing N N 246 
LEU N   H    sing N N 247 
LEU N   H2   sing N N 248 
LEU CA  C    sing N N 249 
LEU CA  CB   sing N N 250 
LEU CA  HA   sing N N 251 
LEU C   O    doub N N 252 
LEU C   OXT  sing N N 253 
LEU CB  CG   sing N N 254 
LEU CB  HB2  sing N N 255 
LEU CB  HB3  sing N N 256 
LEU CG  CD1  sing N N 257 
LEU CG  CD2  sing N N 258 
LEU CG  HG   sing N N 259 
LEU CD1 HD11 sing N N 260 
LEU CD1 HD12 sing N N 261 
LEU CD1 HD13 sing N N 262 
LEU CD2 HD21 sing N N 263 
LEU CD2 HD22 sing N N 264 
LEU CD2 HD23 sing N N 265 
LEU OXT HXT  sing N N 266 
LYS N   CA   sing N N 267 
LYS N   H    sing N N 268 
LYS N   H2   sing N N 269 
LYS CA  C    sing N N 270 
LYS CA  CB   sing N N 271 
LYS CA  HA   sing N N 272 
LYS C   O    doub N N 273 
LYS C   OXT  sing N N 274 
LYS CB  CG   sing N N 275 
LYS CB  HB2  sing N N 276 
LYS CB  HB3  sing N N 277 
LYS CG  CD   sing N N 278 
LYS CG  HG2  sing N N 279 
LYS CG  HG3  sing N N 280 
LYS CD  CE   sing N N 281 
LYS CD  HD2  sing N N 282 
LYS CD  HD3  sing N N 283 
LYS CE  NZ   sing N N 284 
LYS CE  HE2  sing N N 285 
LYS CE  HE3  sing N N 286 
LYS NZ  HZ1  sing N N 287 
LYS NZ  HZ2  sing N N 288 
LYS NZ  HZ3  sing N N 289 
LYS OXT HXT  sing N N 290 
MET N   CA   sing N N 291 
MET N   H    sing N N 292 
MET N   H2   sing N N 293 
MET CA  C    sing N N 294 
MET CA  CB   sing N N 295 
MET CA  HA   sing N N 296 
MET C   O    doub N N 297 
MET C   OXT  sing N N 298 
MET CB  CG   sing N N 299 
MET CB  HB2  sing N N 300 
MET CB  HB3  sing N N 301 
MET CG  SD   sing N N 302 
MET CG  HG2  sing N N 303 
MET CG  HG3  sing N N 304 
MET SD  CE   sing N N 305 
MET CE  HE1  sing N N 306 
MET CE  HE2  sing N N 307 
MET CE  HE3  sing N N 308 
MET OXT HXT  sing N N 309 
PHE N   CA   sing N N 310 
PHE N   H    sing N N 311 
PHE N   H2   sing N N 312 
PHE CA  C    sing N N 313 
PHE CA  CB   sing N N 314 
PHE CA  HA   sing N N 315 
PHE C   O    doub N N 316 
PHE C   OXT  sing N N 317 
PHE CB  CG   sing N N 318 
PHE CB  HB2  sing N N 319 
PHE CB  HB3  sing N N 320 
PHE CG  CD1  doub Y N 321 
PHE CG  CD2  sing Y N 322 
PHE CD1 CE1  sing Y N 323 
PHE CD1 HD1  sing N N 324 
PHE CD2 CE2  doub Y N 325 
PHE CD2 HD2  sing N N 326 
PHE CE1 CZ   doub Y N 327 
PHE CE1 HE1  sing N N 328 
PHE CE2 CZ   sing Y N 329 
PHE CE2 HE2  sing N N 330 
PHE CZ  HZ   sing N N 331 
PHE OXT HXT  sing N N 332 
PRO N   CA   sing N N 333 
PRO N   CD   sing N N 334 
PRO N   H    sing N N 335 
PRO CA  C    sing N N 336 
PRO CA  CB   sing N N 337 
PRO CA  HA   sing N N 338 
PRO C   O    doub N N 339 
PRO C   OXT  sing N N 340 
PRO CB  CG   sing N N 341 
PRO CB  HB2  sing N N 342 
PRO CB  HB3  sing N N 343 
PRO CG  CD   sing N N 344 
PRO CG  HG2  sing N N 345 
PRO CG  HG3  sing N N 346 
PRO CD  HD2  sing N N 347 
PRO CD  HD3  sing N N 348 
PRO OXT HXT  sing N N 349 
SER N   CA   sing N N 350 
SER N   H    sing N N 351 
SER N   H2   sing N N 352 
SER CA  C    sing N N 353 
SER CA  CB   sing N N 354 
SER CA  HA   sing N N 355 
SER C   O    doub N N 356 
SER C   OXT  sing N N 357 
SER CB  OG   sing N N 358 
SER CB  HB2  sing N N 359 
SER CB  HB3  sing N N 360 
SER OG  HG   sing N N 361 
SER OXT HXT  sing N N 362 
THR N   CA   sing N N 363 
THR N   H    sing N N 364 
THR N   H2   sing N N 365 
THR CA  C    sing N N 366 
THR CA  CB   sing N N 367 
THR CA  HA   sing N N 368 
THR C   O    doub N N 369 
THR C   OXT  sing N N 370 
THR CB  OG1  sing N N 371 
THR CB  CG2  sing N N 372 
THR CB  HB   sing N N 373 
THR OG1 HG1  sing N N 374 
THR CG2 HG21 sing N N 375 
THR CG2 HG22 sing N N 376 
THR CG2 HG23 sing N N 377 
THR OXT HXT  sing N N 378 
TYR N   CA   sing N N 379 
TYR N   H    sing N N 380 
TYR N   H2   sing N N 381 
TYR CA  C    sing N N 382 
TYR CA  CB   sing N N 383 
TYR CA  HA   sing N N 384 
TYR C   O    doub N N 385 
TYR C   OXT  sing N N 386 
TYR CB  CG   sing N N 387 
TYR CB  HB2  sing N N 388 
TYR CB  HB3  sing N N 389 
TYR CG  CD1  doub Y N 390 
TYR CG  CD2  sing Y N 391 
TYR CD1 CE1  sing Y N 392 
TYR CD1 HD1  sing N N 393 
TYR CD2 CE2  doub Y N 394 
TYR CD2 HD2  sing N N 395 
TYR CE1 CZ   doub Y N 396 
TYR CE1 HE1  sing N N 397 
TYR CE2 CZ   sing Y N 398 
TYR CE2 HE2  sing N N 399 
TYR CZ  OH   sing N N 400 
TYR OH  HH   sing N N 401 
TYR OXT HXT  sing N N 402 
VAL N   CA   sing N N 403 
VAL N   H    sing N N 404 
VAL N   H2   sing N N 405 
VAL CA  C    sing N N 406 
VAL CA  CB   sing N N 407 
VAL CA  HA   sing N N 408 
VAL C   O    doub N N 409 
VAL C   OXT  sing N N 410 
VAL CB  CG1  sing N N 411 
VAL CB  CG2  sing N N 412 
VAL CB  HB   sing N N 413 
VAL CG1 HG11 sing N N 414 
VAL CG1 HG12 sing N N 415 
VAL CG1 HG13 sing N N 416 
VAL CG2 HG21 sing N N 417 
VAL CG2 HG22 sing N N 418 
VAL CG2 HG23 sing N N 419 
VAL OXT HXT  sing N N 420 
# 
loop_
_pdbx_entity_nonpoly.entity_id 
_pdbx_entity_nonpoly.name 
_pdbx_entity_nonpoly.comp_id 
2 'CALCIUM ION'                                                                      CA  
3 
;N-(3,3,-DIPHENYLPROPYL)-N'-[1-R-(2 3,4-BIS-BUTOXYPHENYL)-ETHYL]-PROPYLENEDIAMINE
;
DPD 
# 
_pdbx_initial_refinement_model.id               1 
_pdbx_initial_refinement_model.entity_id_list   ? 
_pdbx_initial_refinement_model.type             'experimental model' 
_pdbx_initial_refinement_model.source_name      PDB 
_pdbx_initial_refinement_model.accession_code   1LIN 
_pdbx_initial_refinement_model.details          'PDB ENTRY 1LIN' 
# 
